data_8OQ7
#
_entry.id   8OQ7
#
_cell.length_a   1.00
_cell.length_b   1.00
_cell.length_c   1.00
_cell.angle_alpha   90.00
_cell.angle_beta   90.00
_cell.angle_gamma   90.00
#
_symmetry.space_group_name_H-M   'P 1'
#
loop_
_entity.id
_entity.type
_entity.pdbx_description
1 polymer 'Gamma-aminobutyric acid receptor subunit rho-1'
2 non-polymer 'methyl(1,2,3,6-tetrahydropyridin-4-yl)phosphinic acid'
3 non-polymer 2-acetamido-2-deoxy-beta-D-glucopyranose
4 non-polymer HEXANE
5 non-polymer N-OCTANE
6 non-polymer DODECANE
7 non-polymer DECANE
8 non-polymer 'CHLORIDE ION'
9 water water
#
_entity_poly.entity_id   1
_entity_poly.type   'polypeptide(L)'
_entity_poly.pdbx_seq_one_letter_code
;MLAVPNMRFGIFLLWWGWVLATESRMHWPGREVHEMSKKGRPQRQRREVHEDAHKQVSPILRRSPDITKSPLTKSEQLLR
IDDHDFSMRPGFGGPAIPVGVDVQVESLDSISEVDMDFTMTLYLRHYWKDERLSFPSTNNLSMTFDGRLVKKIWVPDMFF
VHSKRSFIHDTTTDNVMLRVQPDGKVLYSLRVTVTAMCNMDFSRFPLDTQTCSLEIESYAYTEDDLMLYWKKGNDSLKTD
ERISLSQFLIQEFHTTTKLAFYSSTGWYNRLYINFTLRRHIFFFLLQTYFPATLMVMLSWVSFWIDRRAVPARVPLGITT
VLTMSTIITGVNASMPRVSYIKAVDIYLWVSFVFVFLSVLEYAAVNYLTTVQERKEQKLREKLPCTSGLPPPRTAMLDGN
YSDGEVNDLDNYMPENGEKPDRMMVQLTLASERSSPQRKSQRSSYVSMRIDTHAIDKYSRIIFPAAYILFNLIYWSIFS
;
_entity_poly.pdbx_strand_id   A,B,C,D,E
#
# COMPACT_ATOMS: atom_id res chain seq x y z
N LYS A 74 37.94 29.69 23.63
CA LYS A 74 36.93 28.65 23.52
C LYS A 74 35.78 28.90 24.48
N SER A 75 34.55 28.91 23.95
CA SER A 75 33.38 29.18 24.77
C SER A 75 33.11 28.04 25.76
N GLU A 76 33.51 26.82 25.43
CA GLU A 76 33.29 25.69 26.32
C GLU A 76 34.24 25.70 27.51
N GLN A 77 35.23 26.60 27.54
CA GLN A 77 36.08 26.78 28.71
C GLN A 77 35.54 27.82 29.67
N LEU A 78 34.55 28.62 29.25
CA LEU A 78 33.88 29.50 30.19
C LEU A 78 33.01 28.71 31.15
N LEU A 79 32.44 27.60 30.69
CA LEU A 79 31.81 26.63 31.56
C LEU A 79 32.85 25.58 31.95
N ARG A 80 33.02 25.37 33.25
CA ARG A 80 34.03 24.44 33.74
C ARG A 80 33.51 23.02 33.53
N ILE A 81 33.59 22.58 32.27
CA ILE A 81 33.01 21.30 31.90
C ILE A 81 33.72 20.15 32.60
N ASP A 82 35.04 20.20 32.66
CA ASP A 82 35.83 19.11 33.21
C ASP A 82 35.94 19.16 34.73
N ASP A 83 35.36 20.18 35.37
CA ASP A 83 35.41 20.33 36.82
C ASP A 83 34.19 19.76 37.53
N HIS A 84 33.26 19.14 36.81
CA HIS A 84 32.03 18.64 37.42
C HIS A 84 31.67 17.29 36.82
N ASP A 85 31.00 16.48 37.62
CA ASP A 85 30.45 15.19 37.19
C ASP A 85 29.04 15.44 36.67
N PHE A 86 28.87 15.40 35.35
CA PHE A 86 27.57 15.62 34.72
C PHE A 86 26.81 14.33 34.46
N SER A 87 27.17 13.24 35.16
CA SER A 87 26.35 12.05 35.19
C SER A 87 25.34 12.06 36.32
N MET A 88 25.41 13.03 37.23
CA MET A 88 24.42 13.19 38.30
C MET A 88 23.61 14.47 38.09
N ARG A 89 22.42 14.49 38.64
CA ARG A 89 21.48 15.58 38.47
C ARG A 89 21.87 16.80 39.30
N PRO A 90 21.43 17.99 38.93
CA PRO A 90 21.61 19.14 39.82
C PRO A 90 20.84 18.94 41.12
N GLY A 91 21.44 19.36 42.23
CA GLY A 91 20.80 19.18 43.52
C GLY A 91 20.83 17.77 44.06
N PHE A 92 21.73 16.92 43.55
CA PHE A 92 21.79 15.52 43.94
C PHE A 92 21.93 15.37 45.45
N GLY A 93 21.15 14.46 46.03
CA GLY A 93 21.15 14.21 47.46
C GLY A 93 20.13 15.02 48.23
N GLY A 94 19.47 15.98 47.60
CA GLY A 94 18.51 16.83 48.27
C GLY A 94 17.14 16.79 47.64
N PRO A 95 16.41 17.89 47.74
CA PRO A 95 15.06 17.96 47.14
C PRO A 95 15.11 17.83 45.62
N ALA A 96 13.99 17.37 45.07
CA ALA A 96 13.86 17.16 43.63
C ALA A 96 13.98 18.49 42.88
N ILE A 97 14.50 18.42 41.66
CA ILE A 97 14.68 19.60 40.82
C ILE A 97 13.43 19.78 39.95
N PRO A 98 12.78 20.95 39.98
CA PRO A 98 11.62 21.16 39.11
C PRO A 98 12.01 21.43 37.67
N VAL A 99 11.24 20.86 36.75
CA VAL A 99 11.44 21.02 35.31
C VAL A 99 10.12 21.43 34.67
N GLY A 100 10.09 22.60 34.04
CA GLY A 100 8.90 23.10 33.37
C GLY A 100 8.91 22.83 31.87
N VAL A 101 7.72 22.62 31.30
CA VAL A 101 7.56 22.20 29.91
C VAL A 101 6.54 23.08 29.19
N ASP A 102 6.84 23.44 27.94
CA ASP A 102 5.91 24.06 27.00
C ASP A 102 5.91 23.28 25.69
N VAL A 103 4.78 23.30 24.98
CA VAL A 103 4.60 22.56 23.73
C VAL A 103 3.94 23.45 22.67
N GLN A 104 4.46 23.41 21.45
CA GLN A 104 3.84 24.05 20.29
C GLN A 104 3.59 23.00 19.21
N VAL A 105 2.34 22.81 18.83
CA VAL A 105 1.96 21.78 17.87
C VAL A 105 1.98 22.39 16.46
N GLU A 106 2.75 21.81 15.56
CA GLU A 106 2.89 22.35 14.21
C GLU A 106 1.86 21.78 13.23
N SER A 107 1.62 20.47 13.25
CA SER A 107 0.66 19.88 12.31
C SER A 107 0.21 18.50 12.79
N LEU A 108 -0.90 18.06 12.22
CA LEU A 108 -1.37 16.68 12.33
C LEU A 108 -1.21 16.02 10.97
N ASP A 109 -0.39 14.98 10.91
CA ASP A 109 0.09 14.48 9.63
C ASP A 109 -0.80 13.41 9.00
N SER A 110 -1.34 12.49 9.80
CA SER A 110 -2.17 11.41 9.27
C SER A 110 -2.89 10.72 10.41
N ILE A 111 -3.87 9.89 10.04
CA ILE A 111 -4.60 9.06 10.99
C ILE A 111 -4.97 7.74 10.31
N SER A 112 -4.88 6.64 11.06
CA SER A 112 -5.15 5.30 10.54
C SER A 112 -6.25 4.67 11.37
N GLU A 113 -7.40 4.43 10.75
CA GLU A 113 -8.54 3.89 11.48
C GLU A 113 -8.42 2.38 11.73
N VAL A 114 -7.81 1.63 10.81
CA VAL A 114 -7.68 0.20 11.01
C VAL A 114 -6.63 -0.11 12.09
N ASP A 115 -5.50 0.58 12.07
CA ASP A 115 -4.45 0.36 13.06
C ASP A 115 -4.64 1.19 14.33
N MET A 116 -5.58 2.14 14.33
CA MET A 116 -5.91 2.96 15.51
C MET A 116 -4.70 3.73 16.05
N ASP A 117 -4.21 4.68 15.26
CA ASP A 117 -3.13 5.58 15.69
C ASP A 117 -3.18 6.88 14.90
N PHE A 118 -2.39 7.87 15.35
CA PHE A 118 -2.28 9.18 14.70
C PHE A 118 -0.83 9.68 14.80
N THR A 119 -0.47 10.63 13.93
CA THR A 119 0.88 11.17 13.81
C THR A 119 0.88 12.70 13.92
N MET A 120 1.82 13.24 14.70
CA MET A 120 1.92 14.66 15.00
C MET A 120 3.36 15.17 14.96
N THR A 121 3.56 16.43 14.57
CA THR A 121 4.86 17.11 14.58
C THR A 121 4.78 18.33 15.51
N LEU A 122 5.79 18.50 16.39
CA LEU A 122 5.71 19.51 17.44
C LEU A 122 7.10 20.00 17.87
N TYR A 123 7.11 21.12 18.60
CA TYR A 123 8.29 21.64 19.29
C TYR A 123 8.15 21.39 20.79
N LEU A 124 9.21 20.85 21.41
CA LEU A 124 9.25 20.56 22.84
C LEU A 124 10.33 21.42 23.52
N ARG A 125 9.95 22.14 24.58
CA ARG A 125 10.85 23.06 25.25
C ARG A 125 10.91 22.77 26.76
N HIS A 126 12.13 22.81 27.34
CA HIS A 126 12.38 22.53 28.75
C HIS A 126 13.04 23.71 29.45
N TYR A 127 12.71 23.91 30.73
CA TYR A 127 13.29 24.98 31.55
C TYR A 127 13.74 24.44 32.90
N TRP A 128 14.99 24.71 33.29
CA TRP A 128 15.52 24.36 34.61
C TRP A 128 16.76 25.20 34.89
N LYS A 129 17.23 25.15 36.14
CA LYS A 129 18.39 25.90 36.59
C LYS A 129 19.49 24.95 37.07
N ASP A 130 20.75 25.29 36.75
CA ASP A 130 21.91 24.50 37.17
C ASP A 130 23.04 25.47 37.50
N GLU A 131 23.40 25.57 38.79
CA GLU A 131 24.44 26.49 39.21
C GLU A 131 25.82 26.12 38.69
N ARG A 132 26.05 24.86 38.29
CA ARG A 132 27.34 24.46 37.77
C ARG A 132 27.66 25.08 36.41
N LEU A 133 26.66 25.60 35.71
CA LEU A 133 26.85 26.19 34.39
C LEU A 133 26.99 27.70 34.42
N SER A 134 26.95 28.33 35.59
CA SER A 134 27.09 29.76 35.69
C SER A 134 28.48 30.21 35.25
N PHE A 135 28.55 31.37 34.58
CA PHE A 135 29.80 31.91 34.08
C PHE A 135 29.84 33.42 34.30
N PRO A 136 31.04 33.98 34.48
CA PRO A 136 31.14 35.43 34.69
C PRO A 136 30.88 36.20 33.40
N SER A 137 30.30 37.38 33.56
CA SER A 137 30.01 38.24 32.42
C SER A 137 30.02 39.69 32.86
N THR A 138 30.48 40.57 31.98
CA THR A 138 30.45 42.00 32.20
C THR A 138 29.17 42.63 31.66
N ASN A 139 28.26 41.80 31.16
CA ASN A 139 27.00 42.22 30.60
C ASN A 139 25.97 41.14 30.92
N ASN A 140 24.81 41.22 30.30
CA ASN A 140 23.75 40.24 30.55
C ASN A 140 23.43 39.44 29.30
N LEU A 141 24.42 39.16 28.46
CA LEU A 141 24.23 38.38 27.25
C LEU A 141 24.39 36.88 27.54
N SER A 142 23.58 36.08 26.87
CA SER A 142 23.60 34.64 27.00
C SER A 142 24.38 33.99 25.86
N MET A 143 24.75 32.72 26.05
CA MET A 143 25.50 31.96 25.06
C MET A 143 24.64 30.83 24.50
N THR A 144 24.74 30.59 23.20
CA THR A 144 23.90 29.64 22.48
C THR A 144 24.77 28.54 21.86
N PHE A 145 24.31 27.30 21.99
CA PHE A 145 25.01 26.13 21.47
C PHE A 145 24.04 25.23 20.71
N ASP A 146 24.59 24.40 19.83
CA ASP A 146 23.82 23.40 19.10
C ASP A 146 23.91 22.05 19.82
N GLY A 147 23.47 20.99 19.14
CA GLY A 147 23.32 19.68 19.73
C GLY A 147 24.61 19.00 20.18
N ARG A 148 25.78 19.49 19.76
CA ARG A 148 27.03 18.84 20.13
C ARG A 148 27.35 18.99 21.61
N LEU A 149 26.85 20.03 22.27
CA LEU A 149 27.10 20.21 23.70
C LEU A 149 26.26 19.29 24.58
N VAL A 150 25.18 18.73 24.04
CA VAL A 150 24.25 17.96 24.85
C VAL A 150 24.93 16.75 25.50
N LYS A 151 25.85 16.12 24.77
CA LYS A 151 26.54 14.94 25.31
C LYS A 151 27.52 15.28 26.43
N LYS A 152 27.80 16.55 26.69
CA LYS A 152 28.78 16.92 27.69
C LYS A 152 28.18 17.37 29.02
N ILE A 153 26.86 17.60 29.09
CA ILE A 153 26.20 18.07 30.29
C ILE A 153 25.00 17.18 30.59
N TRP A 154 24.39 17.41 31.75
CA TRP A 154 23.18 16.70 32.15
C TRP A 154 21.95 17.38 31.55
N VAL A 155 21.05 16.58 30.99
CA VAL A 155 19.75 17.05 30.49
C VAL A 155 18.66 16.06 30.91
N PRO A 156 17.42 16.52 31.00
CA PRO A 156 16.30 15.61 31.33
C PRO A 156 15.99 14.59 30.23
N ASP A 157 15.56 13.41 30.64
CA ASP A 157 15.31 12.26 29.73
C ASP A 157 13.82 12.00 29.49
N MET A 158 13.15 12.89 28.77
CA MET A 158 11.72 12.70 28.51
C MET A 158 11.49 11.68 27.38
N PHE A 159 10.37 10.94 27.46
CA PHE A 159 9.95 10.02 26.42
C PHE A 159 8.42 10.01 26.32
N PHE A 160 7.91 9.51 25.19
CA PHE A 160 6.48 9.52 24.90
C PHE A 160 5.86 8.15 25.23
N VAL A 161 4.90 8.14 26.14
CA VAL A 161 4.26 6.90 26.61
C VAL A 161 3.23 6.45 25.57
N HIS A 162 3.16 5.14 25.36
CA HIS A 162 2.21 4.52 24.41
C HIS A 162 2.46 4.95 22.96
N SER A 163 3.70 5.16 22.57
CA SER A 163 4.00 5.49 21.19
C SER A 163 4.52 4.26 20.44
N LYS A 164 4.39 4.32 19.11
CA LYS A 164 4.83 3.24 18.24
C LYS A 164 6.15 3.53 17.54
N ARG A 165 6.44 4.78 17.22
CA ARG A 165 7.69 5.17 16.57
C ARG A 165 7.83 6.70 16.64
N SER A 166 9.08 7.18 16.60
CA SER A 166 9.36 8.61 16.66
C SER A 166 10.79 8.89 16.21
N PHE A 167 11.08 10.14 15.84
CA PHE A 167 12.43 10.55 15.46
C PHE A 167 12.59 12.06 15.60
N ILE A 168 13.84 12.51 15.64
CA ILE A 168 14.22 13.92 15.72
C ILE A 168 14.74 14.37 14.36
N HIS A 169 14.23 15.50 13.86
CA HIS A 169 14.61 15.98 12.53
C HIS A 169 16.07 16.43 12.48
N ASP A 170 16.74 16.17 11.35
CA ASP A 170 18.19 16.40 11.27
C ASP A 170 18.67 17.05 9.96
N THR A 171 17.84 17.83 9.28
CA THR A 171 18.22 18.55 8.08
C THR A 171 18.06 20.06 8.30
N THR A 172 19.09 20.85 7.98
CA THR A 172 20.36 20.41 7.41
C THR A 172 21.35 19.94 8.47
N THR A 173 21.03 20.18 9.74
CA THR A 173 21.73 19.59 10.87
C THR A 173 20.70 19.27 11.93
N ASP A 174 21.13 18.71 13.06
CA ASP A 174 20.20 18.35 14.12
C ASP A 174 19.45 19.58 14.62
N ASN A 175 18.12 19.48 14.69
CA ASN A 175 17.25 20.60 15.07
C ASN A 175 17.15 20.68 16.60
N VAL A 176 18.28 21.04 17.24
CA VAL A 176 18.41 21.11 18.68
C VAL A 176 19.12 22.40 19.06
N MET A 177 18.67 23.05 20.14
CA MET A 177 19.25 24.31 20.60
C MET A 177 19.37 24.34 22.12
N LEU A 178 20.44 24.95 22.61
CA LEU A 178 20.65 25.20 24.04
C LEU A 178 21.04 26.66 24.25
N ARG A 179 20.39 27.32 25.21
CA ARG A 179 20.70 28.69 25.59
C ARG A 179 20.94 28.75 27.09
N VAL A 180 22.07 29.34 27.50
CA VAL A 180 22.49 29.37 28.89
C VAL A 180 22.63 30.82 29.35
N GLN A 181 21.94 31.17 30.44
CA GLN A 181 22.03 32.50 31.03
C GLN A 181 23.25 32.59 31.95
N PRO A 182 23.71 33.82 32.24
CA PRO A 182 24.86 33.97 33.13
C PRO A 182 24.68 33.35 34.51
N ASP A 183 23.45 33.27 35.03
CA ASP A 183 23.19 32.72 36.35
C ASP A 183 22.89 31.22 36.34
N GLY A 184 22.92 30.58 35.18
CA GLY A 184 22.73 29.14 35.11
C GLY A 184 21.36 28.65 34.68
N LYS A 185 20.47 29.53 34.25
CA LYS A 185 19.19 29.10 33.70
C LYS A 185 19.35 28.58 32.28
N VAL A 186 18.64 27.51 31.95
CA VAL A 186 18.82 26.78 30.70
C VAL A 186 17.49 26.64 29.99
N LEU A 187 17.49 26.84 28.66
CA LEU A 187 16.38 26.50 27.78
C LEU A 187 16.84 25.44 26.78
N TYR A 188 16.04 24.38 26.62
CA TYR A 188 16.37 23.22 25.79
C TYR A 188 15.21 22.95 24.84
N SER A 189 15.46 23.05 23.53
CA SER A 189 14.41 23.04 22.51
C SER A 189 14.75 22.07 21.37
N LEU A 190 13.76 21.28 20.94
CA LEU A 190 13.96 20.36 19.83
C LEU A 190 12.66 20.08 19.09
N ARG A 191 12.79 19.66 17.83
CA ARG A 191 11.68 19.42 16.92
C ARG A 191 11.55 17.93 16.62
N VAL A 192 10.35 17.36 16.82
CA VAL A 192 10.15 15.91 16.81
C VAL A 192 8.83 15.53 16.12
N THR A 193 8.79 14.31 15.57
CA THR A 193 7.58 13.71 14.99
C THR A 193 7.30 12.38 15.68
N VAL A 194 6.03 12.14 16.07
CA VAL A 194 5.66 10.98 16.88
C VAL A 194 4.37 10.34 16.37
N THR A 195 4.30 9.02 16.41
CA THR A 195 3.09 8.25 16.13
C THR A 195 2.62 7.56 17.41
N ALA A 196 1.36 7.79 17.79
CA ALA A 196 0.82 7.33 19.07
C ALA A 196 -0.50 6.57 18.89
N MET A 197 -0.74 5.64 19.81
CA MET A 197 -1.93 4.79 19.74
C MET A 197 -3.18 5.52 20.25
N CYS A 198 -4.33 5.11 19.72
CA CYS A 198 -5.61 5.71 20.11
C CYS A 198 -6.71 4.68 19.91
N ASN A 199 -7.21 4.10 21.00
CA ASN A 199 -8.31 3.15 20.90
C ASN A 199 -9.61 3.83 20.47
N MET A 200 -10.26 3.28 19.45
CA MET A 200 -11.46 3.84 18.88
C MET A 200 -12.62 2.86 18.96
N ASP A 201 -13.84 3.39 18.98
CA ASP A 201 -15.07 2.60 19.05
C ASP A 201 -15.98 3.03 17.91
N PHE A 202 -16.30 2.10 17.02
CA PHE A 202 -17.08 2.39 15.81
C PHE A 202 -18.52 1.91 15.89
N SER A 203 -19.05 1.66 17.10
CA SER A 203 -20.41 1.14 17.23
C SER A 203 -21.46 2.09 16.66
N ARG A 204 -21.27 3.40 16.82
CA ARG A 204 -22.24 4.40 16.42
C ARG A 204 -21.93 5.04 15.07
N PHE A 205 -21.00 4.48 14.30
CA PHE A 205 -20.62 5.03 13.01
C PHE A 205 -21.86 5.17 12.11
N PRO A 206 -22.01 6.29 11.38
CA PRO A 206 -21.09 7.43 11.24
C PRO A 206 -21.31 8.57 12.23
N LEU A 207 -22.03 8.33 13.33
CA LEU A 207 -22.32 9.37 14.31
C LEU A 207 -21.45 9.25 15.56
N ASP A 208 -20.28 8.64 15.44
CA ASP A 208 -19.38 8.41 16.55
C ASP A 208 -18.52 9.64 16.85
N THR A 209 -18.03 9.70 18.08
CA THR A 209 -17.10 10.72 18.56
C THR A 209 -15.91 10.03 19.21
N GLN A 210 -14.70 10.53 18.93
CA GLN A 210 -13.47 9.92 19.45
C GLN A 210 -12.65 10.94 20.25
N THR A 211 -11.98 10.46 21.30
CA THR A 211 -11.07 11.27 22.10
C THR A 211 -9.68 10.66 22.10
N CYS A 212 -8.66 11.50 21.92
CA CYS A 212 -7.27 11.06 21.79
C CYS A 212 -6.37 11.85 22.72
N SER A 213 -5.19 11.31 23.00
CA SER A 213 -4.23 11.98 23.89
C SER A 213 -2.80 11.60 23.56
N LEU A 214 -1.88 12.51 23.89
CA LEU A 214 -0.44 12.29 23.84
C LEU A 214 0.15 12.51 25.22
N GLU A 215 1.02 11.60 25.67
CA GLU A 215 1.50 11.55 27.05
C GLU A 215 3.02 11.65 27.12
N ILE A 216 3.52 12.40 28.12
CA ILE A 216 4.94 12.70 28.30
C ILE A 216 5.35 12.33 29.72
N GLU A 217 6.50 11.65 29.88
CA GLU A 217 6.95 11.13 31.16
C GLU A 217 8.48 10.99 31.17
N SER A 218 9.06 11.04 32.37
CA SER A 218 10.48 10.75 32.56
C SER A 218 10.75 9.24 32.59
N TYR A 219 11.84 8.82 31.93
CA TYR A 219 12.12 7.38 31.88
C TYR A 219 12.68 6.85 33.20
N ALA A 220 13.64 7.55 33.81
CA ALA A 220 14.42 6.96 34.88
C ALA A 220 14.31 7.66 36.24
N TYR A 221 13.70 8.83 36.35
CA TYR A 221 13.68 9.60 37.60
C TYR A 221 12.27 9.63 38.18
N THR A 222 12.13 9.19 39.43
CA THR A 222 10.86 9.26 40.14
C THR A 222 10.61 10.67 40.65
N GLU A 223 9.41 10.89 41.18
CA GLU A 223 9.01 12.20 41.68
C GLU A 223 9.83 12.67 42.86
N ASP A 224 10.60 11.79 43.50
CA ASP A 224 11.49 12.21 44.58
C ASP A 224 12.75 12.90 44.06
N ASP A 225 13.13 12.63 42.80
CA ASP A 225 14.32 13.22 42.21
C ASP A 225 14.03 14.30 41.17
N LEU A 226 12.92 14.20 40.44
CA LEU A 226 12.59 15.15 39.37
C LEU A 226 11.10 15.46 39.43
N MET A 227 10.75 16.74 39.48
CA MET A 227 9.36 17.20 39.55
C MET A 227 8.98 17.85 38.21
N LEU A 228 8.12 17.20 37.45
CA LEU A 228 7.75 17.62 36.11
C LEU A 228 6.36 18.28 36.12
N TYR A 229 6.24 19.47 35.53
CA TYR A 229 5.00 20.24 35.56
C TYR A 229 4.87 21.12 34.31
N TRP A 230 3.64 21.55 34.03
CA TRP A 230 3.39 22.52 32.95
C TRP A 230 3.82 23.91 33.41
N LYS A 231 4.66 24.58 32.60
CA LYS A 231 5.30 25.81 33.06
C LYS A 231 4.29 26.92 33.32
N LYS A 232 3.29 27.09 32.46
CA LYS A 232 2.32 28.18 32.61
C LYS A 232 0.89 27.66 32.62
N GLY A 233 0.66 26.47 33.17
CA GLY A 233 -0.69 25.92 33.23
C GLY A 233 -1.26 25.66 31.85
N ASN A 234 -2.49 26.13 31.61
CA ASN A 234 -3.15 25.93 30.33
C ASN A 234 -2.62 26.85 29.24
N ASP A 235 -1.82 27.85 29.59
CA ASP A 235 -1.19 28.72 28.60
C ASP A 235 0.07 28.11 28.01
N SER A 236 0.46 26.91 28.44
CA SER A 236 1.66 26.25 27.95
C SER A 236 1.47 25.56 26.61
N LEU A 237 0.26 25.46 26.10
CA LEU A 237 -0.05 24.74 24.87
C LEU A 237 -0.50 25.72 23.79
N LYS A 238 0.18 25.70 22.64
CA LYS A 238 -0.20 26.50 21.48
C LYS A 238 -0.38 25.59 20.27
N THR A 239 -1.32 25.93 19.41
CA THR A 239 -1.59 25.15 18.20
C THR A 239 -1.61 26.05 16.97
N ASP A 240 -1.21 25.49 15.84
CA ASP A 240 -1.14 26.24 14.59
C ASP A 240 -2.54 26.62 14.09
N GLU A 241 -2.64 27.80 13.49
CA GLU A 241 -3.93 28.32 13.05
C GLU A 241 -4.57 27.51 11.93
N ARG A 242 -3.79 26.74 11.17
CA ARG A 242 -4.29 26.03 10.01
C ARG A 242 -4.21 24.52 10.18
N ILE A 243 -4.26 24.02 11.40
CA ILE A 243 -4.23 22.59 11.64
C ILE A 243 -5.53 21.95 11.18
N SER A 244 -5.42 20.87 10.41
CA SER A 244 -6.62 20.25 9.86
C SER A 244 -6.34 18.81 9.46
N LEU A 245 -7.41 18.03 9.36
CA LEU A 245 -7.40 16.67 8.85
C LEU A 245 -8.43 16.57 7.74
N SER A 246 -8.17 15.69 6.78
CA SER A 246 -9.02 15.61 5.60
C SER A 246 -10.44 15.15 5.93
N GLN A 247 -10.57 14.08 6.72
CA GLN A 247 -11.88 13.48 6.97
C GLN A 247 -12.46 13.76 8.36
N PHE A 248 -11.82 14.61 9.19
CA PHE A 248 -12.31 14.87 10.53
C PHE A 248 -12.33 16.36 10.85
N LEU A 249 -13.18 16.74 11.80
CA LEU A 249 -13.13 18.04 12.45
C LEU A 249 -12.46 17.91 13.82
N ILE A 250 -11.63 18.88 14.17
CA ILE A 250 -10.81 18.84 15.39
C ILE A 250 -11.24 19.96 16.33
N GLN A 251 -11.40 19.64 17.62
CA GLN A 251 -11.86 20.64 18.58
C GLN A 251 -11.34 20.33 19.99
N GLU A 252 -11.34 21.37 20.84
CA GLU A 252 -11.18 21.25 22.28
C GLU A 252 -9.82 20.71 22.72
N PHE A 253 -8.74 21.42 22.40
CA PHE A 253 -7.41 21.14 22.94
C PHE A 253 -7.32 21.63 24.38
N HIS A 254 -6.75 20.80 25.27
CA HIS A 254 -6.46 21.19 26.65
C HIS A 254 -5.47 20.21 27.26
N THR A 255 -4.92 20.59 28.43
CA THR A 255 -3.91 19.82 29.13
C THR A 255 -4.40 19.35 30.50
N THR A 256 -3.84 18.22 30.96
CA THR A 256 -4.06 17.69 32.31
C THR A 256 -2.77 17.03 32.82
N THR A 257 -2.77 16.66 34.11
CA THR A 257 -1.66 15.93 34.74
C THR A 257 -2.20 14.84 35.67
N LYS A 258 -1.41 13.79 35.87
CA LYS A 258 -1.80 12.68 36.75
C LYS A 258 -0.56 11.88 37.15
N LEU A 259 -0.61 11.30 38.36
CA LEU A 259 0.48 10.47 38.88
C LEU A 259 0.28 9.01 38.50
N ALA A 260 1.36 8.35 38.10
CA ALA A 260 1.35 6.95 37.70
C ALA A 260 2.29 6.13 38.58
N PHE A 261 1.93 4.88 38.81
CA PHE A 261 2.67 3.99 39.70
C PHE A 261 3.23 2.79 38.93
N TYR A 262 4.50 2.50 39.16
CA TYR A 262 5.17 1.31 38.63
C TYR A 262 5.67 0.48 39.80
N SER A 263 5.29 -0.79 39.85
CA SER A 263 5.74 -1.64 40.94
C SER A 263 7.25 -1.86 40.91
N SER A 264 7.89 -1.72 39.75
CA SER A 264 9.33 -1.93 39.68
C SER A 264 10.11 -0.78 40.31
N THR A 265 9.65 0.46 40.18
CA THR A 265 10.46 1.58 40.66
C THR A 265 9.74 2.66 41.45
N GLY A 266 8.43 2.86 41.32
CA GLY A 266 7.80 3.88 42.15
C GLY A 266 6.85 4.79 41.39
N TRP A 267 6.65 6.01 41.89
CA TRP A 267 5.66 6.97 41.38
C TRP A 267 6.30 7.98 40.43
N TYR A 268 5.61 8.30 39.33
CA TYR A 268 6.08 9.23 38.31
C TYR A 268 4.98 10.22 37.93
N ASN A 269 5.39 11.44 37.57
CA ASN A 269 4.48 12.46 37.04
C ASN A 269 4.27 12.26 35.54
N ARG A 270 3.02 12.37 35.09
CA ARG A 270 2.66 12.22 33.68
C ARG A 270 1.83 13.42 33.20
N LEU A 271 2.15 13.93 32.02
CA LEU A 271 1.45 15.06 31.41
C LEU A 271 0.67 14.62 30.18
N TYR A 272 -0.49 15.26 29.94
CA TYR A 272 -1.42 14.87 28.88
C TYR A 272 -1.81 16.05 27.98
N ILE A 273 -1.97 15.77 26.69
CA ILE A 273 -2.55 16.69 25.70
C ILE A 273 -3.78 16.01 25.09
N ASN A 274 -4.96 16.62 25.23
CA ASN A 274 -6.23 16.01 24.87
C ASN A 274 -6.94 16.79 23.75
N PHE A 275 -7.63 16.06 22.86
CA PHE A 275 -8.45 16.67 21.80
C PHE A 275 -9.51 15.67 21.32
N THR A 276 -10.49 16.19 20.56
CA THR A 276 -11.68 15.45 20.12
C THR A 276 -11.87 15.53 18.60
N LEU A 277 -12.42 14.46 18.01
CA LEU A 277 -12.64 14.35 16.56
C LEU A 277 -14.11 14.07 16.23
N ARG A 278 -14.62 14.67 15.14
CA ARG A 278 -15.98 14.45 14.64
C ARG A 278 -15.99 14.36 13.12
N ARG A 279 -17.01 13.69 12.57
CA ARG A 279 -17.18 13.51 11.13
C ARG A 279 -18.18 14.53 10.54
N HIS A 280 -18.25 14.57 9.21
CA HIS A 280 -19.22 15.39 8.47
C HIS A 280 -20.47 14.55 8.21
N ILE A 281 -21.55 14.82 8.94
CA ILE A 281 -22.72 13.93 8.94
C ILE A 281 -23.45 13.97 7.60
N PHE A 282 -23.59 15.16 6.98
CA PHE A 282 -24.44 15.30 5.81
C PHE A 282 -23.92 14.51 4.62
N PHE A 283 -22.60 14.42 4.46
CA PHE A 283 -22.03 13.60 3.39
C PHE A 283 -22.49 12.14 3.52
N PHE A 284 -22.42 11.59 4.74
CA PHE A 284 -22.83 10.20 4.94
C PHE A 284 -24.34 10.03 4.78
N LEU A 285 -25.12 11.00 5.23
CA LEU A 285 -26.57 10.90 5.03
C LEU A 285 -26.90 10.82 3.55
N LEU A 286 -26.35 11.73 2.76
CA LEU A 286 -26.62 11.76 1.32
C LEU A 286 -26.11 10.51 0.61
N GLN A 287 -24.93 10.01 1.01
CA GLN A 287 -24.34 8.88 0.30
C GLN A 287 -24.97 7.54 0.66
N THR A 288 -25.48 7.38 1.88
CA THR A 288 -25.96 6.07 2.30
C THR A 288 -27.44 6.03 2.57
N TYR A 289 -27.96 6.91 3.44
CA TYR A 289 -29.33 6.74 3.91
C TYR A 289 -30.34 7.10 2.82
N PHE A 290 -30.01 8.07 1.97
CA PHE A 290 -30.92 8.55 0.93
C PHE A 290 -31.28 7.47 -0.09
N PRO A 291 -30.33 6.82 -0.78
CA PRO A 291 -30.70 5.81 -1.79
C PRO A 291 -31.51 4.63 -1.24
N ALA A 292 -31.19 4.17 -0.02
CA ALA A 292 -31.91 3.03 0.54
C ALA A 292 -33.37 3.38 0.80
N THR A 293 -33.64 4.57 1.35
CA THR A 293 -35.01 5.02 1.55
C THR A 293 -35.73 5.16 0.21
N LEU A 294 -35.05 5.68 -0.82
CA LEU A 294 -35.67 5.82 -2.13
C LEU A 294 -36.05 4.45 -2.71
N MET A 295 -35.19 3.45 -2.56
CA MET A 295 -35.52 2.13 -3.10
C MET A 295 -36.66 1.46 -2.33
N VAL A 296 -36.72 1.65 -1.01
CA VAL A 296 -37.86 1.14 -0.24
C VAL A 296 -39.15 1.80 -0.71
N MET A 297 -39.14 3.11 -0.94
CA MET A 297 -40.34 3.77 -1.45
C MET A 297 -40.70 3.29 -2.85
N LEU A 298 -39.70 2.99 -3.68
CA LEU A 298 -39.96 2.50 -5.02
C LEU A 298 -40.63 1.13 -5.00
N SER A 299 -40.29 0.28 -4.02
CA SER A 299 -40.90 -1.04 -3.97
C SER A 299 -42.41 -0.98 -3.67
N TRP A 300 -42.91 0.14 -3.14
CA TRP A 300 -44.33 0.25 -2.82
C TRP A 300 -45.20 0.56 -4.04
N VAL A 301 -44.60 0.87 -5.19
CA VAL A 301 -45.37 1.23 -6.38
C VAL A 301 -46.18 0.04 -6.87
N SER A 302 -45.65 -1.18 -6.71
CA SER A 302 -46.34 -2.37 -7.20
C SER A 302 -47.71 -2.56 -6.57
N PHE A 303 -47.97 -1.97 -5.40
CA PHE A 303 -49.27 -2.15 -4.76
C PHE A 303 -50.39 -1.45 -5.51
N TRP A 304 -50.07 -0.52 -6.40
CA TRP A 304 -51.06 0.22 -7.17
C TRP A 304 -51.18 -0.26 -8.62
N ILE A 305 -50.49 -1.32 -9.01
CA ILE A 305 -50.50 -1.84 -10.37
C ILE A 305 -51.50 -2.98 -10.45
N ASP A 306 -52.19 -3.08 -11.60
CA ASP A 306 -53.17 -4.13 -11.85
C ASP A 306 -52.60 -5.51 -11.59
N ARG A 307 -53.29 -6.29 -10.76
CA ARG A 307 -52.82 -7.63 -10.39
C ARG A 307 -52.83 -8.62 -11.55
N ARG A 308 -53.54 -8.32 -12.63
CA ARG A 308 -53.55 -9.19 -13.80
C ARG A 308 -52.31 -9.05 -14.66
N ALA A 309 -51.50 -8.01 -14.45
CA ALA A 309 -50.28 -7.79 -15.22
C ALA A 309 -49.10 -8.47 -14.54
N VAL A 310 -49.09 -9.81 -14.60
CA VAL A 310 -48.01 -10.60 -14.01
C VAL A 310 -46.65 -10.28 -14.63
N PRO A 311 -46.49 -10.24 -15.96
CA PRO A 311 -45.17 -9.95 -16.54
C PRO A 311 -44.67 -8.54 -16.24
N ALA A 312 -45.48 -7.69 -15.64
CA ALA A 312 -45.00 -6.41 -15.14
C ALA A 312 -44.70 -6.44 -13.64
N ARG A 313 -45.52 -7.14 -12.85
CA ARG A 313 -45.34 -7.14 -11.40
C ARG A 313 -44.08 -7.93 -10.99
N VAL A 314 -43.84 -9.09 -11.60
CA VAL A 314 -42.73 -9.93 -11.12
C VAL A 314 -41.35 -9.31 -11.38
N PRO A 315 -41.02 -8.94 -12.63
CA PRO A 315 -39.68 -8.39 -12.90
C PRO A 315 -39.37 -7.15 -12.09
N LEU A 316 -40.38 -6.33 -11.79
CA LEU A 316 -40.16 -5.13 -11.00
C LEU A 316 -39.62 -5.46 -9.61
N GLY A 317 -40.26 -6.42 -8.93
CA GLY A 317 -39.78 -6.82 -7.61
C GLY A 317 -38.39 -7.41 -7.63
N ILE A 318 -38.13 -8.33 -8.57
CA ILE A 318 -36.81 -8.96 -8.57
C ILE A 318 -35.72 -7.95 -8.92
N THR A 319 -36.00 -7.01 -9.81
CA THR A 319 -35.01 -5.99 -10.16
C THR A 319 -34.76 -5.03 -9.01
N THR A 320 -35.81 -4.71 -8.23
CA THR A 320 -35.61 -3.88 -7.04
C THR A 320 -34.69 -4.57 -6.04
N VAL A 321 -34.87 -5.89 -5.86
CA VAL A 321 -33.97 -6.63 -4.97
C VAL A 321 -32.52 -6.57 -5.47
N LEU A 322 -32.32 -6.77 -6.78
CA LEU A 322 -30.97 -6.69 -7.34
C LEU A 322 -30.34 -5.30 -7.11
N THR A 323 -31.11 -4.23 -7.32
CA THR A 323 -30.60 -2.89 -7.14
C THR A 323 -30.17 -2.63 -5.69
N MET A 324 -31.01 -3.05 -4.73
CA MET A 324 -30.66 -2.87 -3.31
C MET A 324 -29.39 -3.64 -2.96
N SER A 325 -29.25 -4.85 -3.50
CA SER A 325 -28.03 -5.62 -3.22
C SER A 325 -26.79 -4.92 -3.75
N THR A 326 -26.86 -4.36 -4.98
CA THR A 326 -25.69 -3.67 -5.51
C THR A 326 -25.35 -2.42 -4.69
N ILE A 327 -26.38 -1.72 -4.20
CA ILE A 327 -26.13 -0.56 -3.36
C ILE A 327 -25.39 -0.96 -2.08
N ILE A 328 -25.85 -2.03 -1.42
CA ILE A 328 -25.21 -2.45 -0.17
C ILE A 328 -23.76 -2.88 -0.40
N THR A 329 -23.51 -3.63 -1.48
CA THR A 329 -22.13 -4.04 -1.79
C THR A 329 -21.24 -2.82 -2.02
N GLY A 330 -21.74 -1.84 -2.79
CA GLY A 330 -20.96 -0.64 -3.02
C GLY A 330 -20.66 0.13 -1.75
N VAL A 331 -21.64 0.23 -0.85
CA VAL A 331 -21.43 0.94 0.41
C VAL A 331 -20.40 0.21 1.26
N ASN A 332 -20.48 -1.12 1.34
CA ASN A 332 -19.49 -1.87 2.10
C ASN A 332 -18.09 -1.65 1.56
N ALA A 333 -17.95 -1.50 0.24
CA ALA A 333 -16.62 -1.37 -0.33
C ALA A 333 -15.93 -0.05 0.05
N SER A 334 -16.66 0.95 0.53
CA SER A 334 -16.09 2.28 0.75
C SER A 334 -15.89 2.66 2.21
N MET A 335 -16.25 1.81 3.14
CA MET A 335 -16.05 2.12 4.55
C MET A 335 -14.76 1.48 5.06
N PRO A 336 -14.20 1.97 6.16
CA PRO A 336 -13.00 1.31 6.73
C PRO A 336 -13.31 -0.12 7.14
N ARG A 337 -12.33 -1.00 6.93
CA ARG A 337 -12.52 -2.45 7.10
C ARG A 337 -12.50 -2.80 8.58
N VAL A 338 -13.62 -2.54 9.25
CA VAL A 338 -13.83 -2.86 10.65
C VAL A 338 -14.90 -3.95 10.72
N SER A 339 -14.54 -5.10 11.26
CA SER A 339 -15.38 -6.31 11.18
C SER A 339 -16.22 -6.49 12.43
N TYR A 340 -17.13 -5.56 12.68
CA TYR A 340 -18.21 -5.77 13.65
C TYR A 340 -19.35 -4.82 13.31
N ILE A 341 -20.49 -5.05 13.96
CA ILE A 341 -21.76 -4.47 13.53
C ILE A 341 -21.81 -2.98 13.90
N LYS A 342 -22.17 -2.14 12.92
CA LYS A 342 -22.34 -0.70 13.09
C LYS A 342 -23.78 -0.30 12.76
N ALA A 343 -24.14 0.92 13.19
CA ALA A 343 -25.52 1.39 13.08
C ALA A 343 -26.01 1.43 11.63
N VAL A 344 -25.15 1.88 10.70
CA VAL A 344 -25.54 1.99 9.30
C VAL A 344 -25.85 0.62 8.69
N ASP A 345 -25.18 -0.44 9.16
CA ASP A 345 -25.49 -1.81 8.71
C ASP A 345 -26.89 -2.23 9.15
N ILE A 346 -27.29 -1.86 10.36
CA ILE A 346 -28.63 -2.17 10.84
C ILE A 346 -29.68 -1.52 9.93
N TYR A 347 -29.50 -0.24 9.63
CA TYR A 347 -30.43 0.46 8.75
C TYR A 347 -30.52 -0.22 7.38
N LEU A 348 -29.37 -0.54 6.78
CA LEU A 348 -29.38 -1.11 5.43
C LEU A 348 -30.05 -2.48 5.38
N TRP A 349 -29.78 -3.35 6.36
CA TRP A 349 -30.34 -4.69 6.29
C TRP A 349 -31.83 -4.72 6.64
N VAL A 350 -32.31 -3.81 7.50
CA VAL A 350 -33.76 -3.69 7.70
C VAL A 350 -34.44 -3.25 6.40
N SER A 351 -33.84 -2.30 5.68
CA SER A 351 -34.41 -1.89 4.40
C SER A 351 -34.48 -3.05 3.41
N PHE A 352 -33.42 -3.87 3.38
CA PHE A 352 -33.39 -5.04 2.50
C PHE A 352 -34.54 -6.00 2.83
N VAL A 353 -34.79 -6.22 4.12
CA VAL A 353 -35.89 -7.10 4.53
C VAL A 353 -37.23 -6.56 4.06
N PHE A 354 -37.44 -5.23 4.16
CA PHE A 354 -38.68 -4.64 3.65
C PHE A 354 -38.88 -4.95 2.17
N VAL A 355 -37.81 -4.80 1.37
CA VAL A 355 -37.91 -5.07 -0.07
C VAL A 355 -38.26 -6.53 -0.36
N PHE A 356 -37.66 -7.45 0.41
CA PHE A 356 -37.95 -8.88 0.26
C PHE A 356 -39.42 -9.20 0.56
N LEU A 357 -39.97 -8.62 1.63
CA LEU A 357 -41.37 -8.90 1.96
C LEU A 357 -42.34 -8.40 0.88
N SER A 358 -41.99 -7.30 0.20
CA SER A 358 -42.85 -6.79 -0.88
C SER A 358 -42.98 -7.78 -2.04
N VAL A 359 -41.99 -8.65 -2.22
CA VAL A 359 -42.13 -9.65 -3.28
C VAL A 359 -42.99 -10.82 -2.81
N LEU A 360 -42.82 -11.25 -1.54
CA LEU A 360 -43.66 -12.31 -1.03
C LEU A 360 -45.15 -11.94 -1.10
N GLU A 361 -45.47 -10.66 -0.90
CA GLU A 361 -46.87 -10.22 -0.93
C GLU A 361 -47.54 -10.53 -2.26
N TYR A 362 -46.88 -10.20 -3.37
CA TYR A 362 -47.49 -10.45 -4.67
C TYR A 362 -47.54 -11.93 -5.01
N ALA A 363 -46.56 -12.71 -4.54
CA ALA A 363 -46.64 -14.15 -4.74
C ALA A 363 -47.93 -14.70 -4.15
N ALA A 364 -48.26 -14.28 -2.92
CA ALA A 364 -49.49 -14.74 -2.29
C ALA A 364 -50.73 -14.31 -3.07
N VAL A 365 -50.75 -13.06 -3.53
CA VAL A 365 -51.90 -12.54 -4.27
C VAL A 365 -52.14 -13.34 -5.54
N ASN A 366 -51.06 -13.60 -6.29
CA ASN A 366 -51.22 -14.32 -7.56
C ASN A 366 -51.74 -15.74 -7.33
N TYR A 367 -51.21 -16.43 -6.33
CA TYR A 367 -51.68 -17.79 -6.06
C TYR A 367 -53.17 -17.82 -5.71
N LEU A 368 -53.61 -16.89 -4.83
CA LEU A 368 -55.01 -16.90 -4.43
C LEU A 368 -55.94 -16.59 -5.60
N THR A 369 -55.56 -15.64 -6.45
CA THR A 369 -56.39 -15.33 -7.60
C THR A 369 -56.54 -16.52 -8.54
N THR A 370 -55.43 -17.23 -8.79
CA THR A 370 -55.49 -18.39 -9.66
C THR A 370 -56.38 -19.47 -9.06
N VAL A 371 -56.30 -19.68 -7.75
CA VAL A 371 -57.15 -20.67 -7.11
C VAL A 371 -58.62 -20.32 -7.30
N GLN A 372 -58.97 -19.04 -7.11
CA GLN A 372 -60.36 -18.65 -7.24
C GLN A 372 -60.88 -18.84 -8.66
N GLU A 373 -60.08 -18.47 -9.65
CA GLU A 373 -60.54 -18.63 -11.03
C GLU A 373 -60.73 -20.10 -11.39
N ARG A 374 -59.81 -20.95 -10.97
CA ARG A 374 -59.96 -22.37 -11.27
C ARG A 374 -61.20 -22.94 -10.60
N LYS A 375 -61.46 -22.55 -9.36
CA LYS A 375 -62.65 -23.03 -8.66
C LYS A 375 -63.92 -22.58 -9.37
N GLU A 376 -63.97 -21.32 -9.81
CA GLU A 376 -65.17 -20.84 -10.46
C GLU A 376 -65.45 -21.58 -11.77
N GLN A 377 -64.40 -21.80 -12.57
CA GLN A 377 -64.61 -22.52 -13.82
C GLN A 377 -65.02 -23.96 -13.56
N LYS A 378 -64.43 -24.60 -12.54
CA LYS A 378 -64.81 -25.97 -12.22
C LYS A 378 -66.27 -26.05 -11.80
N LEU A 379 -66.74 -25.08 -11.00
CA LEU A 379 -68.14 -25.07 -10.62
C LEU A 379 -69.06 -24.86 -11.83
N ARG A 380 -68.68 -23.97 -12.74
CA ARG A 380 -69.50 -23.74 -13.91
C ARG A 380 -69.57 -24.98 -14.79
N ASP A 451 -61.58 -5.60 -9.83
CA ASP A 451 -61.56 -5.13 -8.44
C ASP A 451 -60.19 -5.34 -7.81
N THR A 452 -59.95 -4.67 -6.68
CA THR A 452 -58.68 -4.78 -5.96
C THR A 452 -58.78 -5.86 -4.89
N HIS A 453 -57.77 -6.71 -4.83
CA HIS A 453 -57.69 -7.73 -3.79
C HIS A 453 -57.44 -7.10 -2.43
N ALA A 454 -57.97 -7.74 -1.38
CA ALA A 454 -57.89 -7.18 -0.03
C ALA A 454 -56.44 -7.01 0.45
N ILE A 455 -55.56 -7.91 0.04
CA ILE A 455 -54.17 -7.86 0.50
C ILE A 455 -53.48 -6.59 0.01
N ASP A 456 -53.69 -6.21 -1.26
CA ASP A 456 -53.15 -4.95 -1.76
C ASP A 456 -53.68 -3.77 -0.97
N LYS A 457 -55.00 -3.78 -0.68
CA LYS A 457 -55.62 -2.66 0.03
C LYS A 457 -55.02 -2.48 1.42
N TYR A 458 -54.77 -3.59 2.13
CA TYR A 458 -54.17 -3.46 3.45
C TYR A 458 -52.68 -3.10 3.36
N SER A 459 -51.95 -3.66 2.38
CA SER A 459 -50.52 -3.40 2.27
C SER A 459 -50.24 -1.92 1.99
N ARG A 460 -51.09 -1.30 1.16
CA ARG A 460 -50.93 0.11 0.82
C ARG A 460 -50.87 1.00 2.06
N ILE A 461 -51.49 0.57 3.15
CA ILE A 461 -51.46 1.31 4.40
C ILE A 461 -50.39 0.78 5.34
N ILE A 462 -50.28 -0.54 5.46
CA ILE A 462 -49.48 -1.14 6.52
C ILE A 462 -47.98 -0.92 6.28
N PHE A 463 -47.51 -1.07 5.03
CA PHE A 463 -46.06 -0.96 4.82
C PHE A 463 -45.47 0.39 5.22
N PRO A 464 -45.99 1.54 4.72
CA PRO A 464 -45.40 2.83 5.11
C PRO A 464 -45.46 3.13 6.61
N ALA A 465 -46.54 2.72 7.28
CA ALA A 465 -46.66 3.00 8.71
C ALA A 465 -45.60 2.26 9.51
N ALA A 466 -45.34 1.00 9.16
CA ALA A 466 -44.29 0.24 9.82
C ALA A 466 -42.91 0.85 9.55
N TYR A 467 -42.67 1.30 8.32
CA TYR A 467 -41.37 1.91 8.04
C TYR A 467 -41.18 3.22 8.83
N ILE A 468 -42.24 4.02 8.94
CA ILE A 468 -42.17 5.25 9.73
C ILE A 468 -41.89 4.96 11.20
N LEU A 469 -42.55 3.94 11.74
CA LEU A 469 -42.33 3.57 13.14
C LEU A 469 -40.90 3.11 13.38
N PHE A 470 -40.35 2.30 12.45
CA PHE A 470 -38.96 1.88 12.56
C PHE A 470 -38.03 3.09 12.55
N ASN A 471 -38.29 4.06 11.68
CA ASN A 471 -37.45 5.25 11.63
C ASN A 471 -37.51 6.06 12.93
N LEU A 472 -38.71 6.18 13.51
CA LEU A 472 -38.82 6.91 14.77
C LEU A 472 -38.01 6.25 15.88
N ILE A 473 -38.12 4.92 15.99
CA ILE A 473 -37.37 4.21 17.02
C ILE A 473 -35.86 4.33 16.78
N TYR A 474 -35.44 4.12 15.53
CA TYR A 474 -34.01 4.16 15.20
C TYR A 474 -33.41 5.52 15.53
N TRP A 475 -34.05 6.60 15.10
CA TRP A 475 -33.47 7.91 15.31
C TRP A 475 -33.65 8.40 16.74
N SER A 476 -34.59 7.85 17.51
CA SER A 476 -34.60 8.14 18.94
C SER A 476 -33.48 7.41 19.67
N ILE A 477 -33.06 6.24 19.17
CA ILE A 477 -31.98 5.52 19.84
C ILE A 477 -30.61 6.10 19.48
N PHE A 478 -30.37 6.36 18.20
CA PHE A 478 -29.03 6.74 17.74
C PHE A 478 -28.85 8.24 17.58
N SER A 479 -29.80 9.05 18.08
CA SER A 479 -29.75 10.51 18.00
C SER A 479 -29.82 11.03 16.57
N LYS B 74 33.91 11.49 40.04
CA LYS B 74 33.31 10.70 38.97
C LYS B 74 32.68 9.42 39.53
N SER B 75 31.42 9.20 39.20
CA SER B 75 30.71 8.03 39.71
C SER B 75 31.25 6.73 39.12
N GLU B 76 31.80 6.79 37.90
CA GLU B 76 32.34 5.60 37.27
C GLU B 76 33.67 5.17 37.88
N GLN B 77 34.25 5.97 38.78
CA GLN B 77 35.43 5.57 39.52
C GLN B 77 35.10 4.90 40.85
N LEU B 78 33.83 4.97 41.29
CA LEU B 78 33.43 4.18 42.45
C LEU B 78 33.34 2.71 42.09
N LEU B 79 32.99 2.40 40.85
CA LEU B 79 33.12 1.05 40.31
C LEU B 79 34.49 0.94 39.65
N ARG B 80 35.27 -0.06 40.04
CA ARG B 80 36.62 -0.23 39.51
C ARG B 80 36.50 -0.81 38.10
N ILE B 81 36.14 0.05 37.16
CA ILE B 81 35.87 -0.39 35.79
C ILE B 81 37.12 -0.95 35.14
N ASP B 82 38.26 -0.28 35.32
CA ASP B 82 39.49 -0.68 34.65
C ASP B 82 40.23 -1.79 35.38
N ASP B 83 39.73 -2.26 36.53
CA ASP B 83 40.37 -3.30 37.31
C ASP B 83 39.81 -4.69 37.02
N HIS B 84 38.89 -4.83 36.07
CA HIS B 84 38.26 -6.11 35.80
C HIS B 84 38.09 -6.30 34.29
N ASP B 85 38.12 -7.56 33.86
CA ASP B 85 37.84 -7.93 32.48
C ASP B 85 36.34 -8.19 32.36
N PHE B 86 35.63 -7.27 31.72
CA PHE B 86 34.20 -7.38 31.53
C PHE B 86 33.82 -8.01 30.20
N SER B 87 34.75 -8.74 29.57
CA SER B 87 34.43 -9.60 28.45
C SER B 87 34.05 -11.02 28.89
N MET B 88 34.23 -11.36 30.16
CA MET B 88 33.82 -12.64 30.69
C MET B 88 32.66 -12.46 31.68
N ARG B 89 31.88 -13.53 31.84
CA ARG B 89 30.69 -13.51 32.67
C ARG B 89 31.04 -13.55 34.15
N PRO B 90 30.15 -13.08 35.01
CA PRO B 90 30.34 -13.30 36.45
C PRO B 90 30.32 -14.79 36.78
N GLY B 91 31.20 -15.19 37.70
CA GLY B 91 31.28 -16.59 38.05
C GLY B 91 31.97 -17.48 37.04
N PHE B 92 32.75 -16.89 36.12
CA PHE B 92 33.39 -17.65 35.06
C PHE B 92 34.22 -18.80 35.61
N GLY B 93 34.09 -19.97 34.97
CA GLY B 93 34.78 -21.17 35.39
C GLY B 93 34.03 -22.03 36.37
N GLY B 94 32.90 -21.57 36.90
CA GLY B 94 32.13 -22.30 37.88
C GLY B 94 30.70 -22.55 37.44
N PRO B 95 29.80 -22.63 38.42
CA PRO B 95 28.39 -22.84 38.10
C PRO B 95 27.79 -21.68 37.31
N ALA B 96 26.74 -21.99 36.57
CA ALA B 96 26.05 -21.02 35.74
C ALA B 96 25.42 -19.91 36.60
N ILE B 97 25.35 -18.71 36.04
CA ILE B 97 24.78 -17.55 36.73
C ILE B 97 23.28 -17.48 36.42
N PRO B 98 22.41 -17.45 37.41
CA PRO B 98 20.98 -17.31 37.13
C PRO B 98 20.58 -15.88 36.77
N VAL B 99 19.70 -15.77 35.77
CA VAL B 99 19.19 -14.48 35.30
C VAL B 99 17.66 -14.54 35.28
N GLY B 100 17.01 -13.66 36.03
CA GLY B 100 15.56 -13.59 36.08
C GLY B 100 14.99 -12.52 35.19
N VAL B 101 13.80 -12.75 34.65
CA VAL B 101 13.17 -11.90 33.64
C VAL B 101 11.72 -11.58 34.02
N ASP B 102 11.32 -10.32 33.82
CA ASP B 102 9.94 -9.86 33.89
C ASP B 102 9.59 -9.11 32.60
N VAL B 103 8.31 -9.14 32.21
CA VAL B 103 7.82 -8.51 30.98
C VAL B 103 6.54 -7.73 31.26
N GLN B 104 6.45 -6.51 30.72
CA GLN B 104 5.22 -5.72 30.74
C GLN B 104 4.85 -5.36 29.30
N VAL B 105 3.67 -5.79 28.86
CA VAL B 105 3.23 -5.58 27.48
C VAL B 105 2.44 -4.27 27.41
N GLU B 106 2.88 -3.35 26.55
CA GLU B 106 2.24 -2.05 26.44
C GLU B 106 1.11 -2.03 25.42
N SER B 107 1.29 -2.61 24.23
CA SER B 107 0.24 -2.57 23.21
C SER B 107 0.48 -3.64 22.16
N LEU B 108 -0.58 -3.95 21.41
CA LEU B 108 -0.52 -4.74 20.20
C LEU B 108 -0.79 -3.82 19.02
N ASP B 109 0.19 -3.69 18.14
CA ASP B 109 0.18 -2.61 17.16
C ASP B 109 -0.53 -2.96 15.86
N SER B 110 -0.37 -4.17 15.35
CA SER B 110 -0.99 -4.55 14.07
C SER B 110 -0.89 -6.06 13.90
N ILE B 111 -1.63 -6.57 12.93
CA ILE B 111 -1.58 -7.98 12.54
C ILE B 111 -1.81 -8.08 11.03
N SER B 112 -1.08 -8.99 10.39
CA SER B 112 -1.15 -9.19 8.94
C SER B 112 -1.53 -10.63 8.66
N GLU B 113 -2.70 -10.83 8.07
CA GLU B 113 -3.17 -12.18 7.81
C GLU B 113 -2.51 -12.83 6.60
N VAL B 114 -2.19 -12.04 5.57
CA VAL B 114 -1.55 -12.61 4.39
C VAL B 114 -0.11 -13.01 4.67
N ASP B 115 0.64 -12.16 5.38
CA ASP B 115 2.03 -12.47 5.70
C ASP B 115 2.19 -13.27 6.99
N MET B 116 1.11 -13.44 7.77
CA MET B 116 1.10 -14.25 8.99
C MET B 116 2.14 -13.79 10.01
N ASP B 117 1.92 -12.58 10.55
CA ASP B 117 2.76 -12.06 11.63
C ASP B 117 1.99 -11.02 12.44
N PHE B 118 2.56 -10.62 13.58
CA PHE B 118 1.99 -9.61 14.48
C PHE B 118 3.10 -8.76 15.09
N THR B 119 2.73 -7.57 15.58
CA THR B 119 3.68 -6.58 16.13
C THR B 119 3.27 -6.15 17.53
N MET B 120 4.25 -6.08 18.44
CA MET B 120 4.03 -5.78 19.86
C MET B 120 5.11 -4.83 20.39
N THR B 121 4.72 -3.99 21.37
CA THR B 121 5.63 -3.09 22.09
C THR B 121 5.62 -3.43 23.58
N LEU B 122 6.80 -3.54 24.21
CA LEU B 122 6.90 -4.05 25.57
C LEU B 122 8.12 -3.49 26.31
N TYR B 123 8.12 -3.68 27.63
CA TYR B 123 9.26 -3.42 28.51
C TYR B 123 9.88 -4.75 28.94
N LEU B 124 11.21 -4.86 28.81
CA LEU B 124 11.96 -6.05 29.19
C LEU B 124 12.92 -5.73 30.34
N ARG B 125 12.86 -6.51 31.42
CA ARG B 125 13.64 -6.25 32.62
C ARG B 125 14.45 -7.49 33.04
N HIS B 126 15.71 -7.29 33.43
CA HIS B 126 16.64 -8.36 33.81
C HIS B 126 17.16 -8.16 35.24
N TYR B 127 17.39 -9.25 35.96
CA TYR B 127 17.92 -9.22 37.32
C TYR B 127 19.06 -10.24 37.47
N TRP B 128 20.21 -9.78 37.98
CA TRP B 128 21.33 -10.66 38.31
C TRP B 128 22.27 -9.94 39.28
N LYS B 129 23.23 -10.69 39.82
CA LYS B 129 24.19 -10.18 40.79
C LYS B 129 25.62 -10.29 40.25
N ASP B 130 26.44 -9.27 40.51
CA ASP B 130 27.84 -9.25 40.10
C ASP B 130 28.66 -8.59 41.18
N GLU B 131 29.49 -9.37 41.87
CA GLU B 131 30.30 -8.84 42.98
C GLU B 131 31.35 -7.83 42.52
N ARG B 132 31.73 -7.83 41.24
CA ARG B 132 32.72 -6.88 40.76
C ARG B 132 32.20 -5.44 40.74
N LEU B 133 30.90 -5.24 40.81
CA LEU B 133 30.31 -3.91 40.76
C LEU B 133 29.98 -3.35 42.14
N SER B 134 30.29 -4.08 43.21
CA SER B 134 30.02 -3.60 44.56
C SER B 134 30.87 -2.36 44.87
N PHE B 135 30.29 -1.42 45.61
CA PHE B 135 30.96 -0.18 45.97
C PHE B 135 30.65 0.17 47.42
N PRO B 136 31.58 0.86 48.10
CA PRO B 136 31.32 1.24 49.50
C PRO B 136 30.31 2.36 49.59
N SER B 137 29.54 2.35 50.68
CA SER B 137 28.54 3.37 50.92
C SER B 137 28.31 3.52 52.41
N THR B 138 28.05 4.75 52.83
CA THR B 138 27.69 5.04 54.21
C THR B 138 26.19 5.01 54.43
N ASN B 139 25.44 4.63 53.40
CA ASN B 139 24.00 4.55 53.42
C ASN B 139 23.60 3.40 52.50
N ASN B 140 22.32 3.30 52.21
CA ASN B 140 21.82 2.23 51.36
C ASN B 140 21.23 2.75 50.06
N LEU B 141 21.79 3.83 49.53
CA LEU B 141 21.32 4.41 48.27
C LEU B 141 22.02 3.76 47.08
N SER B 142 21.27 3.59 46.00
CA SER B 142 21.79 3.01 44.77
C SER B 142 22.14 4.10 43.75
N MET B 143 22.89 3.70 42.74
CA MET B 143 23.33 4.61 41.68
C MET B 143 22.70 4.21 40.35
N THR B 144 22.27 5.20 39.57
CA THR B 144 21.53 5.00 38.33
C THR B 144 22.30 5.57 37.15
N PHE B 145 22.34 4.81 36.05
CA PHE B 145 23.05 5.19 34.85
C PHE B 145 22.17 4.97 33.63
N ASP B 146 22.49 5.66 32.53
CA ASP B 146 21.81 5.47 31.26
C ASP B 146 22.60 4.51 30.38
N GLY B 147 22.25 4.46 29.09
CA GLY B 147 22.78 3.47 28.17
C GLY B 147 24.26 3.56 27.88
N ARG B 148 24.93 4.67 28.22
CA ARG B 148 26.33 4.82 27.90
C ARG B 148 27.23 3.88 28.71
N LEU B 149 26.78 3.45 29.89
CA LEU B 149 27.56 2.54 30.72
C LEU B 149 27.51 1.09 30.21
N VAL B 150 26.52 0.76 29.38
CA VAL B 150 26.33 -0.64 28.98
C VAL B 150 27.54 -1.18 28.25
N LYS B 151 28.20 -0.35 27.44
CA LYS B 151 29.37 -0.81 26.68
C LYS B 151 30.59 -1.05 27.56
N LYS B 152 30.56 -0.67 28.83
CA LYS B 152 31.73 -0.82 29.69
C LYS B 152 31.67 -2.01 30.62
N ILE B 153 30.51 -2.68 30.75
CA ILE B 153 30.35 -3.81 31.65
C ILE B 153 29.73 -4.97 30.89
N TRP B 154 29.66 -6.12 31.56
CA TRP B 154 29.01 -7.31 31.00
C TRP B 154 27.51 -7.26 31.24
N VAL B 155 26.73 -7.56 30.21
CA VAL B 155 25.28 -7.69 30.30
C VAL B 155 24.83 -8.92 29.51
N PRO B 156 23.68 -9.50 29.86
CA PRO B 156 23.15 -10.65 29.09
C PRO B 156 22.70 -10.29 27.68
N ASP B 157 22.88 -11.25 26.76
CA ASP B 157 22.60 -11.06 25.32
C ASP B 157 21.30 -11.74 24.87
N MET B 158 20.16 -11.24 25.29
CA MET B 158 18.89 -11.84 24.88
C MET B 158 18.50 -11.43 23.46
N PHE B 159 17.81 -12.33 22.75
CA PHE B 159 17.27 -12.05 21.41
C PHE B 159 15.92 -12.78 21.23
N PHE B 160 15.14 -12.34 20.26
CA PHE B 160 13.80 -12.87 20.01
C PHE B 160 13.83 -13.90 18.88
N VAL B 161 13.41 -15.13 19.20
CA VAL B 161 13.45 -16.24 18.25
C VAL B 161 12.25 -16.13 17.30
N HIS B 162 12.48 -16.44 16.03
CA HIS B 162 11.44 -16.41 14.98
C HIS B 162 10.89 -15.01 14.75
N SER B 163 11.71 -13.97 14.86
CA SER B 163 11.26 -12.62 14.57
C SER B 163 11.72 -12.19 13.18
N LYS B 164 11.01 -11.21 12.63
CA LYS B 164 11.33 -10.66 11.32
C LYS B 164 12.05 -9.32 11.37
N ARG B 165 11.78 -8.50 12.38
CA ARG B 165 12.43 -7.19 12.54
C ARG B 165 12.14 -6.65 13.95
N SER B 166 13.03 -5.81 14.46
CA SER B 166 12.87 -5.23 15.79
C SER B 166 13.81 -4.02 15.96
N PHE B 167 13.50 -3.16 16.94
CA PHE B 167 14.37 -2.01 17.24
C PHE B 167 14.10 -1.52 18.66
N ILE B 168 15.06 -0.76 19.19
CA ILE B 168 15.00 -0.14 20.52
C ILE B 168 14.71 1.35 20.35
N HIS B 169 13.72 1.86 21.09
CA HIS B 169 13.31 3.26 20.97
C HIS B 169 14.40 4.22 21.47
N ASP B 170 14.54 5.36 20.79
CA ASP B 170 15.66 6.26 21.09
C ASP B 170 15.30 7.76 21.12
N THR B 171 14.06 8.11 21.45
CA THR B 171 13.65 9.51 21.59
C THR B 171 13.16 9.75 23.02
N THR B 172 13.65 10.81 23.67
CA THR B 172 14.61 11.78 23.14
C THR B 172 16.05 11.30 23.25
N THR B 173 16.27 10.23 24.01
CA THR B 173 17.55 9.53 24.04
C THR B 173 17.23 8.03 24.14
N ASP B 174 18.27 7.20 24.17
CA ASP B 174 18.05 5.75 24.24
C ASP B 174 17.27 5.39 25.51
N ASN B 175 16.20 4.60 25.33
CA ASN B 175 15.31 4.23 26.43
C ASN B 175 15.86 3.01 27.18
N VAL B 176 16.99 3.22 27.87
CA VAL B 176 17.73 2.19 28.58
C VAL B 176 18.12 2.71 29.97
N MET B 177 18.02 1.85 30.98
CA MET B 177 18.33 2.22 32.36
C MET B 177 19.10 1.11 33.07
N LEU B 178 20.04 1.49 33.93
CA LEU B 178 20.78 0.57 34.79
C LEU B 178 20.77 1.10 36.22
N ARG B 179 20.44 0.25 37.19
CA ARG B 179 20.46 0.57 38.61
C ARG B 179 21.32 -0.45 39.34
N VAL B 180 22.27 0.02 40.14
CA VAL B 180 23.24 -0.84 40.82
C VAL B 180 23.12 -0.63 42.33
N GLN B 181 22.92 -1.71 43.07
CA GLN B 181 22.86 -1.69 44.52
C GLN B 181 24.26 -1.73 45.12
N PRO B 182 24.42 -1.29 46.37
CA PRO B 182 25.76 -1.35 46.99
C PRO B 182 26.39 -2.72 47.03
N ASP B 183 25.61 -3.80 47.09
CA ASP B 183 26.12 -5.15 47.17
C ASP B 183 26.31 -5.81 45.80
N GLY B 184 26.02 -5.11 44.71
CA GLY B 184 26.25 -5.63 43.38
C GLY B 184 25.06 -6.19 42.64
N LYS B 185 23.84 -6.03 43.17
CA LYS B 185 22.64 -6.42 42.44
C LYS B 185 22.31 -5.39 41.35
N VAL B 186 21.88 -5.88 40.20
CA VAL B 186 21.70 -5.06 39.00
C VAL B 186 20.29 -5.24 38.45
N LEU B 187 19.65 -4.14 38.05
CA LEU B 187 18.42 -4.14 37.26
C LEU B 187 18.68 -3.48 35.90
N TYR B 188 18.26 -4.14 34.83
CA TYR B 188 18.51 -3.71 33.45
C TYR B 188 17.18 -3.68 32.69
N SER B 189 16.79 -2.48 32.22
CA SER B 189 15.46 -2.24 31.68
C SER B 189 15.53 -1.50 30.34
N LEU B 190 14.73 -1.95 29.36
CA LEU B 190 14.69 -1.29 28.06
C LEU B 190 13.34 -1.50 27.37
N ARG B 191 13.02 -0.58 26.45
CA ARG B 191 11.75 -0.54 25.75
C ARG B 191 11.94 -0.88 24.27
N VAL B 192 11.20 -1.86 23.75
CA VAL B 192 11.44 -2.45 22.44
C VAL B 192 10.13 -2.73 21.69
N THR B 193 10.21 -2.74 20.35
CA THR B 193 9.12 -3.13 19.46
C THR B 193 9.58 -4.26 18.55
N VAL B 194 8.75 -5.30 18.41
CA VAL B 194 9.14 -6.53 17.70
C VAL B 194 8.00 -7.02 16.80
N THR B 195 8.36 -7.55 15.63
CA THR B 195 7.44 -8.23 14.71
C THR B 195 7.81 -9.71 14.64
N ALA B 196 6.84 -10.59 14.91
CA ALA B 196 7.07 -12.02 15.02
C ALA B 196 6.12 -12.83 14.16
N MET B 197 6.58 -14.00 13.71
CA MET B 197 5.79 -14.86 12.83
C MET B 197 4.75 -15.66 13.60
N CYS B 198 3.66 -15.99 12.91
CA CYS B 198 2.59 -16.76 13.50
C CYS B 198 1.85 -17.53 12.40
N ASN B 199 2.08 -18.84 12.33
CA ASN B 199 1.40 -19.67 11.35
C ASN B 199 -0.10 -19.78 11.66
N MET B 200 -0.93 -19.53 10.66
CA MET B 200 -2.38 -19.50 10.81
C MET B 200 -3.03 -20.52 9.87
N ASP B 201 -4.21 -20.98 10.26
CA ASP B 201 -4.99 -21.95 9.48
C ASP B 201 -6.39 -21.40 9.29
N PHE B 202 -6.78 -21.18 8.05
CA PHE B 202 -8.06 -20.56 7.71
C PHE B 202 -9.10 -21.54 7.19
N SER B 203 -8.94 -22.84 7.46
CA SER B 203 -9.88 -23.83 6.94
C SER B 203 -11.30 -23.61 7.45
N ARG B 204 -11.46 -23.20 8.71
CA ARG B 204 -12.76 -23.07 9.34
C ARG B 204 -13.28 -21.62 9.34
N PHE B 205 -12.66 -20.73 8.58
CA PHE B 205 -13.07 -19.33 8.52
C PHE B 205 -14.56 -19.23 8.14
N PRO B 206 -15.34 -18.35 8.81
CA PRO B 206 -14.96 -17.39 9.85
C PRO B 206 -15.05 -17.88 11.29
N LEU B 207 -15.10 -19.20 11.51
CA LEU B 207 -15.22 -19.76 12.84
C LEU B 207 -13.89 -20.33 13.35
N ASP B 208 -12.78 -19.82 12.85
CA ASP B 208 -11.46 -20.30 13.22
C ASP B 208 -10.97 -19.67 14.51
N THR B 209 -10.03 -20.35 15.16
CA THR B 209 -9.33 -19.87 16.36
C THR B 209 -7.83 -20.00 16.13
N GLN B 210 -7.06 -18.98 16.54
CA GLN B 210 -5.62 -18.94 16.33
C GLN B 210 -4.88 -18.80 17.66
N THR B 211 -3.70 -19.42 17.75
CA THR B 211 -2.83 -19.29 18.91
C THR B 211 -1.46 -18.77 18.47
N CYS B 212 -0.92 -17.81 19.23
CA CYS B 212 0.31 -17.12 18.88
C CYS B 212 1.26 -17.12 20.09
N SER B 213 2.55 -16.89 19.82
CA SER B 213 3.54 -16.86 20.88
C SER B 213 4.73 -15.97 20.52
N LEU B 214 5.39 -15.45 21.56
CA LEU B 214 6.65 -14.72 21.45
C LEU B 214 7.69 -15.42 22.31
N GLU B 215 8.90 -15.61 21.77
CA GLU B 215 9.92 -16.46 22.38
C GLU B 215 11.22 -15.69 22.62
N ILE B 216 11.86 -15.94 23.77
CA ILE B 216 13.06 -15.24 24.23
C ILE B 216 14.14 -16.27 24.57
N GLU B 217 15.37 -16.01 24.12
CA GLU B 217 16.48 -16.95 24.26
C GLU B 217 17.83 -16.20 24.27
N SER B 218 18.83 -16.81 24.89
CA SER B 218 20.21 -16.31 24.83
C SER B 218 20.89 -16.70 23.52
N TYR B 219 21.65 -15.76 22.94
CA TYR B 219 22.29 -16.06 21.66
C TYR B 219 23.50 -16.98 21.82
N ALA B 220 24.37 -16.72 22.78
CA ALA B 220 25.69 -17.36 22.80
C ALA B 220 25.99 -18.23 24.02
N TYR B 221 25.16 -18.24 25.06
CA TYR B 221 25.47 -18.96 26.29
C TYR B 221 24.53 -20.15 26.46
N THR B 222 25.09 -21.34 26.62
CA THR B 222 24.32 -22.54 26.88
C THR B 222 23.90 -22.60 28.35
N GLU B 223 23.07 -23.56 28.68
CA GLU B 223 22.55 -23.71 30.05
C GLU B 223 23.64 -24.05 31.06
N ASP B 224 24.83 -24.45 30.62
CA ASP B 224 25.92 -24.67 31.54
C ASP B 224 26.56 -23.37 32.02
N ASP B 225 26.41 -22.28 31.28
CA ASP B 225 26.99 -21.00 31.63
C ASP B 225 25.96 -19.97 32.11
N LEU B 226 24.71 -20.02 31.61
CA LEU B 226 23.70 -19.04 31.95
C LEU B 226 22.36 -19.75 32.13
N MET B 227 21.71 -19.55 33.27
CA MET B 227 20.43 -20.17 33.59
C MET B 227 19.33 -19.12 33.56
N LEU B 228 18.46 -19.19 32.56
CA LEU B 228 17.41 -18.19 32.32
C LEU B 228 16.06 -18.71 32.80
N TYR B 229 15.34 -17.91 33.58
CA TYR B 229 14.07 -18.32 34.17
C TYR B 229 13.15 -17.11 34.41
N TRP B 230 11.86 -17.39 34.58
CA TRP B 230 10.88 -16.36 34.93
C TRP B 230 11.04 -16.02 36.41
N LYS B 231 11.19 -14.72 36.71
CA LYS B 231 11.57 -14.32 38.07
C LYS B 231 10.51 -14.69 39.10
N LYS B 232 9.23 -14.48 38.79
CA LYS B 232 8.15 -14.72 39.75
C LYS B 232 7.09 -15.67 39.17
N GLY B 233 7.49 -16.63 38.34
CA GLY B 233 6.54 -17.57 37.77
C GLY B 233 5.52 -16.87 36.87
N ASN B 234 4.24 -17.17 37.08
CA ASN B 234 3.17 -16.58 36.28
C ASN B 234 2.87 -15.14 36.67
N ASP B 235 3.41 -14.66 37.79
CA ASP B 235 3.24 -13.26 38.17
C ASP B 235 4.23 -12.34 37.47
N SER B 236 5.10 -12.88 36.61
CA SER B 236 6.10 -12.09 35.92
C SER B 236 5.57 -11.38 34.68
N LEU B 237 4.33 -11.66 34.27
CA LEU B 237 3.75 -11.10 33.06
C LEU B 237 2.60 -10.17 33.42
N LYS B 238 2.66 -8.92 32.96
CA LYS B 238 1.60 -7.94 33.12
C LYS B 238 1.19 -7.40 31.75
N THR B 239 -0.10 -7.11 31.60
CA THR B 239 -0.63 -6.57 30.35
C THR B 239 -1.45 -5.32 30.61
N ASP B 240 -1.45 -4.41 29.64
CA ASP B 240 -2.17 -3.15 29.75
C ASP B 240 -3.68 -3.35 29.76
N GLU B 241 -4.38 -2.54 30.54
CA GLU B 241 -5.82 -2.70 30.71
C GLU B 241 -6.61 -2.44 29.43
N ARG B 242 -6.06 -1.69 28.47
CA ARG B 242 -6.79 -1.29 27.28
C ARG B 242 -6.20 -1.89 26.01
N ILE B 243 -5.55 -3.05 26.12
CA ILE B 243 -4.99 -3.70 24.94
C ILE B 243 -6.11 -4.23 24.06
N SER B 244 -6.04 -3.95 22.76
CA SER B 244 -7.11 -4.35 21.86
C SER B 244 -6.62 -4.39 20.43
N LEU B 245 -7.34 -5.14 19.60
CA LEU B 245 -7.15 -5.19 18.16
C LEU B 245 -8.50 -4.90 17.49
N SER B 246 -8.43 -4.32 16.30
CA SER B 246 -9.66 -3.86 15.65
C SER B 246 -10.57 -5.03 15.25
N GLN B 247 -10.02 -6.08 14.64
CA GLN B 247 -10.84 -7.17 14.11
C GLN B 247 -10.80 -8.46 14.93
N PHE B 248 -10.14 -8.48 16.10
CA PHE B 248 -10.04 -9.70 16.89
C PHE B 248 -10.36 -9.45 18.37
N LEU B 249 -10.77 -10.51 19.05
CA LEU B 249 -10.83 -10.55 20.52
C LEU B 249 -9.63 -11.32 21.05
N ILE B 250 -9.05 -10.83 22.15
CA ILE B 250 -7.80 -11.35 22.71
C ILE B 250 -8.08 -11.93 24.09
N GLN B 251 -7.57 -13.13 24.36
CA GLN B 251 -7.82 -13.79 25.65
C GLN B 251 -6.66 -14.72 26.03
N GLU B 252 -6.60 -15.02 27.32
CA GLU B 252 -5.80 -16.12 27.89
C GLU B 252 -4.29 -15.92 27.71
N PHE B 253 -3.73 -14.86 28.30
CA PHE B 253 -2.27 -14.69 28.38
C PHE B 253 -1.70 -15.60 29.47
N HIS B 254 -0.59 -16.27 29.17
CA HIS B 254 0.14 -17.05 30.15
C HIS B 254 1.56 -17.35 29.63
N THR B 255 2.41 -17.84 30.53
CA THR B 255 3.81 -18.12 30.23
C THR B 255 4.15 -19.61 30.39
N THR B 256 5.16 -20.07 29.63
CA THR B 256 5.73 -21.41 29.73
C THR B 256 7.23 -21.35 29.47
N THR B 257 7.92 -22.48 29.71
CA THR B 257 9.35 -22.65 29.44
C THR B 257 9.61 -24.02 28.83
N LYS B 258 10.70 -24.12 28.04
CA LYS B 258 11.08 -25.37 27.41
C LYS B 258 12.54 -25.33 26.97
N LEU B 259 13.21 -26.48 26.99
CA LEU B 259 14.60 -26.61 26.57
C LEU B 259 14.69 -26.91 25.08
N ALA B 260 15.63 -26.24 24.40
CA ALA B 260 15.87 -26.41 22.97
C ALA B 260 17.28 -26.89 22.71
N PHE B 261 17.45 -27.68 21.65
CA PHE B 261 18.74 -28.29 21.32
C PHE B 261 19.23 -27.81 19.96
N TYR B 262 20.49 -27.40 19.90
CA TYR B 262 21.17 -27.05 18.66
C TYR B 262 22.37 -27.98 18.48
N SER B 263 22.44 -28.64 17.34
CA SER B 263 23.56 -29.55 17.10
C SER B 263 24.89 -28.81 17.01
N SER B 264 24.88 -27.52 16.67
CA SER B 264 26.13 -26.78 16.57
C SER B 264 26.73 -26.47 17.94
N THR B 265 25.91 -26.20 18.95
CA THR B 265 26.48 -25.76 20.23
C THR B 265 25.90 -26.38 21.49
N GLY B 266 24.68 -26.90 21.51
CA GLY B 266 24.20 -27.54 22.72
C GLY B 266 22.79 -27.14 23.13
N TRP B 267 22.47 -27.23 24.43
CA TRP B 267 21.14 -27.01 24.97
C TRP B 267 20.96 -25.58 25.50
N TYR B 268 19.79 -25.00 25.25
CA TYR B 268 19.47 -23.64 25.66
C TYR B 268 18.07 -23.58 26.29
N ASN B 269 17.90 -22.68 27.26
CA ASN B 269 16.59 -22.38 27.85
C ASN B 269 15.81 -21.39 26.99
N ARG B 270 14.52 -21.66 26.79
CA ARG B 270 13.64 -20.80 26.00
C ARG B 270 12.37 -20.46 26.79
N LEU B 271 11.96 -19.19 26.76
CA LEU B 271 10.76 -18.70 27.44
C LEU B 271 9.69 -18.30 26.43
N TYR B 272 8.42 -18.50 26.80
CA TYR B 272 7.28 -18.29 25.90
C TYR B 272 6.20 -17.41 26.53
N ILE B 273 5.58 -16.57 25.70
CA ILE B 273 4.38 -15.80 26.04
C ILE B 273 3.27 -16.19 25.06
N ASN B 274 2.16 -16.71 25.58
CA ASN B 274 1.09 -17.31 24.76
C ASN B 274 -0.22 -16.55 24.90
N PHE B 275 -1.00 -16.46 23.80
CA PHE B 275 -2.33 -15.86 23.81
C PHE B 275 -3.15 -16.38 22.62
N THR B 276 -4.47 -16.12 22.65
CA THR B 276 -5.46 -16.66 21.71
C THR B 276 -6.31 -15.54 21.10
N LEU B 277 -6.71 -15.73 19.83
CA LEU B 277 -7.51 -14.76 19.08
C LEU B 277 -8.81 -15.36 18.55
N ARG B 278 -9.90 -14.58 18.57
CA ARG B 278 -11.21 -14.98 18.04
C ARG B 278 -11.86 -13.82 17.29
N ARG B 279 -12.78 -14.16 16.36
CA ARG B 279 -13.51 -13.18 15.55
C ARG B 279 -14.91 -12.90 16.12
N HIS B 280 -15.57 -11.88 15.55
CA HIS B 280 -16.96 -11.53 15.88
C HIS B 280 -17.89 -12.28 14.91
N ILE B 281 -18.54 -13.33 15.39
CA ILE B 281 -19.28 -14.24 14.50
C ILE B 281 -20.51 -13.56 13.88
N PHE B 282 -21.24 -12.75 14.66
CA PHE B 282 -22.53 -12.23 14.19
C PHE B 282 -22.38 -11.29 13.01
N PHE B 283 -21.30 -10.51 12.96
CA PHE B 283 -21.05 -9.67 11.81
C PHE B 283 -20.95 -10.50 10.53
N PHE B 284 -20.19 -11.59 10.58
CA PHE B 284 -20.04 -12.43 9.39
C PHE B 284 -21.33 -13.16 9.03
N LEU B 285 -22.09 -13.60 10.04
CA LEU B 285 -23.37 -14.24 9.75
C LEU B 285 -24.28 -13.29 8.98
N LEU B 286 -24.44 -12.06 9.50
CA LEU B 286 -25.31 -11.08 8.86
C LEU B 286 -24.81 -10.68 7.48
N GLN B 287 -23.50 -10.53 7.31
CA GLN B 287 -22.96 -10.05 6.04
C GLN B 287 -22.96 -11.13 4.95
N THR B 288 -22.80 -12.40 5.30
CA THR B 288 -22.64 -13.41 4.28
C THR B 288 -23.76 -14.44 4.24
N TYR B 289 -24.07 -15.08 5.37
CA TYR B 289 -24.97 -16.22 5.31
C TYR B 289 -26.41 -15.79 5.07
N PHE B 290 -26.80 -14.61 5.59
CA PHE B 290 -28.18 -14.12 5.47
C PHE B 290 -28.61 -13.88 4.03
N PRO B 291 -27.91 -13.06 3.22
CA PRO B 291 -28.37 -12.82 1.84
C PRO B 291 -28.47 -14.06 0.98
N ALA B 292 -27.53 -15.00 1.12
CA ALA B 292 -27.55 -16.21 0.30
C ALA B 292 -28.78 -17.06 0.60
N THR B 293 -29.11 -17.23 1.88
CA THR B 293 -30.32 -17.95 2.26
C THR B 293 -31.57 -17.23 1.74
N LEU B 294 -31.59 -15.90 1.81
CA LEU B 294 -32.73 -15.15 1.29
C LEU B 294 -32.92 -15.37 -0.21
N MET B 295 -31.81 -15.37 -0.97
CA MET B 295 -31.94 -15.57 -2.41
C MET B 295 -32.38 -16.99 -2.75
N VAL B 296 -31.89 -17.99 -2.01
CA VAL B 296 -32.37 -19.35 -2.22
C VAL B 296 -33.87 -19.45 -1.95
N MET B 297 -34.34 -18.81 -0.87
CA MET B 297 -35.78 -18.83 -0.61
C MET B 297 -36.57 -18.08 -1.69
N LEU B 298 -36.00 -17.02 -2.24
CA LEU B 298 -36.66 -16.27 -3.30
C LEU B 298 -36.81 -17.11 -4.57
N SER B 299 -35.84 -17.98 -4.86
CA SER B 299 -35.95 -18.79 -6.07
C SER B 299 -37.10 -19.79 -6.00
N TRP B 300 -37.62 -20.09 -4.81
CA TRP B 300 -38.72 -21.05 -4.69
C TRP B 300 -40.09 -20.45 -5.03
N VAL B 301 -40.19 -19.13 -5.20
CA VAL B 301 -41.47 -18.48 -5.48
C VAL B 301 -42.01 -18.93 -6.82
N SER B 302 -41.14 -19.19 -7.79
CA SER B 302 -41.58 -19.57 -9.12
C SER B 302 -42.41 -20.85 -9.14
N PHE B 303 -42.29 -21.70 -8.12
CA PHE B 303 -43.05 -22.95 -8.10
C PHE B 303 -44.54 -22.71 -7.89
N TRP B 304 -44.94 -21.53 -7.43
CA TRP B 304 -46.34 -21.20 -7.19
C TRP B 304 -46.94 -20.29 -8.26
N ILE B 305 -46.20 -19.98 -9.33
CA ILE B 305 -46.66 -19.11 -10.41
C ILE B 305 -47.21 -19.95 -11.54
N ASP B 306 -48.26 -19.46 -12.19
CA ASP B 306 -48.90 -20.13 -13.32
C ASP B 306 -47.89 -20.50 -14.40
N ARG B 307 -47.88 -21.78 -14.78
CA ARG B 307 -46.92 -22.27 -15.77
C ARG B 307 -47.15 -21.70 -17.17
N ARG B 308 -48.32 -21.13 -17.44
CA ARG B 308 -48.58 -20.53 -18.74
C ARG B 308 -47.94 -19.15 -18.88
N ALA B 309 -47.48 -18.54 -17.80
CA ALA B 309 -46.86 -17.22 -17.85
C ALA B 309 -45.35 -17.35 -18.06
N VAL B 310 -44.98 -17.77 -19.28
CA VAL B 310 -43.56 -17.93 -19.62
C VAL B 310 -42.77 -16.63 -19.51
N PRO B 311 -43.24 -15.49 -20.06
CA PRO B 311 -42.47 -14.24 -19.93
C PRO B 311 -42.33 -13.73 -18.51
N ALA B 312 -43.01 -14.34 -17.54
CA ALA B 312 -42.76 -14.04 -16.14
C ALA B 312 -41.84 -15.06 -15.48
N ARG B 313 -41.97 -16.36 -15.82
CA ARG B 313 -41.17 -17.38 -15.17
C ARG B 313 -39.70 -17.32 -15.58
N VAL B 314 -39.41 -17.11 -16.87
CA VAL B 314 -38.02 -17.18 -17.32
C VAL B 314 -37.15 -16.04 -16.77
N PRO B 315 -37.52 -14.77 -16.97
CA PRO B 315 -36.67 -13.67 -16.49
C PRO B 315 -36.42 -13.72 -14.99
N LEU B 316 -37.38 -14.21 -14.21
CA LEU B 316 -37.21 -14.29 -12.77
C LEU B 316 -36.03 -15.21 -12.41
N GLY B 317 -35.99 -16.41 -13.02
CA GLY B 317 -34.89 -17.32 -12.75
C GLY B 317 -33.54 -16.77 -13.18
N ILE B 318 -33.47 -16.21 -14.39
CA ILE B 318 -32.17 -15.74 -14.85
C ILE B 318 -31.68 -14.55 -14.00
N THR B 319 -32.61 -13.68 -13.59
CA THR B 319 -32.22 -12.54 -12.75
C THR B 319 -31.79 -12.99 -11.37
N THR B 320 -32.42 -14.03 -10.81
CA THR B 320 -31.98 -14.57 -9.53
C THR B 320 -30.54 -15.11 -9.63
N VAL B 321 -30.23 -15.78 -10.73
CA VAL B 321 -28.85 -16.26 -10.94
C VAL B 321 -27.87 -15.09 -10.98
N LEU B 322 -28.22 -14.03 -11.72
CA LEU B 322 -27.34 -12.85 -11.79
C LEU B 322 -27.11 -12.24 -10.40
N THR B 323 -28.19 -12.12 -9.60
CA THR B 323 -28.06 -11.53 -8.27
C THR B 323 -27.14 -12.35 -7.38
N MET B 324 -27.30 -13.69 -7.38
CA MET B 324 -26.44 -14.53 -6.57
C MET B 324 -24.98 -14.42 -7.00
N SER B 325 -24.73 -14.33 -8.31
CA SER B 325 -23.36 -14.16 -8.78
C SER B 325 -22.74 -12.86 -8.28
N THR B 326 -23.51 -11.75 -8.34
CA THR B 326 -22.95 -10.49 -7.86
C THR B 326 -22.69 -10.52 -6.35
N ILE B 327 -23.54 -11.22 -5.60
CA ILE B 327 -23.30 -11.35 -4.16
C ILE B 327 -21.99 -12.10 -3.90
N ILE B 328 -21.77 -13.21 -4.59
CA ILE B 328 -20.55 -14.00 -4.36
C ILE B 328 -19.31 -13.20 -4.74
N THR B 329 -19.36 -12.47 -5.86
CA THR B 329 -18.20 -11.66 -6.24
C THR B 329 -17.91 -10.59 -5.19
N GLY B 330 -18.96 -9.92 -4.69
CA GLY B 330 -18.75 -8.92 -3.66
C GLY B 330 -18.16 -9.50 -2.38
N VAL B 331 -18.62 -10.68 -1.99
CA VAL B 331 -18.10 -11.31 -0.78
C VAL B 331 -16.64 -11.68 -0.96
N ASN B 332 -16.28 -12.23 -2.12
CA ASN B 332 -14.88 -12.57 -2.37
C ASN B 332 -14.00 -11.33 -2.31
N ALA B 333 -14.51 -10.18 -2.75
CA ALA B 333 -13.67 -8.99 -2.76
C ALA B 333 -13.31 -8.48 -1.37
N SER B 334 -14.02 -8.89 -0.32
CA SER B 334 -13.83 -8.30 1.01
C SER B 334 -13.13 -9.22 2.01
N MET B 335 -12.78 -10.43 1.65
CA MET B 335 -12.07 -11.31 2.56
C MET B 335 -10.56 -11.24 2.32
N PRO B 336 -9.75 -11.65 3.28
CA PRO B 336 -8.29 -11.68 3.05
C PRO B 336 -7.94 -12.65 1.93
N ARG B 337 -6.95 -12.27 1.12
CA ARG B 337 -6.61 -12.99 -0.10
C ARG B 337 -5.83 -14.26 0.24
N VAL B 338 -6.57 -15.29 0.68
CA VAL B 338 -6.02 -16.60 0.98
C VAL B 338 -6.58 -17.59 -0.04
N SER B 339 -5.69 -18.20 -0.81
CA SER B 339 -6.09 -18.99 -1.98
C SER B 339 -6.19 -20.48 -1.66
N TYR B 340 -7.12 -20.84 -0.79
CA TYR B 340 -7.54 -22.23 -0.63
C TYR B 340 -8.95 -22.24 -0.03
N ILE B 341 -9.55 -23.41 -0.04
CA ILE B 341 -11.00 -23.55 0.19
C ILE B 341 -11.32 -23.37 1.67
N LYS B 342 -12.29 -22.52 1.96
CA LYS B 342 -12.80 -22.25 3.30
C LYS B 342 -14.27 -22.60 3.41
N ALA B 343 -14.76 -22.70 4.65
CA ALA B 343 -16.12 -23.19 4.90
C ALA B 343 -17.18 -22.30 4.26
N VAL B 344 -16.99 -20.98 4.31
CA VAL B 344 -17.97 -20.05 3.76
C VAL B 344 -18.10 -20.21 2.25
N ASP B 345 -17.01 -20.57 1.57
CA ASP B 345 -17.06 -20.85 0.12
C ASP B 345 -17.93 -22.06 -0.17
N ILE B 346 -17.84 -23.10 0.66
CA ILE B 346 -18.69 -24.28 0.48
C ILE B 346 -20.16 -23.91 0.58
N TYR B 347 -20.52 -23.14 1.60
CA TYR B 347 -21.91 -22.71 1.76
C TYR B 347 -22.39 -21.92 0.54
N LEU B 348 -21.58 -20.95 0.08
CA LEU B 348 -22.01 -20.10 -1.03
C LEU B 348 -22.20 -20.88 -2.33
N TRP B 349 -21.28 -21.79 -2.65
CA TRP B 349 -21.39 -22.50 -3.92
C TRP B 349 -22.49 -23.55 -3.92
N VAL B 350 -22.79 -24.17 -2.76
CA VAL B 350 -23.96 -25.04 -2.67
C VAL B 350 -25.24 -24.25 -2.93
N SER B 351 -25.34 -23.04 -2.35
CA SER B 351 -26.50 -22.20 -2.59
C SER B 351 -26.65 -21.85 -4.07
N PHE B 352 -25.52 -21.56 -4.73
CA PHE B 352 -25.54 -21.25 -6.16
C PHE B 352 -26.08 -22.43 -6.98
N VAL B 353 -25.66 -23.65 -6.62
CA VAL B 353 -26.15 -24.85 -7.30
C VAL B 353 -27.66 -25.00 -7.14
N PHE B 354 -28.18 -24.74 -5.93
CA PHE B 354 -29.63 -24.79 -5.73
C PHE B 354 -30.36 -23.84 -6.68
N VAL B 355 -29.86 -22.61 -6.81
CA VAL B 355 -30.50 -21.62 -7.69
C VAL B 355 -30.49 -22.09 -9.16
N PHE B 356 -29.38 -22.68 -9.59
CA PHE B 356 -29.26 -23.20 -10.96
C PHE B 356 -30.27 -24.30 -11.22
N LEU B 357 -30.44 -25.24 -10.28
CA LEU B 357 -31.40 -26.32 -10.50
C LEU B 357 -32.84 -25.82 -10.61
N SER B 358 -33.18 -24.74 -9.91
CA SER B 358 -34.53 -24.18 -9.99
C SER B 358 -34.85 -23.67 -11.40
N VAL B 359 -33.85 -23.30 -12.17
CA VAL B 359 -34.13 -22.90 -13.55
C VAL B 359 -34.30 -24.11 -14.46
N LEU B 360 -33.49 -25.15 -14.26
CA LEU B 360 -33.65 -26.36 -15.06
C LEU B 360 -35.04 -26.96 -14.88
N GLU B 361 -35.61 -26.84 -13.67
CA GLU B 361 -36.93 -27.41 -13.41
C GLU B 361 -38.00 -26.82 -14.33
N TYR B 362 -38.03 -25.50 -14.48
CA TYR B 362 -39.04 -24.89 -15.31
C TYR B 362 -38.80 -25.16 -16.80
N ALA B 363 -37.53 -25.26 -17.21
CA ALA B 363 -37.26 -25.65 -18.58
C ALA B 363 -37.93 -26.98 -18.92
N ALA B 364 -37.79 -27.96 -18.03
CA ALA B 364 -38.42 -29.26 -18.27
C ALA B 364 -39.94 -29.15 -18.32
N VAL B 365 -40.53 -28.37 -17.41
CA VAL B 365 -41.98 -28.23 -17.36
C VAL B 365 -42.51 -27.63 -18.66
N ASN B 366 -41.86 -26.57 -19.14
CA ASN B 366 -42.32 -25.91 -20.36
C ASN B 366 -42.26 -26.83 -21.57
N TYR B 367 -41.15 -27.59 -21.70
CA TYR B 367 -41.04 -28.50 -22.83
C TYR B 367 -42.13 -29.56 -22.81
N LEU B 368 -42.39 -30.16 -21.64
CA LEU B 368 -43.40 -31.22 -21.58
C LEU B 368 -44.79 -30.69 -21.90
N THR B 369 -45.13 -29.49 -21.40
CA THR B 369 -46.44 -28.93 -21.70
C THR B 369 -46.61 -28.68 -23.19
N THR B 370 -45.58 -28.14 -23.84
CA THR B 370 -45.67 -27.89 -25.27
C THR B 370 -45.85 -29.19 -26.04
N VAL B 371 -45.13 -30.24 -25.64
CA VAL B 371 -45.28 -31.53 -26.31
C VAL B 371 -46.71 -32.03 -26.21
N GLN B 372 -47.31 -31.93 -25.02
CA GLN B 372 -48.65 -32.43 -24.83
C GLN B 372 -49.66 -31.66 -25.68
N GLU B 373 -49.53 -30.33 -25.72
CA GLU B 373 -50.48 -29.55 -26.50
C GLU B 373 -50.38 -29.87 -27.99
N ARG B 374 -49.15 -30.00 -28.50
CA ARG B 374 -48.98 -30.33 -29.90
C ARG B 374 -49.58 -31.71 -30.22
N LYS B 375 -49.36 -32.67 -29.34
CA LYS B 375 -49.92 -34.01 -29.55
C LYS B 375 -51.44 -33.97 -29.57
N GLU B 376 -52.05 -33.22 -28.65
CA GLU B 376 -53.50 -33.18 -28.61
C GLU B 376 -54.09 -32.55 -29.86
N GLN B 377 -53.49 -31.45 -30.34
CA GLN B 377 -54.01 -30.84 -31.54
C GLN B 377 -53.82 -31.74 -32.76
N LYS B 378 -52.68 -32.43 -32.82
CA LYS B 378 -52.44 -33.36 -33.93
C LYS B 378 -53.48 -34.48 -33.94
N LEU B 379 -53.81 -35.02 -32.77
CA LEU B 379 -54.84 -36.05 -32.69
C LEU B 379 -56.20 -35.52 -33.12
N ARG B 380 -56.55 -34.31 -32.69
CA ARG B 380 -57.83 -33.74 -33.08
C ARG B 380 -57.91 -33.52 -34.58
N ASP B 451 -54.70 -26.63 -14.42
CA ASP B 451 -54.20 -27.52 -13.39
C ASP B 451 -52.69 -27.38 -13.19
N THR B 452 -52.20 -27.90 -12.08
CA THR B 452 -50.78 -27.83 -11.74
C THR B 452 -50.07 -29.09 -12.24
N HIS B 453 -48.93 -28.90 -12.90
CA HIS B 453 -48.10 -30.01 -13.35
C HIS B 453 -47.48 -30.74 -12.14
N ALA B 454 -47.27 -32.05 -12.29
CA ALA B 454 -46.78 -32.86 -11.20
C ALA B 454 -45.39 -32.43 -10.71
N ILE B 455 -44.55 -31.94 -11.62
CA ILE B 455 -43.19 -31.55 -11.27
C ILE B 455 -43.20 -30.39 -10.29
N ASP B 456 -44.05 -29.38 -10.53
CA ASP B 456 -44.19 -28.27 -9.59
C ASP B 456 -44.65 -28.76 -8.22
N LYS B 457 -45.63 -29.68 -8.20
CA LYS B 457 -46.17 -30.19 -6.95
C LYS B 457 -45.10 -30.90 -6.13
N TYR B 458 -44.24 -31.70 -6.77
CA TYR B 458 -43.19 -32.36 -6.03
C TYR B 458 -42.08 -31.40 -5.62
N SER B 459 -41.72 -30.44 -6.49
CA SER B 459 -40.63 -29.51 -6.19
C SER B 459 -40.96 -28.64 -4.99
N ARG B 460 -42.24 -28.23 -4.86
CA ARG B 460 -42.67 -27.39 -3.74
C ARG B 460 -42.33 -28.04 -2.39
N ILE B 461 -42.26 -29.36 -2.34
CA ILE B 461 -41.90 -30.07 -1.12
C ILE B 461 -40.42 -30.43 -1.09
N ILE B 462 -39.88 -30.90 -2.22
CA ILE B 462 -38.56 -31.51 -2.21
C ILE B 462 -37.45 -30.47 -2.00
N PHE B 463 -37.55 -29.30 -2.64
CA PHE B 463 -36.46 -28.33 -2.53
C PHE B 463 -36.20 -27.87 -1.10
N PRO B 464 -37.18 -27.37 -0.34
CA PRO B 464 -36.90 -26.93 1.04
C PRO B 464 -36.38 -28.03 1.96
N ALA B 465 -36.88 -29.26 1.81
CA ALA B 465 -36.43 -30.34 2.69
C ALA B 465 -34.95 -30.66 2.46
N ALA B 466 -34.52 -30.68 1.20
CA ALA B 466 -33.11 -30.90 0.90
C ALA B 466 -32.24 -29.76 1.44
N TYR B 467 -32.71 -28.51 1.32
CA TYR B 467 -31.91 -27.40 1.85
C TYR B 467 -31.79 -27.47 3.37
N ILE B 468 -32.88 -27.85 4.06
CA ILE B 468 -32.84 -28.01 5.51
C ILE B 468 -31.87 -29.12 5.92
N LEU B 469 -31.89 -30.24 5.20
CA LEU B 469 -30.98 -31.33 5.51
C LEU B 469 -29.52 -30.91 5.32
N PHE B 470 -29.23 -30.18 4.24
CA PHE B 470 -27.88 -29.68 4.02
C PHE B 470 -27.45 -28.77 5.17
N ASN B 471 -28.34 -27.90 5.63
CA ASN B 471 -28.00 -27.02 6.74
C ASN B 471 -27.73 -27.80 8.02
N LEU B 472 -28.51 -28.84 8.30
CA LEU B 472 -28.27 -29.63 9.51
C LEU B 472 -26.90 -30.30 9.46
N ILE B 473 -26.55 -30.89 8.32
CA ILE B 473 -25.25 -31.54 8.21
C ILE B 473 -24.11 -30.52 8.32
N TYR B 474 -24.24 -29.39 7.62
CA TYR B 474 -23.19 -28.37 7.63
C TYR B 474 -22.93 -27.85 9.03
N TRP B 475 -23.99 -27.49 9.75
CA TRP B 475 -23.80 -26.90 11.07
C TRP B 475 -23.47 -27.95 12.13
N SER B 476 -23.75 -29.23 11.89
CA SER B 476 -23.21 -30.25 12.78
C SER B 476 -21.73 -30.49 12.54
N ILE B 477 -21.25 -30.27 11.32
CA ILE B 477 -19.83 -30.46 11.06
C ILE B 477 -19.01 -29.26 11.54
N PHE B 478 -19.43 -28.04 11.21
CA PHE B 478 -18.62 -26.87 11.46
C PHE B 478 -18.98 -26.14 12.75
N SER B 479 -19.80 -26.74 13.60
CA SER B 479 -20.23 -26.16 14.88
C SER B 479 -21.07 -24.91 14.71
N LYS C 74 43.11 -9.65 30.63
CA LYS C 74 42.35 -9.40 29.41
C LYS C 74 42.45 -10.57 28.46
N SER C 75 41.29 -11.06 27.99
CA SER C 75 41.28 -12.22 27.10
C SER C 75 41.85 -11.89 25.73
N GLU C 76 41.75 -10.62 25.31
CA GLU C 76 42.28 -10.22 24.00
C GLU C 76 43.79 -10.13 24.00
N GLN C 77 44.45 -10.26 25.16
CA GLN C 77 45.91 -10.34 25.22
C GLN C 77 46.42 -11.78 25.15
N LEU C 78 45.54 -12.77 25.29
CA LEU C 78 45.95 -14.15 25.04
C LEU C 78 46.16 -14.39 23.56
N LEU C 79 45.39 -13.70 22.71
CA LEU C 79 45.65 -13.64 21.29
C LEU C 79 46.53 -12.42 21.02
N ARG C 80 47.66 -12.64 20.36
CA ARG C 80 48.61 -11.56 20.09
C ARG C 80 48.06 -10.71 18.95
N ILE C 81 47.07 -9.88 19.30
CA ILE C 81 46.35 -9.11 18.29
C ILE C 81 47.27 -8.10 17.62
N ASP C 82 48.11 -7.43 18.38
CA ASP C 82 48.97 -6.37 17.85
C ASP C 82 50.24 -6.91 17.23
N ASP C 83 50.48 -8.22 17.27
CA ASP C 83 51.68 -8.82 16.71
C ASP C 83 51.49 -9.34 15.29
N HIS C 84 50.33 -9.14 14.68
CA HIS C 84 50.05 -9.67 13.35
C HIS C 84 49.29 -8.65 12.52
N ASP C 85 49.48 -8.71 11.21
CA ASP C 85 48.74 -7.89 10.26
C ASP C 85 47.50 -8.67 9.85
N PHE C 86 46.34 -8.25 10.34
CA PHE C 86 45.08 -8.92 10.04
C PHE C 86 44.34 -8.28 8.86
N SER C 87 45.06 -7.53 8.02
CA SER C 87 44.54 -7.10 6.74
C SER C 87 44.84 -8.09 5.62
N MET C 88 45.67 -9.10 5.87
CA MET C 88 45.94 -10.15 4.92
C MET C 88 45.37 -11.48 5.39
N ARG C 89 45.10 -12.37 4.43
CA ARG C 89 44.46 -13.65 4.70
C ARG C 89 45.45 -14.64 5.33
N PRO C 90 44.94 -15.64 6.05
CA PRO C 90 45.81 -16.72 6.49
C PRO C 90 46.40 -17.47 5.28
N GLY C 91 47.66 -17.84 5.39
CA GLY C 91 48.32 -18.53 4.30
C GLY C 91 48.69 -17.66 3.12
N PHE C 92 48.76 -16.34 3.32
CA PHE C 92 49.04 -15.40 2.24
C PHE C 92 50.33 -15.77 1.51
N GLY C 93 50.28 -15.72 0.17
CA GLY C 93 51.41 -16.05 -0.66
C GLY C 93 51.48 -17.51 -1.09
N GLY C 94 50.62 -18.37 -0.53
CA GLY C 94 50.64 -19.77 -0.84
C GLY C 94 49.32 -20.28 -1.37
N PRO C 95 49.01 -21.55 -1.12
CA PRO C 95 47.75 -22.12 -1.56
C PRO C 95 46.55 -21.45 -0.91
N ALA C 96 45.42 -21.53 -1.60
CA ALA C 96 44.17 -20.94 -1.13
C ALA C 96 43.71 -21.59 0.18
N ILE C 97 43.04 -20.80 1.02
CA ILE C 97 42.53 -21.29 2.30
C ILE C 97 41.10 -21.81 2.11
N PRO C 98 40.81 -23.04 2.49
CA PRO C 98 39.44 -23.55 2.37
C PRO C 98 38.52 -23.01 3.46
N VAL C 99 37.29 -22.67 3.06
CA VAL C 99 36.27 -22.16 3.97
C VAL C 99 34.99 -22.97 3.78
N GLY C 100 34.52 -23.64 4.84
CA GLY C 100 33.32 -24.43 4.79
C GLY C 100 32.11 -23.68 5.33
N VAL C 101 30.93 -23.98 4.79
CA VAL C 101 29.69 -23.25 5.06
C VAL C 101 28.56 -24.21 5.39
N ASP C 102 27.76 -23.86 6.41
CA ASP C 102 26.48 -24.51 6.72
C ASP C 102 25.38 -23.45 6.82
N VAL C 103 24.14 -23.84 6.51
CA VAL C 103 22.99 -22.94 6.51
C VAL C 103 21.80 -23.58 7.22
N GLN C 104 21.12 -22.82 8.08
CA GLN C 104 19.86 -23.23 8.70
C GLN C 104 18.79 -22.19 8.37
N VAL C 105 17.73 -22.61 7.69
CA VAL C 105 16.67 -21.70 7.25
C VAL C 105 15.59 -21.65 8.33
N GLU C 106 15.30 -20.45 8.83
CA GLU C 106 14.32 -20.29 9.89
C GLU C 106 12.90 -20.08 9.39
N SER C 107 12.69 -19.24 8.37
CA SER C 107 11.34 -19.00 7.87
C SER C 107 11.38 -18.39 6.48
N LEU C 108 10.24 -18.48 5.79
CA LEU C 108 9.98 -17.75 4.56
C LEU C 108 8.95 -16.68 4.86
N ASP C 109 9.32 -15.42 4.67
CA ASP C 109 8.56 -14.31 5.23
C ASP C 109 7.47 -13.79 4.30
N SER C 110 7.73 -13.69 3.01
CA SER C 110 6.76 -13.15 2.07
C SER C 110 7.21 -13.44 0.64
N ILE C 111 6.29 -13.24 -0.30
CA ILE C 111 6.57 -13.36 -1.73
C ILE C 111 5.73 -12.34 -2.49
N SER C 112 6.32 -11.74 -3.52
CA SER C 112 5.67 -10.70 -4.31
C SER C 112 5.65 -11.16 -5.77
N GLU C 113 4.46 -11.39 -6.30
CA GLU C 113 4.34 -11.87 -7.67
C GLU C 113 4.53 -10.77 -8.71
N VAL C 114 4.11 -9.54 -8.43
CA VAL C 114 4.28 -8.46 -9.39
C VAL C 114 5.74 -8.05 -9.50
N ASP C 115 6.44 -7.92 -8.36
CA ASP C 115 7.85 -7.53 -8.38
C ASP C 115 8.79 -8.72 -8.55
N MET C 116 8.30 -9.95 -8.45
CA MET C 116 9.08 -11.18 -8.66
C MET C 116 10.28 -11.27 -7.71
N ASP C 117 9.98 -11.42 -6.41
CA ASP C 117 11.02 -11.65 -5.40
C ASP C 117 10.44 -12.36 -4.19
N PHE C 118 11.32 -12.82 -3.30
CA PHE C 118 10.94 -13.50 -2.06
C PHE C 118 11.89 -13.11 -0.93
N THR C 119 11.46 -13.31 0.32
CA THR C 119 12.20 -12.91 1.52
C THR C 119 12.37 -14.09 2.47
N MET C 120 13.59 -14.25 3.01
CA MET C 120 13.96 -15.38 3.87
C MET C 120 14.82 -14.92 5.06
N THR C 121 14.68 -15.62 6.19
CA THR C 121 15.51 -15.41 7.39
C THR C 121 16.28 -16.69 7.72
N LEU C 122 17.59 -16.58 7.99
CA LEU C 122 18.44 -17.76 8.12
C LEU C 122 19.63 -17.51 9.05
N TYR C 123 20.29 -18.61 9.45
CA TYR C 123 21.56 -18.60 10.15
C TYR C 123 22.68 -19.02 9.20
N LEU C 124 23.77 -18.25 9.16
CA LEU C 124 24.93 -18.53 8.31
C LEU C 124 26.15 -18.81 9.18
N ARG C 125 26.83 -19.94 8.93
CA ARG C 125 27.96 -20.38 9.75
C ARG C 125 29.18 -20.67 8.88
N HIS C 126 30.37 -20.24 9.35
CA HIS C 126 31.64 -20.38 8.62
C HIS C 126 32.66 -21.16 9.47
N TYR C 127 33.50 -21.95 8.80
CA TYR C 127 34.56 -22.72 9.45
C TYR C 127 35.89 -22.56 8.71
N TRP C 128 36.95 -22.20 9.44
CA TRP C 128 38.30 -22.13 8.88
C TRP C 128 39.31 -22.17 10.03
N LYS C 129 40.59 -22.32 9.66
CA LYS C 129 41.69 -22.39 10.63
C LYS C 129 42.68 -21.25 10.42
N ASP C 130 43.17 -20.68 11.51
CA ASP C 130 44.17 -19.60 11.48
C ASP C 130 45.16 -19.81 12.61
N GLU C 131 46.40 -20.15 12.27
CA GLU C 131 47.42 -20.42 13.29
C GLU C 131 47.80 -19.18 14.10
N ARG C 132 47.54 -17.97 13.58
CA ARG C 132 47.87 -16.75 14.31
C ARG C 132 47.00 -16.56 15.55
N LEU C 133 45.87 -17.25 15.66
CA LEU C 133 44.96 -17.09 16.77
C LEU C 133 45.15 -18.17 17.85
N SER C 134 46.11 -19.07 17.68
CA SER C 134 46.35 -20.12 18.67
C SER C 134 46.83 -19.52 19.98
N PHE C 135 46.40 -20.10 21.09
CA PHE C 135 46.77 -19.63 22.42
C PHE C 135 47.06 -20.80 23.33
N PRO C 136 47.94 -20.63 24.31
CA PRO C 136 48.24 -21.73 25.24
C PRO C 136 47.10 -21.98 26.20
N SER C 137 46.95 -23.24 26.59
CA SER C 137 45.92 -23.64 27.53
C SER C 137 46.35 -24.88 28.27
N THR C 138 45.96 -24.95 29.54
CA THR C 138 46.20 -26.13 30.37
C THR C 138 45.04 -27.11 30.30
N ASN C 139 44.06 -26.82 29.46
CA ASN C 139 42.88 -27.64 29.27
C ASN C 139 42.47 -27.51 27.81
N ASN C 140 41.29 -28.00 27.48
CA ASN C 140 40.80 -27.94 26.11
C ASN C 140 39.56 -27.07 25.97
N LEU C 141 39.47 -26.01 26.77
CA LEU C 141 38.34 -25.08 26.71
C LEU C 141 38.58 -23.99 25.67
N SER C 142 37.52 -23.60 24.99
CA SER C 142 37.56 -22.56 23.99
C SER C 142 37.08 -21.23 24.56
N MET C 143 37.36 -20.15 23.84
CA MET C 143 36.99 -18.80 24.23
C MET C 143 35.96 -18.23 23.25
N THR C 144 34.96 -17.53 23.77
CA THR C 144 33.84 -17.02 23.00
C THR C 144 33.79 -15.50 23.06
N PHE C 145 33.55 -14.86 21.91
CA PHE C 145 33.49 -13.42 21.80
C PHE C 145 32.26 -13.01 21.00
N ASP C 146 31.83 -11.76 21.18
CA ASP C 146 30.73 -11.19 20.41
C ASP C 146 31.29 -10.38 19.24
N GLY C 147 30.43 -9.59 18.61
CA GLY C 147 30.74 -8.90 17.36
C GLY C 147 31.83 -7.84 17.45
N ARG C 148 32.21 -7.40 18.66
CA ARG C 148 33.21 -6.35 18.78
C ARG C 148 34.61 -6.82 18.36
N LEU C 149 34.89 -8.12 18.44
CA LEU C 149 36.20 -8.63 18.03
C LEU C 149 36.35 -8.73 16.52
N VAL C 150 35.25 -8.72 15.77
CA VAL C 150 35.31 -8.95 14.33
C VAL C 150 36.16 -7.91 13.63
N LYS C 151 36.10 -6.66 14.08
CA LYS C 151 36.87 -5.58 13.46
C LYS C 151 38.37 -5.70 13.72
N LYS C 152 38.82 -6.58 14.60
CA LYS C 152 40.23 -6.68 14.93
C LYS C 152 40.95 -7.83 14.25
N ILE C 153 40.24 -8.75 13.61
CA ILE C 153 40.84 -9.92 12.97
C ILE C 153 40.32 -10.03 11.54
N TRP C 154 40.91 -10.96 10.79
CA TRP C 154 40.47 -11.25 9.43
C TRP C 154 39.29 -12.22 9.44
N VAL C 155 38.26 -11.92 8.66
CA VAL C 155 37.11 -12.81 8.46
C VAL C 155 36.75 -12.83 6.97
N PRO C 156 36.10 -13.91 6.51
CA PRO C 156 35.66 -13.96 5.09
C PRO C 156 34.54 -12.98 4.78
N ASP C 157 34.55 -12.48 3.54
CA ASP C 157 33.61 -11.44 3.07
C ASP C 157 32.51 -11.99 2.15
N MET C 158 31.59 -12.77 2.68
CA MET C 158 30.52 -13.32 1.85
C MET C 158 29.42 -12.28 1.58
N PHE C 159 28.79 -12.38 0.41
CA PHE C 159 27.64 -11.55 0.03
C PHE C 159 26.65 -12.36 -0.80
N PHE C 160 25.42 -11.86 -0.89
CA PHE C 160 24.34 -12.56 -1.59
C PHE C 160 24.16 -12.00 -3.00
N VAL C 161 24.32 -12.87 -4.01
CA VAL C 161 24.24 -12.46 -5.41
C VAL C 161 22.78 -12.33 -5.83
N HIS C 162 22.48 -11.31 -6.63
CA HIS C 162 21.13 -11.03 -7.14
C HIS C 162 20.15 -10.69 -6.03
N SER C 163 20.57 -10.01 -4.98
CA SER C 163 19.67 -9.59 -3.92
C SER C 163 19.30 -8.11 -4.09
N LYS C 164 18.16 -7.75 -3.50
CA LYS C 164 17.68 -6.38 -3.55
C LYS C 164 17.91 -5.61 -2.26
N ARG C 165 17.88 -6.27 -1.10
CA ARG C 165 18.13 -5.64 0.19
C ARG C 165 18.36 -6.72 1.25
N SER C 166 19.09 -6.36 2.31
CA SER C 166 19.39 -7.31 3.39
C SER C 166 19.89 -6.55 4.62
N PHE C 167 19.83 -7.20 5.79
CA PHE C 167 20.34 -6.61 7.03
C PHE C 167 20.63 -7.70 8.05
N ILE C 168 21.44 -7.35 9.06
CA ILE C 168 21.80 -8.23 10.17
C ILE C 168 21.05 -7.77 11.41
N HIS C 169 20.40 -8.71 12.11
CA HIS C 169 19.58 -8.39 13.28
C HIS C 169 20.44 -7.90 14.45
N ASP C 170 19.91 -6.91 15.21
CA ASP C 170 20.73 -6.26 16.23
C ASP C 170 20.00 -6.00 17.56
N THR C 171 18.99 -6.80 17.91
CA THR C 171 18.30 -6.69 19.20
C THR C 171 18.47 -7.98 19.98
N THR C 172 18.85 -7.90 21.26
CA THR C 172 19.12 -6.65 21.98
C THR C 172 20.54 -6.12 21.73
N THR C 173 21.38 -6.94 21.10
CA THR C 173 22.68 -6.51 20.60
C THR C 173 22.90 -7.24 19.28
N ASP C 174 24.04 -6.98 18.62
CA ASP C 174 24.31 -7.62 17.33
C ASP C 174 24.33 -9.14 17.48
N ASN C 175 23.60 -9.82 16.60
CA ASN C 175 23.44 -11.29 16.66
C ASN C 175 24.62 -11.97 15.93
N VAL C 176 25.81 -11.83 16.53
CA VAL C 176 27.07 -12.33 15.97
C VAL C 176 27.87 -13.04 17.05
N MET C 177 28.49 -14.16 16.70
CA MET C 177 29.27 -14.95 17.65
C MET C 177 30.57 -15.45 17.02
N LEU C 178 31.63 -15.49 17.82
CA LEU C 178 32.92 -16.07 17.44
C LEU C 178 33.40 -17.03 18.52
N ARG C 179 33.81 -18.23 18.13
CA ARG C 179 34.38 -19.22 19.03
C ARG C 179 35.74 -19.67 18.50
N VAL C 180 36.76 -19.64 19.35
CA VAL C 180 38.14 -19.93 18.96
C VAL C 180 38.66 -21.10 19.78
N GLN C 181 39.14 -22.14 19.10
CA GLN C 181 39.74 -23.29 19.74
C GLN C 181 41.21 -23.02 20.08
N PRO C 182 41.77 -23.78 21.03
CA PRO C 182 43.20 -23.57 21.37
C PRO C 182 44.16 -23.70 20.19
N ASP C 183 43.84 -24.52 19.19
CA ASP C 183 44.72 -24.74 18.05
C ASP C 183 44.45 -23.78 16.88
N GLY C 184 43.50 -22.86 17.02
CA GLY C 184 43.25 -21.86 16.00
C GLY C 184 42.07 -22.11 15.08
N LYS C 185 41.24 -23.11 15.35
CA LYS C 185 40.02 -23.31 14.58
C LYS C 185 38.94 -22.30 15.02
N VAL C 186 38.20 -21.79 14.04
CA VAL C 186 37.26 -20.69 14.26
C VAL C 186 35.88 -21.06 13.72
N LEU C 187 34.84 -20.73 14.49
CA LEU C 187 33.45 -20.78 14.04
C LEU C 187 32.86 -19.37 14.08
N TYR C 188 32.21 -18.96 12.98
CA TYR C 188 31.67 -17.62 12.81
C TYR C 188 30.20 -17.72 12.40
N SER C 189 29.31 -17.18 13.24
CA SER C 189 27.86 -17.38 13.10
C SER C 189 27.09 -16.06 13.20
N LEU C 190 26.12 -15.87 12.31
CA LEU C 190 25.30 -14.66 12.34
C LEU C 190 23.92 -14.91 11.74
N ARG C 191 22.97 -14.06 12.14
CA ARG C 191 21.55 -14.19 11.77
C ARG C 191 21.15 -13.03 10.85
N VAL C 192 20.58 -13.34 9.69
CA VAL C 192 20.37 -12.38 8.61
C VAL C 192 19.01 -12.57 7.93
N THR C 193 18.48 -11.49 7.36
CA THR C 193 17.26 -11.50 6.53
C THR C 193 17.58 -10.91 5.16
N VAL C 194 17.13 -11.58 4.08
CA VAL C 194 17.50 -11.21 2.71
C VAL C 194 16.27 -11.27 1.79
N THR C 195 16.20 -10.33 0.84
CA THR C 195 15.22 -10.33 -0.23
C THR C 195 15.93 -10.55 -1.57
N ALA C 196 15.50 -11.56 -2.33
CA ALA C 196 16.17 -11.98 -3.55
C ALA C 196 15.22 -12.08 -4.74
N MET C 197 15.74 -11.85 -5.93
CA MET C 197 14.95 -11.86 -7.15
C MET C 197 14.66 -13.28 -7.63
N CYS C 198 13.52 -13.42 -8.32
CA CYS C 198 13.12 -14.72 -8.85
C CYS C 198 12.23 -14.50 -10.08
N ASN C 199 12.77 -14.74 -11.27
CA ASN C 199 12.00 -14.60 -12.50
C ASN C 199 10.91 -15.68 -12.59
N MET C 200 9.69 -15.26 -12.85
CA MET C 200 8.53 -16.14 -12.90
C MET C 200 7.86 -16.08 -14.27
N ASP C 201 7.18 -17.17 -14.63
CA ASP C 201 6.47 -17.29 -15.90
C ASP C 201 5.04 -17.71 -15.60
N PHE C 202 4.08 -16.87 -15.98
CA PHE C 202 2.66 -17.09 -15.67
C PHE C 202 1.85 -17.56 -16.87
N SER C 203 2.49 -18.10 -17.90
CA SER C 203 1.76 -18.52 -19.10
C SER C 203 0.73 -19.61 -18.80
N ARG C 204 1.04 -20.54 -17.90
CA ARG C 204 0.19 -21.69 -17.63
C ARG C 204 -0.68 -21.50 -16.38
N PHE C 205 -0.76 -20.29 -15.85
CA PHE C 205 -1.55 -20.01 -14.65
C PHE C 205 -2.99 -20.48 -14.85
N PRO C 206 -3.61 -21.13 -13.84
CA PRO C 206 -3.10 -21.43 -12.49
C PRO C 206 -2.39 -22.77 -12.33
N LEU C 207 -1.94 -23.39 -13.42
CA LEU C 207 -1.27 -24.67 -13.38
C LEU C 207 0.24 -24.55 -13.54
N ASP C 208 0.80 -23.40 -13.21
CA ASP C 208 2.23 -23.12 -13.37
C ASP C 208 3.04 -23.68 -12.20
N THR C 209 4.32 -23.90 -12.45
CA THR C 209 5.31 -24.32 -11.46
C THR C 209 6.50 -23.37 -11.54
N GLN C 210 7.02 -22.95 -10.38
CA GLN C 210 8.14 -22.01 -10.31
C GLN C 210 9.32 -22.61 -9.55
N THR C 211 10.54 -22.26 -9.97
CA THR C 211 11.77 -22.65 -9.28
C THR C 211 12.56 -21.41 -8.88
N CYS C 212 13.06 -21.41 -7.64
CA CYS C 212 13.75 -20.26 -7.07
C CYS C 212 15.09 -20.69 -6.47
N SER C 213 15.99 -19.72 -6.27
CA SER C 213 17.30 -20.02 -5.69
C SER C 213 17.87 -18.81 -4.95
N LEU C 214 18.72 -19.09 -3.97
CA LEU C 214 19.53 -18.11 -3.25
C LEU C 214 21.01 -18.45 -3.43
N GLU C 215 21.83 -17.45 -3.73
CA GLU C 215 23.21 -17.63 -4.15
C GLU C 215 24.19 -16.88 -3.24
N ILE C 216 25.32 -17.53 -2.92
CA ILE C 216 26.33 -17.02 -1.99
C ILE C 216 27.70 -17.04 -2.67
N GLU C 217 28.45 -15.94 -2.53
CA GLU C 217 29.73 -15.77 -3.21
C GLU C 217 30.64 -14.81 -2.42
N SER C 218 31.95 -14.96 -2.62
CA SER C 218 32.93 -14.02 -2.07
C SER C 218 33.03 -12.76 -2.93
N TYR C 219 33.13 -11.59 -2.28
CA TYR C 219 33.17 -10.34 -3.02
C TYR C 219 34.53 -10.11 -3.69
N ALA C 220 35.63 -10.32 -2.97
CA ALA C 220 36.93 -9.83 -3.41
C ALA C 220 38.00 -10.91 -3.64
N TYR C 221 37.78 -12.16 -3.28
CA TYR C 221 38.81 -13.20 -3.37
C TYR C 221 38.44 -14.22 -4.45
N THR C 222 39.34 -14.43 -5.41
CA THR C 222 39.16 -15.43 -6.45
C THR C 222 39.49 -16.82 -5.89
N GLU C 223 39.22 -17.84 -6.70
CA GLU C 223 39.45 -19.22 -6.29
C GLU C 223 40.93 -19.54 -6.06
N ASP C 224 41.84 -18.68 -6.51
CA ASP C 224 43.26 -18.90 -6.22
C ASP C 224 43.63 -18.51 -4.79
N ASP C 225 42.83 -17.67 -4.15
CA ASP C 225 43.09 -17.22 -2.79
C ASP C 225 42.14 -17.81 -1.75
N LEU C 226 40.89 -18.10 -2.11
CA LEU C 226 39.90 -18.60 -1.18
C LEU C 226 39.07 -19.68 -1.85
N MET C 227 38.96 -20.85 -1.24
CA MET C 227 38.23 -21.99 -1.77
C MET C 227 36.96 -22.22 -0.93
N LEU C 228 35.81 -21.93 -1.50
CA LEU C 228 34.53 -21.97 -0.80
C LEU C 228 33.75 -23.24 -1.18
N TYR C 229 33.27 -23.98 -0.17
CA TYR C 229 32.60 -25.25 -0.40
C TYR C 229 31.57 -25.53 0.70
N TRP C 230 30.64 -26.44 0.42
CA TRP C 230 29.67 -26.91 1.41
C TRP C 230 30.37 -27.88 2.37
N LYS C 231 30.26 -27.62 3.67
CA LYS C 231 31.07 -28.34 4.64
C LYS C 231 30.75 -29.83 4.68
N LYS C 232 29.47 -30.21 4.61
CA LYS C 232 29.08 -31.61 4.71
C LYS C 232 28.20 -32.03 3.53
N GLY C 233 28.45 -31.47 2.33
CA GLY C 233 27.66 -31.84 1.17
C GLY C 233 26.20 -31.46 1.32
N ASN C 234 25.30 -32.40 1.02
CA ASN C 234 23.87 -32.16 1.12
C ASN C 234 23.35 -32.16 2.56
N ASP C 235 24.17 -32.59 3.51
CA ASP C 235 23.80 -32.53 4.92
C ASP C 235 24.04 -31.15 5.53
N SER C 236 24.55 -30.20 4.76
CA SER C 236 24.84 -28.86 5.25
C SER C 236 23.61 -27.95 5.32
N LEU C 237 22.48 -28.38 4.79
CA LEU C 237 21.27 -27.57 4.73
C LEU C 237 20.18 -28.16 5.62
N LYS C 238 19.66 -27.36 6.54
CA LYS C 238 18.55 -27.74 7.40
C LYS C 238 17.43 -26.71 7.27
N THR C 239 16.19 -27.19 7.36
CA THR C 239 15.02 -26.32 7.25
C THR C 239 14.07 -26.57 8.43
N ASP C 240 13.36 -25.51 8.83
CA ASP C 240 12.44 -25.57 9.95
C ASP C 240 11.24 -26.46 9.63
N GLU C 241 10.76 -27.19 10.64
CA GLU C 241 9.66 -28.14 10.44
C GLU C 241 8.35 -27.47 10.07
N ARG C 242 8.16 -26.20 10.37
CA ARG C 242 6.89 -25.52 10.17
C ARG C 242 6.98 -24.40 9.13
N ILE C 243 7.92 -24.52 8.18
CA ILE C 243 8.05 -23.51 7.13
C ILE C 243 6.87 -23.59 6.18
N SER C 244 6.26 -22.44 5.89
CA SER C 244 5.07 -22.44 5.05
C SER C 244 4.84 -21.06 4.45
N LEU C 245 4.08 -21.05 3.36
CA LEU C 245 3.60 -19.84 2.71
C LEU C 245 2.09 -19.94 2.57
N SER C 246 1.42 -18.79 2.59
CA SER C 246 -0.03 -18.78 2.61
C SER C 246 -0.63 -19.34 1.32
N GLN C 247 -0.13 -18.90 0.16
CA GLN C 247 -0.74 -19.28 -1.11
C GLN C 247 0.05 -20.31 -1.92
N PHE C 248 1.13 -20.88 -1.39
CA PHE C 248 1.94 -21.84 -2.14
C PHE C 248 2.26 -23.08 -1.30
N LEU C 249 2.54 -24.19 -2.01
CA LEU C 249 3.17 -25.37 -1.42
C LEU C 249 4.65 -25.39 -1.76
N ILE C 250 5.48 -25.78 -0.81
CA ILE C 250 6.94 -25.73 -0.94
C ILE C 250 7.50 -27.14 -0.89
N GLN C 251 8.42 -27.47 -1.81
CA GLN C 251 8.98 -28.81 -1.87
C GLN C 251 10.39 -28.80 -2.44
N GLU C 252 11.14 -29.88 -2.15
CA GLU C 252 12.39 -30.23 -2.83
C GLU C 252 13.52 -29.23 -2.60
N PHE C 253 13.94 -29.04 -1.35
CA PHE C 253 15.15 -28.28 -1.03
C PHE C 253 16.39 -29.12 -1.33
N HIS C 254 17.39 -28.51 -1.97
CA HIS C 254 18.69 -29.13 -2.19
C HIS C 254 19.73 -28.07 -2.56
N THR C 255 21.00 -28.47 -2.54
CA THR C 255 22.13 -27.58 -2.80
C THR C 255 22.92 -28.00 -4.04
N THR C 256 23.56 -27.01 -4.69
CA THR C 256 24.48 -27.22 -5.81
C THR C 256 25.62 -26.20 -5.74
N THR C 257 26.63 -26.39 -6.59
CA THR C 257 27.75 -25.46 -6.73
C THR C 257 28.12 -25.28 -8.21
N LYS C 258 28.69 -24.12 -8.54
CA LYS C 258 29.11 -23.82 -9.91
C LYS C 258 30.12 -22.68 -9.93
N LEU C 259 31.03 -22.72 -10.90
CA LEU C 259 32.05 -21.69 -11.07
C LEU C 259 31.55 -20.56 -11.97
N ALA C 260 31.84 -19.32 -11.58
CA ALA C 260 31.43 -18.13 -12.32
C ALA C 260 32.65 -17.32 -12.74
N PHE C 261 32.55 -16.66 -13.90
CA PHE C 261 33.65 -15.90 -14.48
C PHE C 261 33.31 -14.43 -14.59
N TYR C 262 34.22 -13.57 -14.14
CA TYR C 262 34.13 -12.13 -14.30
C TYR C 262 35.33 -11.65 -15.10
N SER C 263 35.07 -10.93 -16.19
CA SER C 263 36.17 -10.43 -17.00
C SER C 263 37.03 -9.42 -16.27
N SER C 264 36.49 -8.75 -15.26
CA SER C 264 37.27 -7.76 -14.52
C SER C 264 38.32 -8.42 -13.60
N THR C 265 37.99 -9.55 -12.99
CA THR C 265 38.92 -10.10 -12.00
C THR C 265 39.19 -11.61 -12.07
N GLY C 266 38.33 -12.44 -12.64
CA GLY C 266 38.66 -13.85 -12.73
C GLY C 266 37.54 -14.79 -12.31
N TRP C 267 37.88 -16.00 -11.87
CA TRP C 267 36.95 -17.07 -11.56
C TRP C 267 36.62 -17.13 -10.07
N TYR C 268 35.34 -17.36 -9.74
CA TYR C 268 34.85 -17.41 -8.37
C TYR C 268 33.95 -18.63 -8.16
N ASN C 269 33.97 -19.19 -6.95
CA ASN C 269 33.05 -20.26 -6.56
C ASN C 269 31.72 -19.69 -6.10
N ARG C 270 30.61 -20.30 -6.53
CA ARG C 270 29.27 -19.89 -6.17
C ARG C 270 28.46 -21.07 -5.64
N LEU C 271 27.71 -20.86 -4.55
CA LEU C 271 26.88 -21.87 -3.91
C LEU C 271 25.39 -21.52 -4.08
N TYR C 272 24.56 -22.57 -4.22
CA TYR C 272 23.13 -22.41 -4.51
C TYR C 272 22.24 -23.18 -3.54
N ILE C 273 21.10 -22.59 -3.20
CA ILE C 273 20.01 -23.25 -2.45
C ILE C 273 18.76 -23.20 -3.33
N ASN C 274 18.21 -24.37 -3.68
CA ASN C 274 17.11 -24.49 -4.65
C ASN C 274 15.85 -25.06 -4.01
N PHE C 275 14.68 -24.59 -4.48
CA PHE C 275 13.38 -25.10 -4.05
C PHE C 275 12.31 -24.78 -5.10
N THR C 276 11.14 -25.44 -4.97
CA THR C 276 10.04 -25.39 -5.93
C THR C 276 8.71 -25.01 -5.27
N LEU C 277 7.85 -24.30 -6.02
CA LEU C 277 6.56 -23.83 -5.53
C LEU C 277 5.40 -24.30 -6.42
N ARG C 278 4.26 -24.64 -5.79
CA ARG C 278 3.04 -25.05 -6.49
C ARG C 278 1.80 -24.45 -5.84
N ARG C 279 0.72 -24.32 -6.61
CA ARG C 279 -0.56 -23.76 -6.14
C ARG C 279 -1.56 -24.87 -5.77
N HIS C 280 -2.67 -24.45 -5.15
CA HIS C 280 -3.80 -25.33 -4.82
C HIS C 280 -4.79 -25.31 -5.98
N ILE C 281 -4.82 -26.38 -6.78
CA ILE C 281 -5.57 -26.36 -8.04
C ILE C 281 -7.09 -26.32 -7.80
N PHE C 282 -7.58 -27.06 -6.81
CA PHE C 282 -9.03 -27.22 -6.66
C PHE C 282 -9.73 -25.91 -6.30
N PHE C 283 -9.08 -25.04 -5.52
CA PHE C 283 -9.63 -23.73 -5.24
C PHE C 283 -9.88 -22.95 -6.52
N PHE C 284 -8.90 -22.93 -7.42
CA PHE C 284 -9.06 -22.20 -8.68
C PHE C 284 -10.08 -22.84 -9.59
N LEU C 285 -10.14 -24.17 -9.62
CA LEU C 285 -11.16 -24.83 -10.43
C LEU C 285 -12.55 -24.42 -9.98
N LEU C 286 -12.81 -24.52 -8.67
CA LEU C 286 -14.13 -24.16 -8.13
C LEU C 286 -14.45 -22.69 -8.33
N GLN C 287 -13.46 -21.81 -8.16
CA GLN C 287 -13.75 -20.37 -8.22
C GLN C 287 -13.91 -19.86 -9.64
N THR C 288 -13.24 -20.46 -10.63
CA THR C 288 -13.26 -19.89 -11.97
C THR C 288 -13.91 -20.80 -13.00
N TYR C 289 -13.49 -22.06 -13.12
CA TYR C 289 -13.93 -22.86 -14.25
C TYR C 289 -15.39 -23.30 -14.09
N PHE C 290 -15.82 -23.53 -12.85
CA PHE C 290 -17.17 -24.02 -12.57
C PHE C 290 -18.27 -23.04 -13.00
N PRO C 291 -18.28 -21.77 -12.56
CA PRO C 291 -19.36 -20.86 -12.97
C PRO C 291 -19.47 -20.63 -14.47
N ALA C 292 -18.33 -20.55 -15.17
CA ALA C 292 -18.37 -20.31 -16.61
C ALA C 292 -19.01 -21.47 -17.36
N THR C 293 -18.66 -22.71 -16.97
CA THR C 293 -19.30 -23.88 -17.57
C THR C 293 -20.79 -23.92 -17.26
N LEU C 294 -21.17 -23.54 -16.03
CA LEU C 294 -22.59 -23.52 -15.68
C LEU C 294 -23.35 -22.51 -16.53
N MET C 295 -22.78 -21.33 -16.76
CA MET C 295 -23.47 -20.33 -17.58
C MET C 295 -23.58 -20.74 -19.05
N VAL C 296 -22.54 -21.40 -19.57
CA VAL C 296 -22.63 -21.92 -20.94
C VAL C 296 -23.74 -22.97 -21.04
N MET C 297 -23.84 -23.85 -20.04
CA MET C 297 -24.92 -24.84 -20.06
C MET C 297 -26.29 -24.17 -19.93
N LEU C 298 -26.38 -23.10 -19.15
CA LEU C 298 -27.64 -22.39 -19.00
C LEU C 298 -28.09 -21.74 -20.31
N SER C 299 -27.14 -21.27 -21.13
CA SER C 299 -27.55 -20.64 -22.39
C SER C 299 -28.19 -21.63 -23.36
N TRP C 300 -28.01 -22.94 -23.16
CA TRP C 300 -28.58 -23.93 -24.06
C TRP C 300 -30.07 -24.20 -23.79
N VAL C 301 -30.62 -23.70 -22.68
CA VAL C 301 -32.01 -23.95 -22.33
C VAL C 301 -32.95 -23.35 -23.36
N SER C 302 -32.58 -22.19 -23.93
CA SER C 302 -33.44 -21.52 -24.88
C SER C 302 -33.76 -22.36 -26.12
N PHE C 303 -32.95 -23.37 -26.43
CA PHE C 303 -33.21 -24.18 -27.61
C PHE C 303 -34.44 -25.07 -27.43
N TRP C 304 -34.92 -25.26 -26.20
CA TRP C 304 -36.08 -26.09 -25.92
C TRP C 304 -37.34 -25.29 -25.62
N ILE C 305 -37.30 -23.96 -25.75
CA ILE C 305 -38.42 -23.08 -25.45
C ILE C 305 -39.15 -22.76 -26.74
N ASP C 306 -40.48 -22.65 -26.67
CA ASP C 306 -41.33 -22.33 -27.81
C ASP C 306 -40.86 -21.06 -28.52
N ARG C 307 -40.64 -21.17 -29.84
CA ARG C 307 -40.13 -20.04 -30.62
C ARG C 307 -41.12 -18.89 -30.73
N ARG C 308 -42.40 -19.12 -30.43
CA ARG C 308 -43.39 -18.05 -30.47
C ARG C 308 -43.34 -17.15 -29.24
N ALA C 309 -42.63 -17.56 -28.18
CA ALA C 309 -42.52 -16.75 -26.96
C ALA C 309 -41.30 -15.83 -27.05
N VAL C 310 -41.43 -14.81 -27.91
CA VAL C 310 -40.34 -13.83 -28.08
C VAL C 310 -40.02 -13.08 -26.79
N PRO C 311 -41.00 -12.54 -26.04
CA PRO C 311 -40.66 -11.82 -24.81
C PRO C 311 -40.05 -12.70 -23.72
N ALA C 312 -40.00 -14.01 -23.91
CA ALA C 312 -39.24 -14.88 -23.02
C ALA C 312 -37.86 -15.24 -23.58
N ARG C 313 -37.75 -15.45 -24.89
CA ARG C 313 -36.48 -15.87 -25.47
C ARG C 313 -35.44 -14.73 -25.47
N VAL C 314 -35.84 -13.51 -25.80
CA VAL C 314 -34.86 -12.44 -25.94
C VAL C 314 -34.22 -12.03 -24.61
N PRO C 315 -35.01 -11.68 -23.58
CA PRO C 315 -34.39 -11.25 -22.31
C PRO C 315 -33.49 -12.29 -21.69
N LEU C 316 -33.80 -13.57 -21.88
CA LEU C 316 -32.97 -14.63 -21.33
C LEU C 316 -31.55 -14.58 -21.90
N GLY C 317 -31.44 -14.47 -23.23
CA GLY C 317 -30.12 -14.38 -23.84
C GLY C 317 -29.34 -13.15 -23.41
N ILE C 318 -30.00 -11.98 -23.43
CA ILE C 318 -29.24 -10.78 -23.08
C ILE C 318 -28.81 -10.80 -21.60
N THR C 319 -29.66 -11.34 -20.72
CA THR C 319 -29.28 -11.41 -19.31
C THR C 319 -28.17 -12.42 -19.07
N THR C 320 -28.14 -13.53 -19.84
CA THR C 320 -27.02 -14.46 -19.74
C THR C 320 -25.71 -13.79 -20.14
N VAL C 321 -25.74 -12.98 -21.20
CA VAL C 321 -24.54 -12.24 -21.60
C VAL C 321 -24.08 -11.30 -20.48
N LEU C 322 -25.02 -10.57 -19.86
CA LEU C 322 -24.65 -9.67 -18.76
C LEU C 322 -24.03 -10.44 -17.59
N THR C 323 -24.60 -11.59 -17.23
CA THR C 323 -24.07 -12.38 -16.12
C THR C 323 -22.64 -12.85 -16.40
N MET C 324 -22.39 -13.36 -17.61
CA MET C 324 -21.05 -13.81 -17.95
C MET C 324 -20.04 -12.66 -17.90
N SER C 325 -20.45 -11.47 -18.37
CA SER C 325 -19.56 -10.31 -18.30
C SER C 325 -19.20 -9.96 -16.86
N THR C 326 -20.20 -9.96 -15.96
CA THR C 326 -19.89 -9.64 -14.56
C THR C 326 -18.97 -10.68 -13.93
N ILE C 327 -19.15 -11.95 -14.31
CA ILE C 327 -18.26 -13.00 -13.78
C ILE C 327 -16.81 -12.74 -14.23
N ILE C 328 -16.62 -12.43 -15.52
CA ILE C 328 -15.26 -12.22 -16.02
C ILE C 328 -14.61 -11.00 -15.34
N THR C 329 -15.37 -9.91 -15.19
CA THR C 329 -14.81 -8.74 -14.51
C THR C 329 -14.41 -9.07 -13.07
N GLY C 330 -15.26 -9.79 -12.36
CA GLY C 330 -14.92 -10.17 -10.99
C GLY C 330 -13.68 -11.04 -10.91
N VAL C 331 -13.54 -11.98 -11.85
CA VAL C 331 -12.36 -12.85 -11.85
C VAL C 331 -11.10 -12.04 -12.14
N ASN C 332 -11.16 -11.13 -13.10
CA ASN C 332 -10.00 -10.28 -13.39
C ASN C 332 -9.60 -9.47 -12.17
N ALA C 333 -10.56 -9.02 -11.38
CA ALA C 333 -10.22 -8.18 -10.23
C ALA C 333 -9.44 -8.91 -9.14
N SER C 334 -9.43 -10.25 -9.13
CA SER C 334 -8.85 -10.99 -8.02
C SER C 334 -7.54 -11.70 -8.35
N MET C 335 -7.04 -11.61 -9.56
CA MET C 335 -5.77 -12.24 -9.90
C MET C 335 -4.65 -11.22 -9.82
N PRO C 336 -3.40 -11.67 -9.70
CA PRO C 336 -2.27 -10.73 -9.71
C PRO C 336 -2.19 -9.97 -11.03
N ARG C 337 -1.83 -8.69 -10.94
CA ARG C 337 -1.89 -7.78 -12.09
C ARG C 337 -0.70 -8.04 -13.01
N VAL C 338 -0.82 -9.10 -13.81
CA VAL C 338 0.16 -9.48 -14.82
C VAL C 338 -0.48 -9.28 -16.19
N SER C 339 0.11 -8.42 -17.00
CA SER C 339 -0.53 -7.96 -18.25
C SER C 339 -0.02 -8.74 -19.45
N TYR C 340 -0.31 -10.04 -19.48
CA TYR C 340 -0.18 -10.84 -20.70
C TYR C 340 -1.09 -12.05 -20.58
N ILE C 341 -1.25 -12.76 -21.68
CA ILE C 341 -2.32 -13.74 -21.84
C ILE C 341 -1.97 -15.02 -21.07
N LYS C 342 -2.92 -15.49 -20.26
CA LYS C 342 -2.81 -16.72 -19.48
C LYS C 342 -3.91 -17.70 -19.88
N ALA C 343 -3.71 -18.96 -19.49
CA ALA C 343 -4.60 -20.04 -19.93
C ALA C 343 -6.04 -19.83 -19.49
N VAL C 344 -6.26 -19.35 -18.27
CA VAL C 344 -7.61 -19.14 -17.76
C VAL C 344 -8.36 -18.07 -18.56
N ASP C 345 -7.64 -17.07 -19.09
CA ASP C 345 -8.26 -16.07 -19.96
C ASP C 345 -8.76 -16.69 -21.26
N ILE C 346 -8.00 -17.62 -21.82
CA ILE C 346 -8.44 -18.32 -23.03
C ILE C 346 -9.75 -19.05 -22.78
N TYR C 347 -9.82 -19.80 -21.68
CA TYR C 347 -11.04 -20.52 -21.35
C TYR C 347 -12.23 -19.58 -21.19
N LEU C 348 -12.04 -18.48 -20.46
CA LEU C 348 -13.16 -17.57 -20.20
C LEU C 348 -13.68 -16.90 -21.47
N TRP C 349 -12.77 -16.46 -22.36
CA TRP C 349 -13.24 -15.74 -23.54
C TRP C 349 -13.84 -16.67 -24.59
N VAL C 350 -13.39 -17.93 -24.67
CA VAL C 350 -14.08 -18.91 -25.52
C VAL C 350 -15.50 -19.13 -25.02
N SER C 351 -15.68 -19.25 -23.70
CA SER C 351 -17.03 -19.42 -23.15
C SER C 351 -17.92 -18.23 -23.48
N PHE C 352 -17.36 -17.02 -23.41
CA PHE C 352 -18.11 -15.81 -23.75
C PHE C 352 -18.58 -15.84 -25.20
N VAL C 353 -17.71 -16.29 -26.11
CA VAL C 353 -18.08 -16.39 -27.51
C VAL C 353 -19.23 -17.38 -27.71
N PHE C 354 -19.19 -18.51 -27.01
CA PHE C 354 -20.30 -19.46 -27.10
C PHE C 354 -21.63 -18.81 -26.71
N VAL C 355 -21.63 -18.04 -25.62
CA VAL C 355 -22.86 -17.38 -25.16
C VAL C 355 -23.38 -16.37 -26.20
N PHE C 356 -22.46 -15.64 -26.83
CA PHE C 356 -22.82 -14.67 -27.87
C PHE C 356 -23.48 -15.36 -29.06
N LEU C 357 -22.92 -16.48 -29.52
CA LEU C 357 -23.50 -17.18 -30.67
C LEU C 357 -24.91 -17.70 -30.39
N SER C 358 -25.20 -18.08 -29.13
CA SER C 358 -26.54 -18.56 -28.79
C SER C 358 -27.60 -17.47 -28.97
N VAL C 359 -27.21 -16.20 -28.88
CA VAL C 359 -28.19 -15.15 -29.12
C VAL C 359 -28.38 -14.92 -30.62
N LEU C 360 -27.30 -14.96 -31.40
CA LEU C 360 -27.44 -14.83 -32.85
C LEU C 360 -28.36 -15.90 -33.43
N GLU C 361 -28.33 -17.10 -32.86
CA GLU C 361 -29.14 -18.20 -33.37
C GLU C 361 -30.63 -17.86 -33.33
N TYR C 362 -31.11 -17.34 -32.21
CA TYR C 362 -32.53 -17.03 -32.10
C TYR C 362 -32.92 -15.83 -32.96
N ALA C 363 -32.01 -14.86 -33.12
CA ALA C 363 -32.29 -13.76 -34.03
C ALA C 363 -32.61 -14.29 -35.43
N ALA C 364 -31.79 -15.23 -35.92
CA ALA C 364 -32.05 -15.79 -37.24
C ALA C 364 -33.38 -16.53 -37.30
N VAL C 365 -33.70 -17.31 -36.26
CA VAL C 365 -34.94 -18.07 -36.24
C VAL C 365 -36.16 -17.15 -36.30
N ASN C 366 -36.14 -16.07 -35.49
CA ASN C 366 -37.27 -15.16 -35.46
C ASN C 366 -37.48 -14.48 -36.81
N TYR C 367 -36.40 -14.04 -37.44
CA TYR C 367 -36.53 -13.38 -38.74
C TYR C 367 -37.14 -14.31 -39.79
N LEU C 368 -36.66 -15.56 -39.84
CA LEU C 368 -37.15 -16.49 -40.85
C LEU C 368 -38.63 -16.82 -40.63
N THR C 369 -39.03 -17.00 -39.38
CA THR C 369 -40.44 -17.28 -39.12
C THR C 369 -41.33 -16.14 -39.54
N THR C 370 -40.92 -14.90 -39.24
CA THR C 370 -41.72 -13.75 -39.64
C THR C 370 -41.83 -13.66 -41.15
N VAL C 371 -40.74 -13.93 -41.87
CA VAL C 371 -40.78 -13.90 -43.32
C VAL C 371 -41.79 -14.91 -43.85
N GLN C 372 -41.78 -16.12 -43.30
CA GLN C 372 -42.69 -17.15 -43.79
C GLN C 372 -44.14 -16.78 -43.55
N GLU C 373 -44.46 -16.25 -42.36
CA GLU C 373 -45.84 -15.88 -42.07
C GLU C 373 -46.32 -14.78 -42.99
N ARG C 374 -45.48 -13.76 -43.22
CA ARG C 374 -45.87 -12.68 -44.11
C ARG C 374 -46.11 -13.19 -45.53
N LYS C 375 -45.25 -14.07 -46.00
CA LYS C 375 -45.42 -14.63 -47.34
C LYS C 375 -46.72 -15.42 -47.45
N GLU C 376 -47.03 -16.23 -46.44
CA GLU C 376 -48.25 -17.03 -46.50
C GLU C 376 -49.50 -16.15 -46.53
N GLN C 377 -49.53 -15.12 -45.69
CA GLN C 377 -50.70 -14.24 -45.70
C GLN C 377 -50.82 -13.48 -47.01
N LYS C 378 -49.69 -13.05 -47.57
CA LYS C 378 -49.72 -12.35 -48.85
C LYS C 378 -50.26 -13.26 -49.96
N LEU C 379 -49.84 -14.53 -49.97
CA LEU C 379 -50.37 -15.47 -50.95
C LEU C 379 -51.87 -15.69 -50.77
N ARG C 380 -52.32 -15.82 -49.53
CA ARG C 380 -53.75 -16.02 -49.29
C ARG C 380 -54.56 -14.81 -49.75
N ASP C 451 -44.78 -26.64 -34.63
CA ASP C 451 -43.63 -27.48 -34.96
C ASP C 451 -42.31 -26.79 -34.60
N THR C 452 -41.23 -27.56 -34.55
CA THR C 452 -39.91 -27.04 -34.23
C THR C 452 -39.16 -26.68 -35.51
N HIS C 453 -38.56 -25.49 -35.53
CA HIS C 453 -37.73 -25.06 -36.64
C HIS C 453 -36.46 -25.90 -36.73
N ALA C 454 -35.97 -26.09 -37.95
CA ALA C 454 -34.81 -26.95 -38.18
C ALA C 454 -33.56 -26.44 -37.45
N ILE C 455 -33.40 -25.12 -37.33
CA ILE C 455 -32.21 -24.55 -36.72
C ILE C 455 -32.13 -24.95 -35.25
N ASP C 456 -33.25 -24.89 -34.52
CA ASP C 456 -33.25 -25.34 -33.13
C ASP C 456 -32.88 -26.82 -33.03
N LYS C 457 -33.42 -27.64 -33.93
CA LYS C 457 -33.16 -29.08 -33.90
C LYS C 457 -31.69 -29.38 -34.09
N TYR C 458 -31.02 -28.68 -35.01
CA TYR C 458 -29.60 -28.91 -35.20
C TYR C 458 -28.77 -28.32 -34.06
N SER C 459 -29.15 -27.14 -33.54
CA SER C 459 -28.38 -26.50 -32.49
C SER C 459 -28.36 -27.34 -31.21
N ARG C 460 -29.49 -27.98 -30.90
CA ARG C 460 -29.59 -28.82 -29.70
C ARG C 460 -28.51 -29.91 -29.68
N ILE C 461 -28.03 -30.33 -30.84
CA ILE C 461 -26.97 -31.32 -30.92
C ILE C 461 -25.61 -30.67 -31.10
N ILE C 462 -25.52 -29.65 -31.97
CA ILE C 462 -24.23 -29.14 -32.40
C ILE C 462 -23.52 -28.39 -31.28
N PHE C 463 -24.24 -27.56 -30.50
CA PHE C 463 -23.55 -26.75 -29.49
C PHE C 463 -22.81 -27.59 -28.44
N PRO C 464 -23.46 -28.55 -27.75
CA PRO C 464 -22.71 -29.33 -26.74
C PRO C 464 -21.54 -30.13 -27.29
N ALA C 465 -21.66 -30.67 -28.50
CA ALA C 465 -20.57 -31.45 -29.06
C ALA C 465 -19.33 -30.60 -29.32
N ALA C 466 -19.53 -29.39 -29.84
CA ALA C 466 -18.42 -28.47 -30.04
C ALA C 466 -17.78 -28.06 -28.72
N TYR C 467 -18.60 -27.82 -27.68
CA TYR C 467 -18.02 -27.45 -26.39
C TYR C 467 -17.21 -28.60 -25.80
N ILE C 468 -17.70 -29.84 -25.93
CA ILE C 468 -16.96 -31.00 -25.44
C ILE C 468 -15.64 -31.16 -26.19
N LEU C 469 -15.65 -30.97 -27.50
CA LEU C 469 -14.41 -31.07 -28.28
C LEU C 469 -13.40 -30.02 -27.86
N PHE C 470 -13.86 -28.77 -27.64
CA PHE C 470 -12.97 -27.73 -27.16
C PHE C 470 -12.35 -28.10 -25.82
N ASN C 471 -13.16 -28.65 -24.90
CA ASN C 471 -12.64 -29.06 -23.61
C ASN C 471 -11.59 -30.17 -23.74
N LEU C 472 -11.81 -31.14 -24.62
CA LEU C 472 -10.83 -32.20 -24.80
C LEU C 472 -9.50 -31.66 -25.30
N ILE C 473 -9.54 -30.76 -26.29
CA ILE C 473 -8.31 -30.19 -26.81
C ILE C 473 -7.60 -29.35 -25.76
N TYR C 474 -8.36 -28.50 -25.05
CA TYR C 474 -7.78 -27.62 -24.04
C TYR C 474 -7.08 -28.41 -22.94
N TRP C 475 -7.76 -29.43 -22.39
CA TRP C 475 -7.17 -30.16 -21.29
C TRP C 475 -6.11 -31.15 -21.74
N SER C 476 -6.07 -31.53 -23.02
CA SER C 476 -4.91 -32.27 -23.51
C SER C 476 -3.70 -31.37 -23.69
N ILE C 477 -3.92 -30.08 -23.98
CA ILE C 477 -2.77 -29.18 -24.15
C ILE C 477 -2.23 -28.73 -22.81
N PHE C 478 -3.09 -28.32 -21.88
CA PHE C 478 -2.65 -27.69 -20.64
C PHE C 478 -2.58 -28.67 -19.46
N SER C 479 -2.71 -29.96 -19.71
CA SER C 479 -2.66 -31.01 -18.68
C SER C 479 -3.82 -30.92 -17.70
N LYS D 74 52.76 -4.22 8.60
CA LYS D 74 51.51 -3.58 8.23
C LYS D 74 51.52 -3.19 6.76
N SER D 75 50.49 -3.61 6.02
CA SER D 75 50.44 -3.32 4.59
C SER D 75 50.21 -1.84 4.32
N GLU D 76 49.56 -1.13 5.24
CA GLU D 76 49.31 0.29 5.07
C GLU D 76 50.57 1.13 5.26
N GLN D 77 51.68 0.53 5.71
CA GLN D 77 52.96 1.23 5.78
C GLN D 77 53.78 1.06 4.52
N LEU D 78 53.40 0.13 3.63
CA LEU D 78 54.05 0.07 2.32
C LEU D 78 53.64 1.25 1.46
N LEU D 79 52.41 1.74 1.63
CA LEU D 79 51.99 3.01 1.06
C LEU D 79 52.25 4.10 2.10
N ARG D 80 52.99 5.13 1.70
CA ARG D 80 53.34 6.22 2.62
C ARG D 80 52.12 7.09 2.82
N ILE D 81 51.19 6.59 3.64
CA ILE D 81 49.90 7.26 3.81
C ILE D 81 50.09 8.62 4.47
N ASP D 82 50.93 8.69 5.49
CA ASP D 82 51.11 9.92 6.25
C ASP D 82 52.09 10.89 5.61
N ASP D 83 52.68 10.53 4.47
CA ASP D 83 53.64 11.40 3.78
C ASP D 83 53.00 12.22 2.67
N HIS D 84 51.69 12.15 2.49
CA HIS D 84 51.03 12.86 1.40
C HIS D 84 49.71 13.45 1.88
N ASP D 85 49.32 14.55 1.25
CA ASP D 85 48.02 15.18 1.48
C ASP D 85 47.02 14.58 0.51
N PHE D 86 46.13 13.73 1.01
CA PHE D 86 45.13 13.07 0.18
C PHE D 86 43.81 13.83 0.16
N SER D 87 43.81 15.11 0.51
CA SER D 87 42.67 15.98 0.27
C SER D 87 42.74 16.67 -1.08
N MET D 88 43.85 16.56 -1.80
CA MET D 88 43.98 17.09 -3.14
C MET D 88 44.09 15.96 -4.17
N ARG D 89 43.70 16.25 -5.40
CA ARG D 89 43.67 15.27 -6.47
C ARG D 89 45.07 14.95 -6.99
N PRO D 90 45.25 13.79 -7.60
CA PRO D 90 46.52 13.54 -8.30
C PRO D 90 46.71 14.52 -9.46
N GLY D 91 47.94 14.98 -9.65
CA GLY D 91 48.21 15.93 -10.69
C GLY D 91 47.75 17.34 -10.41
N PHE D 92 47.51 17.68 -9.14
CA PHE D 92 46.99 19.00 -8.77
C PHE D 92 47.86 20.11 -9.33
N GLY D 93 47.21 21.14 -9.88
CA GLY D 93 47.91 22.27 -10.46
C GLY D 93 48.21 22.13 -11.94
N GLY D 94 47.98 20.96 -12.53
CA GLY D 94 48.29 20.72 -13.92
C GLY D 94 47.07 20.26 -14.71
N PRO D 95 47.33 19.47 -15.75
CA PRO D 95 46.22 18.95 -16.57
C PRO D 95 45.30 18.03 -15.78
N ALA D 96 44.06 17.95 -16.24
CA ALA D 96 43.04 17.13 -15.60
C ALA D 96 43.41 15.65 -15.63
N ILE D 97 42.98 14.92 -14.61
CA ILE D 97 43.26 13.48 -14.51
C ILE D 97 42.12 12.71 -15.16
N PRO D 98 42.41 11.83 -16.13
CA PRO D 98 41.34 11.03 -16.74
C PRO D 98 40.89 9.88 -15.85
N VAL D 99 39.58 9.66 -15.82
CA VAL D 99 38.96 8.59 -15.04
C VAL D 99 38.03 7.79 -15.96
N GLY D 100 38.30 6.49 -16.10
CA GLY D 100 37.50 5.61 -16.93
C GLY D 100 36.49 4.82 -16.12
N VAL D 101 35.34 4.52 -16.72
CA VAL D 101 34.19 3.91 -16.05
C VAL D 101 33.68 2.72 -16.85
N ASP D 102 33.33 1.63 -16.15
CA ASP D 102 32.59 0.49 -16.68
C ASP D 102 31.39 0.20 -15.79
N VAL D 103 30.32 -0.34 -16.37
CA VAL D 103 29.07 -0.64 -15.65
C VAL D 103 28.57 -2.04 -16.01
N GLN D 104 28.15 -2.81 -15.00
CA GLN D 104 27.47 -4.08 -15.19
C GLN D 104 26.11 -4.03 -14.49
N VAL D 105 25.04 -4.22 -15.26
CA VAL D 105 23.68 -4.13 -14.73
C VAL D 105 23.23 -5.51 -14.29
N GLU D 106 22.84 -5.64 -13.03
CA GLU D 106 22.44 -6.93 -12.48
C GLU D 106 20.94 -7.20 -12.63
N SER D 107 20.07 -6.24 -12.36
CA SER D 107 18.63 -6.48 -12.48
C SER D 107 17.87 -5.16 -12.56
N LEU D 108 16.63 -5.27 -13.04
CA LEU D 108 15.64 -4.20 -12.96
C LEU D 108 14.58 -4.59 -11.95
N ASP D 109 14.45 -3.83 -10.89
CA ASP D 109 13.72 -4.28 -9.70
C ASP D 109 12.23 -3.95 -9.74
N SER D 110 11.85 -2.77 -10.22
CA SER D 110 10.45 -2.36 -10.24
C SER D 110 10.29 -1.13 -11.11
N ILE D 111 9.03 -0.80 -11.42
CA ILE D 111 8.68 0.41 -12.16
C ILE D 111 7.33 0.91 -11.65
N SER D 112 7.20 2.23 -11.53
CA SER D 112 5.99 2.87 -11.01
C SER D 112 5.46 3.83 -12.07
N GLU D 113 4.29 3.53 -12.61
CA GLU D 113 3.73 4.37 -13.67
C GLU D 113 3.11 5.65 -13.14
N VAL D 114 2.50 5.63 -11.95
CA VAL D 114 1.89 6.85 -11.41
C VAL D 114 2.97 7.85 -10.97
N ASP D 115 4.02 7.38 -10.29
CA ASP D 115 5.09 8.25 -9.84
C ASP D 115 6.16 8.47 -10.89
N MET D 116 6.16 7.72 -11.99
CA MET D 116 7.09 7.87 -13.11
C MET D 116 8.55 7.73 -12.67
N ASP D 117 8.92 6.52 -12.25
CA ASP D 117 10.31 6.21 -11.91
C ASP D 117 10.56 4.70 -12.05
N PHE D 118 11.84 4.32 -11.99
CA PHE D 118 12.27 2.92 -12.07
C PHE D 118 13.47 2.69 -11.14
N THR D 119 13.70 1.41 -10.79
CA THR D 119 14.75 1.02 -9.83
C THR D 119 15.67 -0.05 -10.44
N MET D 120 16.98 0.12 -10.26
CA MET D 120 18.01 -0.74 -10.84
C MET D 120 19.12 -1.05 -9.83
N THR D 121 19.72 -2.25 -9.95
CA THR D 121 20.88 -2.67 -9.17
C THR D 121 22.06 -2.97 -10.09
N LEU D 122 23.25 -2.45 -9.77
CA LEU D 122 24.39 -2.51 -10.69
C LEU D 122 25.73 -2.51 -9.96
N TYR D 123 26.78 -2.86 -10.70
CA TYR D 123 28.18 -2.72 -10.27
C TYR D 123 28.83 -1.54 -10.99
N LEU D 124 29.50 -0.67 -10.24
CA LEU D 124 30.19 0.50 -10.77
C LEU D 124 31.70 0.38 -10.54
N ARG D 125 32.49 0.53 -11.60
CA ARG D 125 33.94 0.34 -11.53
C ARG D 125 34.68 1.56 -12.08
N HIS D 126 35.77 1.97 -11.39
CA HIS D 126 36.56 3.15 -11.75
C HIS D 126 38.02 2.77 -11.97
N TYR D 127 38.68 3.45 -12.92
CA TYR D 127 40.10 3.23 -13.22
C TYR D 127 40.85 4.57 -13.29
N TRP D 128 41.95 4.68 -12.57
CA TRP D 128 42.84 5.85 -12.65
C TRP D 128 44.20 5.49 -12.08
N LYS D 129 45.17 6.39 -12.28
CA LYS D 129 46.55 6.19 -11.82
C LYS D 129 46.95 7.27 -10.82
N ASP D 130 47.69 6.88 -9.78
CA ASP D 130 48.19 7.80 -8.76
C ASP D 130 49.59 7.37 -8.35
N GLU D 131 50.59 8.16 -8.71
CA GLU D 131 51.98 7.83 -8.41
C GLU D 131 52.28 7.82 -6.91
N ARG D 132 51.48 8.50 -6.10
CA ARG D 132 51.73 8.52 -4.66
C ARG D 132 51.48 7.18 -3.99
N LEU D 133 50.76 6.26 -4.65
CA LEU D 133 50.45 4.96 -4.08
C LEU D 133 51.40 3.86 -4.55
N SER D 134 52.40 4.18 -5.35
CA SER D 134 53.36 3.18 -5.82
C SER D 134 54.17 2.62 -4.65
N PHE D 135 54.47 1.33 -4.70
CA PHE D 135 55.22 0.66 -3.66
C PHE D 135 56.23 -0.31 -4.28
N PRO D 136 57.35 -0.56 -3.61
CA PRO D 136 58.34 -1.48 -4.15
C PRO D 136 57.88 -2.93 -4.03
N SER D 137 58.30 -3.73 -5.00
CA SER D 137 57.95 -5.14 -5.01
C SER D 137 59.03 -5.93 -5.75
N THR D 138 59.28 -7.14 -5.27
CA THR D 138 60.19 -8.06 -5.93
C THR D 138 59.48 -8.96 -6.93
N ASN D 139 58.18 -8.72 -7.13
CA ASN D 139 57.34 -9.48 -8.04
C ASN D 139 56.32 -8.51 -8.60
N ASN D 140 55.32 -9.04 -9.29
CA ASN D 140 54.27 -8.22 -9.89
C ASN D 140 52.91 -8.47 -9.27
N LEU D 141 52.87 -8.76 -7.97
CA LEU D 141 51.62 -9.00 -7.28
C LEU D 141 51.03 -7.69 -6.75
N SER D 142 49.71 -7.59 -6.79
CA SER D 142 49.00 -6.42 -6.30
C SER D 142 48.43 -6.67 -4.91
N MET D 143 48.05 -5.58 -4.24
CA MET D 143 47.49 -5.62 -2.90
C MET D 143 46.03 -5.20 -2.91
N THR D 144 45.21 -5.89 -2.13
CA THR D 144 43.76 -5.71 -2.12
C THR D 144 43.28 -5.26 -0.74
N PHE D 145 42.39 -4.27 -0.71
CA PHE D 145 41.85 -3.71 0.51
C PHE D 145 40.34 -3.61 0.43
N ASP D 146 39.69 -3.54 1.58
CA ASP D 146 38.25 -3.32 1.66
C ASP D 146 37.96 -1.84 1.90
N GLY D 147 36.71 -1.53 2.25
CA GLY D 147 36.23 -0.16 2.33
C GLY D 147 36.87 0.70 3.40
N ARG D 148 37.59 0.13 4.35
CA ARG D 148 38.18 0.92 5.42
C ARG D 148 39.31 1.82 4.94
N LEU D 149 39.97 1.46 3.84
CA LEU D 149 41.05 2.28 3.31
C LEU D 149 40.56 3.50 2.55
N VAL D 150 39.28 3.52 2.14
CA VAL D 150 38.76 4.58 1.29
C VAL D 150 38.88 5.94 1.97
N LYS D 151 38.64 5.98 3.29
CA LYS D 151 38.70 7.24 4.02
C LYS D 151 40.12 7.80 4.15
N LYS D 152 41.15 7.03 3.80
CA LYS D 152 42.52 7.49 3.98
C LYS D 152 43.17 8.00 2.70
N ILE D 153 42.56 7.80 1.53
CA ILE D 153 43.14 8.23 0.26
C ILE D 153 42.10 9.02 -0.52
N TRP D 154 42.54 9.60 -1.63
CA TRP D 154 41.66 10.32 -2.54
C TRP D 154 40.95 9.35 -3.49
N VAL D 155 39.65 9.52 -3.67
CA VAL D 155 38.86 8.77 -4.64
C VAL D 155 37.90 9.73 -5.35
N PRO D 156 37.47 9.38 -6.56
CA PRO D 156 36.50 10.22 -7.28
C PRO D 156 35.10 10.22 -6.64
N ASP D 157 34.41 11.35 -6.76
CA ASP D 157 33.10 11.59 -6.11
C ASP D 157 31.94 11.54 -7.11
N MET D 158 31.62 10.37 -7.64
CA MET D 158 30.51 10.25 -8.59
C MET D 158 29.15 10.25 -7.88
N PHE D 159 28.13 10.79 -8.54
CA PHE D 159 26.75 10.77 -8.05
C PHE D 159 25.79 10.62 -9.23
N PHE D 160 24.55 10.21 -8.94
CA PHE D 160 23.54 9.93 -9.95
C PHE D 160 22.60 11.14 -10.10
N VAL D 161 22.55 11.70 -11.30
CA VAL D 161 21.74 12.90 -11.58
C VAL D 161 20.29 12.49 -11.77
N HIS D 162 19.37 13.31 -11.24
CA HIS D 162 17.92 13.10 -11.34
C HIS D 162 17.47 11.82 -10.62
N SER D 163 18.10 11.47 -9.50
CA SER D 163 17.67 10.31 -8.73
C SER D 163 16.85 10.76 -7.51
N LYS D 164 16.03 9.83 -7.01
CA LYS D 164 15.18 10.07 -5.86
C LYS D 164 15.72 9.47 -4.57
N ARG D 165 16.41 8.33 -4.64
CA ARG D 165 17.01 7.67 -3.48
C ARG D 165 17.98 6.59 -3.95
N SER D 166 18.97 6.28 -3.10
CA SER D 166 19.97 5.26 -3.44
C SER D 166 20.72 4.84 -2.16
N PHE D 167 21.37 3.68 -2.23
CA PHE D 167 22.17 3.19 -1.10
C PHE D 167 23.20 2.16 -1.59
N ILE D 168 24.23 1.93 -0.76
CA ILE D 168 25.29 0.96 -1.02
C ILE D 168 25.06 -0.25 -0.11
N HIS D 169 25.10 -1.46 -0.69
CA HIS D 169 24.84 -2.69 0.05
C HIS D 169 25.92 -2.98 1.09
N ASP D 170 25.52 -3.50 2.25
CA ASP D 170 26.46 -3.65 3.37
C ASP D 170 26.35 -4.97 4.14
N THR D 171 25.90 -6.05 3.49
CA THR D 171 25.83 -7.37 4.12
C THR D 171 26.72 -8.35 3.34
N THR D 172 27.58 -9.11 4.02
CA THR D 172 27.76 -9.09 5.47
C THR D 172 28.69 -7.97 5.94
N THR D 173 29.37 -7.32 5.00
CA THR D 173 30.12 -6.10 5.26
C THR D 173 29.93 -5.21 4.03
N ASP D 174 30.53 -4.01 4.06
CA ASP D 174 30.39 -3.08 2.94
C ASP D 174 30.92 -3.71 1.65
N ASN D 175 30.12 -3.66 0.59
CA ASN D 175 30.45 -4.28 -0.69
C ASN D 175 31.33 -3.33 -1.53
N VAL D 176 32.56 -3.12 -1.05
CA VAL D 176 33.52 -2.18 -1.64
C VAL D 176 34.89 -2.86 -1.73
N MET D 177 35.60 -2.65 -2.84
CA MET D 177 36.91 -3.25 -3.04
C MET D 177 37.89 -2.25 -3.67
N LEU D 178 39.15 -2.32 -3.27
CA LEU D 178 40.24 -1.54 -3.85
C LEU D 178 41.42 -2.45 -4.18
N ARG D 179 41.95 -2.35 -5.39
CA ARG D 179 43.13 -3.10 -5.82
C ARG D 179 44.18 -2.13 -6.35
N VAL D 180 45.40 -2.24 -5.85
CA VAL D 180 46.48 -1.30 -6.18
C VAL D 180 47.64 -2.07 -6.81
N GLN D 181 48.05 -1.65 -7.99
CA GLN D 181 49.19 -2.22 -8.69
C GLN D 181 50.50 -1.63 -8.18
N PRO D 182 51.62 -2.32 -8.39
CA PRO D 182 52.92 -1.77 -7.93
C PRO D 182 53.25 -0.39 -8.51
N ASP D 183 52.78 -0.06 -9.71
CA ASP D 183 53.08 1.21 -10.34
C ASP D 183 52.05 2.30 -10.02
N GLY D 184 51.04 2.01 -9.22
CA GLY D 184 50.08 3.02 -8.82
C GLY D 184 48.75 3.03 -9.54
N LYS D 185 48.46 2.04 -10.38
CA LYS D 185 47.14 1.92 -11.00
C LYS D 185 46.14 1.37 -10.00
N VAL D 186 44.91 1.91 -10.04
CA VAL D 186 43.89 1.63 -9.03
C VAL D 186 42.61 1.19 -9.72
N LEU D 187 41.96 0.16 -9.16
CA LEU D 187 40.60 -0.25 -9.52
C LEU D 187 39.70 -0.10 -8.29
N TYR D 188 38.55 0.55 -8.48
CA TYR D 188 37.61 0.87 -7.40
C TYR D 188 36.22 0.37 -7.78
N SER D 189 35.66 -0.56 -7.00
CA SER D 189 34.44 -1.29 -7.36
C SER D 189 33.45 -1.32 -6.21
N LEU D 190 32.17 -1.06 -6.51
CA LEU D 190 31.13 -1.11 -5.49
C LEU D 190 29.76 -1.45 -6.09
N ARG D 191 28.88 -1.98 -5.24
CA ARG D 191 27.57 -2.47 -5.62
C ARG D 191 26.47 -1.58 -5.03
N VAL D 192 25.56 -1.07 -5.89
CA VAL D 192 24.62 -0.02 -5.53
C VAL D 192 23.23 -0.27 -6.12
N THR D 193 22.20 0.27 -5.45
CA THR D 193 20.82 0.27 -5.93
C THR D 193 20.31 1.70 -6.00
N VAL D 194 19.65 2.06 -7.10
CA VAL D 194 19.25 3.46 -7.37
C VAL D 194 17.82 3.51 -7.93
N THR D 195 17.07 4.53 -7.52
CA THR D 195 15.75 4.85 -8.08
C THR D 195 15.83 6.19 -8.82
N ALA D 196 15.42 6.20 -10.10
CA ALA D 196 15.58 7.36 -10.96
C ALA D 196 14.29 7.74 -11.66
N MET D 197 14.14 9.03 -11.96
CA MET D 197 12.92 9.55 -12.57
C MET D 197 12.89 9.29 -14.07
N CYS D 198 11.67 9.18 -14.61
CA CYS D 198 11.48 8.92 -16.03
C CYS D 198 10.13 9.49 -16.45
N ASN D 199 10.13 10.62 -17.14
CA ASN D 199 8.90 11.22 -17.64
C ASN D 199 8.26 10.34 -18.74
N MET D 200 6.98 10.05 -18.58
CA MET D 200 6.25 9.17 -19.48
C MET D 200 5.06 9.91 -20.09
N ASP D 201 4.64 9.46 -21.28
CA ASP D 201 3.51 10.01 -22.01
C ASP D 201 2.56 8.88 -22.36
N PHE D 202 1.34 8.97 -21.87
CA PHE D 202 0.34 7.91 -22.03
C PHE D 202 -0.74 8.24 -23.05
N SER D 203 -0.49 9.20 -23.95
CA SER D 203 -1.51 9.60 -24.92
C SER D 203 -1.94 8.46 -25.84
N ARG D 204 -0.99 7.61 -26.23
CA ARG D 204 -1.24 6.55 -27.21
C ARG D 204 -1.49 5.18 -26.55
N PHE D 205 -1.68 5.14 -25.23
CA PHE D 205 -1.91 3.89 -24.52
C PHE D 205 -3.07 3.12 -25.13
N PRO D 206 -2.95 1.79 -25.32
CA PRO D 206 -1.84 0.90 -24.94
C PRO D 206 -0.76 0.69 -26.00
N LEU D 207 -0.69 1.57 -26.99
CA LEU D 207 0.29 1.44 -28.08
C LEU D 207 1.46 2.41 -27.91
N ASP D 208 1.74 2.85 -26.69
CA ASP D 208 2.79 3.81 -26.41
C ASP D 208 4.15 3.14 -26.32
N THR D 209 5.20 3.94 -26.52
CA THR D 209 6.59 3.54 -26.36
C THR D 209 7.29 4.56 -25.46
N GLN D 210 8.12 4.07 -24.53
CA GLN D 210 8.80 4.93 -23.57
C GLN D 210 10.32 4.75 -23.67
N THR D 211 11.06 5.84 -23.44
CA THR D 211 12.52 5.82 -23.38
C THR D 211 13.00 6.35 -22.04
N CYS D 212 13.96 5.66 -21.44
CA CYS D 212 14.46 5.97 -20.10
C CYS D 212 15.99 6.07 -20.11
N SER D 213 16.54 6.71 -19.09
CA SER D 213 17.99 6.85 -18.99
C SER D 213 18.44 6.98 -17.54
N LEU D 214 19.69 6.59 -17.28
CA LEU D 214 20.38 6.79 -16.01
C LEU D 214 21.66 7.58 -16.28
N GLU D 215 21.93 8.60 -15.46
CA GLU D 215 22.98 9.59 -15.70
C GLU D 215 23.98 9.65 -14.55
N ILE D 216 25.26 9.77 -14.88
CA ILE D 216 26.38 9.75 -13.94
C ILE D 216 27.25 11.00 -14.15
N GLU D 217 27.62 11.66 -13.04
CA GLU D 217 28.35 12.94 -13.10
C GLU D 217 29.18 13.13 -11.82
N SER D 218 30.24 13.92 -11.93
CA SER D 218 31.04 14.33 -10.77
C SER D 218 30.36 15.48 -10.02
N TYR D 219 30.39 15.43 -8.69
CA TYR D 219 29.72 16.47 -7.91
C TYR D 219 30.51 17.78 -7.89
N ALA D 220 31.82 17.73 -7.66
CA ALA D 220 32.58 18.91 -7.33
C ALA D 220 33.70 19.30 -8.30
N TYR D 221 34.04 18.46 -9.27
CA TYR D 221 35.19 18.73 -10.15
C TYR D 221 34.71 19.02 -11.57
N THR D 222 35.11 20.17 -12.12
CA THR D 222 34.80 20.53 -13.49
C THR D 222 35.74 19.80 -14.45
N GLU D 223 35.46 19.93 -15.75
CA GLU D 223 36.25 19.25 -16.77
C GLU D 223 37.69 19.75 -16.84
N ASP D 224 38.02 20.87 -16.20
CA ASP D 224 39.40 21.32 -16.15
C ASP D 224 40.22 20.53 -15.13
N ASP D 225 39.59 19.91 -14.16
CA ASP D 225 40.27 19.14 -13.13
C ASP D 225 40.10 17.63 -13.27
N LEU D 226 38.97 17.15 -13.78
CA LEU D 226 38.69 15.72 -13.89
C LEU D 226 38.01 15.44 -15.22
N MET D 227 38.56 14.51 -16.00
CA MET D 227 38.03 14.14 -17.31
C MET D 227 37.41 12.75 -17.23
N LEU D 228 36.08 12.68 -17.33
CA LEU D 228 35.32 11.45 -17.15
C LEU D 228 34.88 10.90 -18.50
N TYR D 229 35.12 9.61 -18.75
CA TYR D 229 34.84 9.00 -20.05
C TYR D 229 34.55 7.50 -19.89
N TRP D 230 33.89 6.92 -20.89
CA TRP D 230 33.67 5.47 -20.95
C TRP D 230 34.97 4.77 -21.32
N LYS D 231 35.37 3.79 -20.51
CA LYS D 231 36.70 3.20 -20.66
C LYS D 231 36.89 2.50 -22.00
N LYS D 232 35.89 1.75 -22.46
CA LYS D 232 36.01 0.98 -23.70
C LYS D 232 34.88 1.29 -24.67
N GLY D 233 34.40 2.54 -24.68
CA GLY D 233 33.33 2.91 -25.60
C GLY D 233 32.04 2.15 -25.32
N ASN D 234 31.43 1.58 -26.36
CA ASN D 234 30.19 0.83 -26.22
C ASN D 234 30.40 -0.55 -25.61
N ASP D 235 31.63 -1.02 -25.50
CA ASP D 235 31.92 -2.28 -24.84
C ASP D 235 31.98 -2.16 -23.33
N SER D 236 31.78 -0.96 -22.78
CA SER D 236 31.86 -0.73 -21.34
C SER D 236 30.57 -1.11 -20.61
N LEU D 237 29.50 -1.45 -21.31
CA LEU D 237 28.20 -1.75 -20.71
C LEU D 237 27.86 -3.22 -20.93
N LYS D 238 27.59 -3.94 -19.84
CA LYS D 238 27.14 -5.33 -19.89
C LYS D 238 25.83 -5.46 -19.13
N THR D 239 24.95 -6.34 -19.61
CA THR D 239 23.66 -6.59 -18.98
C THR D 239 23.46 -8.08 -18.75
N ASP D 240 22.72 -8.39 -17.68
CA ASP D 240 22.45 -9.78 -17.31
C ASP D 240 21.55 -10.47 -18.34
N GLU D 241 21.81 -11.76 -18.57
CA GLU D 241 21.08 -12.50 -19.59
C GLU D 241 19.60 -12.68 -19.28
N ARG D 242 19.20 -12.57 -18.02
CA ARG D 242 17.83 -12.85 -17.61
C ARG D 242 17.11 -11.61 -17.08
N ILE D 243 17.53 -10.42 -17.52
CA ILE D 243 16.88 -9.19 -17.08
C ILE D 243 15.48 -9.10 -17.68
N SER D 244 14.49 -8.81 -16.83
CA SER D 244 13.11 -8.78 -17.31
C SER D 244 12.25 -7.96 -16.37
N LEU D 245 11.11 -7.50 -16.91
CA LEU D 245 10.06 -6.83 -16.16
C LEU D 245 8.75 -7.55 -16.43
N SER D 246 7.85 -7.52 -15.46
CA SER D 246 6.63 -8.30 -15.55
C SER D 246 5.72 -7.80 -16.68
N GLN D 247 5.49 -6.49 -16.77
CA GLN D 247 4.53 -5.95 -17.72
C GLN D 247 5.15 -5.27 -18.94
N PHE D 248 6.47 -5.31 -19.13
CA PHE D 248 7.11 -4.63 -20.25
C PHE D 248 8.12 -5.54 -20.96
N LEU D 249 8.38 -5.22 -22.23
CA LEU D 249 9.52 -5.76 -22.97
C LEU D 249 10.63 -4.71 -23.02
N ILE D 250 11.88 -5.15 -22.88
CA ILE D 250 13.04 -4.27 -22.77
C ILE D 250 13.96 -4.49 -23.96
N GLN D 251 14.43 -3.41 -24.59
CA GLN D 251 15.27 -3.53 -25.77
C GLN D 251 16.21 -2.34 -25.90
N GLU D 252 17.29 -2.53 -26.67
CA GLU D 252 18.16 -1.48 -27.19
C GLU D 252 18.92 -0.71 -26.10
N PHE D 253 19.77 -1.40 -25.34
CA PHE D 253 20.71 -0.75 -24.42
C PHE D 253 21.88 -0.15 -25.21
N HIS D 254 22.26 1.08 -24.86
CA HIS D 254 23.45 1.72 -25.42
C HIS D 254 23.84 2.92 -24.55
N THR D 255 25.05 3.44 -24.80
CA THR D 255 25.62 4.54 -24.03
C THR D 255 25.86 5.78 -24.91
N THR D 256 25.82 6.96 -24.26
CA THR D 256 26.17 8.24 -24.88
C THR D 256 26.86 9.14 -23.84
N THR D 257 27.40 10.28 -24.31
CA THR D 257 28.02 11.30 -23.46
C THR D 257 27.62 12.69 -23.93
N LYS D 258 27.61 13.66 -23.01
CA LYS D 258 27.27 15.04 -23.32
C LYS D 258 27.78 15.98 -22.23
N LEU D 259 28.13 17.20 -22.62
CA LEU D 259 28.61 18.22 -21.70
C LEU D 259 27.45 19.05 -21.14
N ALA D 260 27.49 19.33 -19.84
CA ALA D 260 26.47 20.10 -19.16
C ALA D 260 27.08 21.35 -18.52
N PHE D 261 26.28 22.41 -18.46
CA PHE D 261 26.74 23.71 -17.96
C PHE D 261 25.96 24.12 -16.72
N TYR D 262 26.68 24.55 -15.69
CA TYR D 262 26.09 25.12 -14.48
C TYR D 262 26.61 26.54 -14.32
N SER D 263 25.69 27.50 -14.19
CA SER D 263 26.12 28.88 -14.02
C SER D 263 26.87 29.11 -12.71
N SER D 264 26.65 28.27 -11.71
CA SER D 264 27.35 28.45 -10.44
C SER D 264 28.83 28.06 -10.52
N THR D 265 29.16 27.03 -11.29
CA THR D 265 30.56 26.56 -11.26
C THR D 265 31.20 26.24 -12.61
N GLY D 266 30.46 25.94 -13.68
CA GLY D 266 31.12 25.70 -14.95
C GLY D 266 30.65 24.46 -15.68
N TRP D 267 31.50 23.88 -16.53
CA TRP D 267 31.16 22.77 -17.43
C TRP D 267 31.55 21.42 -16.83
N TYR D 268 30.69 20.41 -17.00
CA TYR D 268 30.89 19.07 -16.47
C TYR D 268 30.59 18.02 -17.53
N ASN D 269 31.31 16.89 -17.48
CA ASN D 269 31.03 15.73 -18.33
C ASN D 269 29.93 14.87 -17.72
N ARG D 270 28.98 14.42 -18.55
CA ARG D 270 27.88 13.57 -18.13
C ARG D 270 27.78 12.32 -19.00
N LEU D 271 27.57 11.16 -18.38
CA LEU D 271 27.45 9.88 -19.07
C LEU D 271 26.02 9.34 -18.96
N TYR D 272 25.55 8.65 -20.01
CA TYR D 272 24.16 8.18 -20.12
C TYR D 272 24.08 6.69 -20.44
N ILE D 273 23.09 6.02 -19.85
CA ILE D 273 22.69 4.66 -20.20
C ILE D 273 21.22 4.68 -20.64
N ASN D 274 20.96 4.27 -21.89
CA ASN D 274 19.64 4.41 -22.52
C ASN D 274 19.02 3.05 -22.84
N PHE D 275 17.68 2.95 -22.72
CA PHE D 275 16.93 1.75 -23.10
C PHE D 275 15.46 2.12 -23.37
N THR D 276 14.73 1.17 -23.98
CA THR D 276 13.36 1.37 -24.47
C THR D 276 12.42 0.28 -23.93
N LEU D 277 11.14 0.65 -23.71
CA LEU D 277 10.12 -0.24 -23.17
C LEU D 277 8.90 -0.33 -24.08
N ARG D 278 8.31 -1.53 -24.20
CA ARG D 278 7.08 -1.77 -24.97
C ARG D 278 6.15 -2.73 -24.24
N ARG D 279 4.85 -2.65 -24.56
CA ARG D 279 3.81 -3.49 -23.95
C ARG D 279 3.46 -4.68 -24.85
N HIS D 280 2.66 -5.61 -24.30
CA HIS D 280 2.11 -6.76 -25.03
C HIS D 280 0.76 -6.38 -25.60
N ILE D 281 0.70 -6.15 -26.91
CA ILE D 281 -0.49 -5.55 -27.52
C ILE D 281 -1.68 -6.52 -27.50
N PHE D 282 -1.45 -7.81 -27.75
CA PHE D 282 -2.56 -8.74 -27.94
C PHE D 282 -3.38 -8.94 -26.67
N PHE D 283 -2.74 -8.90 -25.50
CA PHE D 283 -3.48 -8.96 -24.25
C PHE D 283 -4.49 -7.83 -24.15
N PHE D 284 -4.07 -6.60 -24.46
CA PHE D 284 -4.97 -5.46 -24.38
C PHE D 284 -6.05 -5.51 -25.44
N LEU D 285 -5.72 -5.98 -26.65
CA LEU D 285 -6.74 -6.11 -27.68
C LEU D 285 -7.85 -7.05 -27.23
N LEU D 286 -7.46 -8.24 -26.74
CA LEU D 286 -8.43 -9.23 -26.29
C LEU D 286 -9.24 -8.74 -25.10
N GLN D 287 -8.60 -8.05 -24.15
CA GLN D 287 -9.28 -7.66 -22.93
C GLN D 287 -10.20 -6.45 -23.12
N THR D 288 -9.90 -5.55 -24.05
CA THR D 288 -10.67 -4.32 -24.15
C THR D 288 -11.42 -4.18 -25.47
N TYR D 289 -10.72 -4.29 -26.61
CA TYR D 289 -11.36 -3.92 -27.87
C TYR D 289 -12.39 -4.96 -28.30
N PHE D 290 -12.14 -6.24 -27.99
CA PHE D 290 -13.01 -7.33 -28.40
C PHE D 290 -14.42 -7.23 -27.82
N PRO D 291 -14.61 -7.16 -26.49
CA PRO D 291 -15.99 -7.10 -25.95
C PRO D 291 -16.80 -5.90 -26.43
N ALA D 292 -16.18 -4.73 -26.58
CA ALA D 292 -16.92 -3.55 -27.01
C ALA D 292 -17.44 -3.70 -28.44
N THR D 293 -16.60 -4.24 -29.33
CA THR D 293 -17.05 -4.52 -30.69
C THR D 293 -18.17 -5.56 -30.70
N LEU D 294 -18.07 -6.59 -29.86
CA LEU D 294 -19.12 -7.59 -29.79
C LEU D 294 -20.44 -6.99 -29.33
N MET D 295 -20.41 -6.10 -28.34
CA MET D 295 -21.66 -5.50 -27.87
C MET D 295 -22.27 -4.55 -28.91
N VAL D 296 -21.42 -3.81 -29.65
CA VAL D 296 -21.95 -2.99 -30.73
C VAL D 296 -22.62 -3.85 -31.79
N MET D 297 -22.00 -4.98 -32.15
CA MET D 297 -22.64 -5.87 -33.12
C MET D 297 -23.93 -6.47 -32.57
N LEU D 298 -23.99 -6.75 -31.28
CA LEU D 298 -25.19 -7.29 -30.67
C LEU D 298 -26.35 -6.28 -30.73
N SER D 299 -26.05 -4.98 -30.59
CA SER D 299 -27.14 -4.00 -30.64
C SER D 299 -27.81 -3.93 -32.01
N TRP D 300 -27.18 -4.44 -33.07
CA TRP D 300 -27.77 -4.38 -34.40
C TRP D 300 -28.82 -5.47 -34.64
N VAL D 301 -28.94 -6.45 -33.73
CA VAL D 301 -29.90 -7.54 -33.91
C VAL D 301 -31.32 -7.03 -33.91
N SER D 302 -31.61 -5.99 -33.12
CA SER D 302 -32.96 -5.47 -33.00
C SER D 302 -33.53 -4.97 -34.33
N PHE D 303 -32.68 -4.64 -35.31
CA PHE D 303 -33.17 -4.15 -36.58
C PHE D 303 -33.87 -5.23 -37.39
N TRP D 304 -33.67 -6.50 -37.05
CA TRP D 304 -34.29 -7.62 -37.75
C TRP D 304 -35.46 -8.25 -37.00
N ILE D 305 -35.87 -7.67 -35.87
CA ILE D 305 -36.97 -8.19 -35.05
C ILE D 305 -38.25 -7.45 -35.40
N ASP D 306 -39.36 -8.18 -35.38
CA ASP D 306 -40.69 -7.63 -35.68
C ASP D 306 -40.98 -6.38 -34.83
N ARG D 307 -41.34 -5.29 -35.50
CA ARG D 307 -41.60 -4.03 -34.81
C ARG D 307 -42.82 -4.07 -33.91
N ARG D 308 -43.71 -5.05 -34.08
CA ARG D 308 -44.88 -5.17 -33.22
C ARG D 308 -44.56 -5.79 -31.87
N ALA D 309 -43.38 -6.38 -31.70
CA ALA D 309 -42.99 -7.00 -30.42
C ALA D 309 -42.27 -5.96 -29.55
N VAL D 310 -43.06 -5.01 -29.04
CA VAL D 310 -42.50 -3.97 -28.16
C VAL D 310 -41.88 -4.55 -26.88
N PRO D 311 -42.54 -5.45 -26.15
CA PRO D 311 -41.92 -5.99 -24.92
C PRO D 311 -40.67 -6.81 -25.17
N ALA D 312 -40.32 -7.10 -26.41
CA ALA D 312 -39.03 -7.69 -26.73
C ALA D 312 -38.00 -6.65 -27.18
N ARG D 313 -38.42 -5.64 -27.95
CA ARG D 313 -37.48 -4.66 -28.48
C ARG D 313 -36.94 -3.74 -27.39
N VAL D 314 -37.79 -3.27 -26.48
CA VAL D 314 -37.34 -2.27 -25.51
C VAL D 314 -36.33 -2.83 -24.51
N PRO D 315 -36.64 -3.92 -23.79
CA PRO D 315 -35.69 -4.43 -22.78
C PRO D 315 -34.35 -4.80 -23.36
N LEU D 316 -34.31 -5.26 -24.62
CA LEU D 316 -33.05 -5.62 -25.24
C LEU D 316 -32.12 -4.41 -25.34
N GLY D 317 -32.63 -3.28 -25.83
CA GLY D 317 -31.81 -2.07 -25.92
C GLY D 317 -31.33 -1.58 -24.58
N ILE D 318 -32.25 -1.51 -23.60
CA ILE D 318 -31.82 -0.96 -22.31
C ILE D 318 -30.80 -1.89 -21.63
N THR D 319 -30.96 -3.21 -21.78
CA THR D 319 -30.00 -4.14 -21.18
C THR D 319 -28.65 -4.07 -21.88
N THR D 320 -28.64 -3.85 -23.20
CA THR D 320 -27.37 -3.66 -23.90
C THR D 320 -26.63 -2.43 -23.38
N VAL D 321 -27.37 -1.34 -23.13
CA VAL D 321 -26.74 -0.15 -22.56
C VAL D 321 -26.14 -0.45 -21.18
N LEU D 322 -26.88 -1.17 -20.34
CA LEU D 322 -26.36 -1.53 -19.01
C LEU D 322 -25.09 -2.37 -19.12
N THR D 323 -25.07 -3.34 -20.03
CA THR D 323 -23.90 -4.19 -20.19
C THR D 323 -22.67 -3.40 -20.62
N MET D 324 -22.84 -2.49 -21.59
CA MET D 324 -21.71 -1.67 -22.04
C MET D 324 -21.19 -0.79 -20.91
N SER D 325 -22.09 -0.24 -20.10
CA SER D 325 -21.66 0.58 -18.97
C SER D 325 -20.83 -0.23 -17.97
N THR D 326 -21.26 -1.45 -17.66
CA THR D 326 -20.49 -2.26 -16.71
C THR D 326 -19.12 -2.64 -17.29
N ILE D 327 -19.05 -2.88 -18.61
CA ILE D 327 -17.75 -3.16 -19.22
C ILE D 327 -16.81 -1.97 -19.08
N ILE D 328 -17.30 -0.76 -19.36
CA ILE D 328 -16.44 0.42 -19.29
C ILE D 328 -15.96 0.66 -17.85
N THR D 329 -16.86 0.50 -16.88
CA THR D 329 -16.43 0.68 -15.48
C THR D 329 -15.36 -0.34 -15.09
N GLY D 330 -15.55 -1.60 -15.48
CA GLY D 330 -14.54 -2.61 -15.19
C GLY D 330 -13.20 -2.31 -15.83
N VAL D 331 -13.20 -1.83 -17.08
CA VAL D 331 -11.96 -1.51 -17.75
C VAL D 331 -11.26 -0.35 -17.07
N ASN D 332 -12.02 0.68 -16.68
CA ASN D 332 -11.41 1.81 -15.97
C ASN D 332 -10.77 1.35 -14.66
N ALA D 333 -11.37 0.38 -13.99
CA ALA D 333 -10.84 -0.03 -12.69
C ALA D 333 -9.47 -0.72 -12.80
N SER D 334 -9.05 -1.19 -13.98
CA SER D 334 -7.85 -2.01 -14.10
C SER D 334 -6.67 -1.31 -14.77
N MET D 335 -6.82 -0.07 -15.20
CA MET D 335 -5.71 0.65 -15.81
C MET D 335 -5.02 1.53 -14.77
N PRO D 336 -3.77 1.94 -15.02
CA PRO D 336 -3.11 2.86 -14.09
C PRO D 336 -3.85 4.19 -14.00
N ARG D 337 -3.89 4.76 -12.80
CA ARG D 337 -4.72 5.94 -12.50
C ARG D 337 -4.04 7.19 -13.05
N VAL D 338 -4.18 7.38 -14.37
CA VAL D 338 -3.67 8.55 -15.07
C VAL D 338 -4.87 9.35 -15.57
N SER D 339 -5.01 10.58 -15.11
CA SER D 339 -6.22 11.37 -15.32
C SER D 339 -6.10 12.31 -16.52
N TYR D 340 -5.96 11.73 -17.71
CA TYR D 340 -6.16 12.47 -18.95
C TYR D 340 -6.50 11.48 -20.05
N ILE D 341 -6.93 12.01 -21.19
CA ILE D 341 -7.60 11.23 -22.22
C ILE D 341 -6.59 10.37 -22.98
N LYS D 342 -6.89 9.08 -23.11
CA LYS D 342 -6.09 8.12 -23.85
C LYS D 342 -6.90 7.52 -25.00
N ALA D 343 -6.18 6.87 -25.92
CA ALA D 343 -6.80 6.37 -27.16
C ALA D 343 -7.91 5.35 -26.89
N VAL D 344 -7.69 4.46 -25.93
CA VAL D 344 -8.66 3.41 -25.62
C VAL D 344 -9.96 4.02 -25.09
N ASP D 345 -9.89 5.15 -24.38
CA ASP D 345 -11.10 5.85 -23.93
C ASP D 345 -11.91 6.37 -25.11
N ILE D 346 -11.24 6.89 -26.13
CA ILE D 346 -11.94 7.36 -27.32
C ILE D 346 -12.72 6.22 -27.97
N TYR D 347 -12.07 5.07 -28.14
CA TYR D 347 -12.74 3.92 -28.74
C TYR D 347 -13.96 3.51 -27.92
N LEU D 348 -13.80 3.41 -26.59
CA LEU D 348 -14.90 2.93 -25.76
C LEU D 348 -16.11 3.87 -25.78
N TRP D 349 -15.87 5.19 -25.71
CA TRP D 349 -16.99 6.12 -25.64
C TRP D 349 -17.69 6.29 -26.98
N VAL D 350 -16.97 6.15 -28.11
CA VAL D 350 -17.63 6.12 -29.41
C VAL D 350 -18.55 4.91 -29.51
N SER D 351 -18.08 3.74 -29.04
CA SER D 351 -18.93 2.55 -29.04
C SER D 351 -20.18 2.75 -28.20
N PHE D 352 -20.04 3.40 -27.05
CA PHE D 352 -21.18 3.69 -26.19
C PHE D 352 -22.22 4.56 -26.91
N VAL D 353 -21.75 5.57 -27.63
CA VAL D 353 -22.65 6.44 -28.40
C VAL D 353 -23.42 5.64 -29.45
N PHE D 354 -22.73 4.72 -30.15
CA PHE D 354 -23.44 3.87 -31.11
C PHE D 354 -24.58 3.10 -30.46
N VAL D 355 -24.33 2.51 -29.29
CA VAL D 355 -25.37 1.75 -28.60
C VAL D 355 -26.57 2.63 -28.21
N PHE D 356 -26.28 3.85 -27.76
CA PHE D 356 -27.34 4.80 -27.40
C PHE D 356 -28.21 5.15 -28.60
N LEU D 357 -27.59 5.42 -29.76
CA LEU D 357 -28.38 5.76 -30.94
C LEU D 357 -29.31 4.61 -31.39
N SER D 358 -28.88 3.36 -31.20
CA SER D 358 -29.72 2.23 -31.57
C SER D 358 -31.03 2.18 -30.77
N VAL D 359 -31.04 2.75 -29.56
CA VAL D 359 -32.29 2.79 -28.82
C VAL D 359 -33.19 3.92 -29.29
N LEU D 360 -32.60 5.08 -29.60
CA LEU D 360 -33.39 6.19 -30.14
C LEU D 360 -34.10 5.79 -31.44
N GLU D 361 -33.47 4.94 -32.25
CA GLU D 361 -34.06 4.54 -33.52
C GLU D 361 -35.40 3.83 -33.32
N TYR D 362 -35.46 2.89 -32.39
CA TYR D 362 -36.71 2.17 -32.18
C TYR D 362 -37.77 3.04 -31.52
N ALA D 363 -37.37 3.98 -30.66
CA ALA D 363 -38.34 4.91 -30.11
C ALA D 363 -39.06 5.66 -31.23
N ALA D 364 -38.31 6.14 -32.22
CA ALA D 364 -38.94 6.84 -33.35
C ALA D 364 -39.88 5.93 -34.14
N VAL D 365 -39.45 4.69 -34.38
CA VAL D 365 -40.26 3.76 -35.15
C VAL D 365 -41.59 3.49 -34.45
N ASN D 366 -41.55 3.23 -33.14
CA ASN D 366 -42.77 2.92 -32.41
C ASN D 366 -43.74 4.10 -32.42
N TYR D 367 -43.24 5.31 -32.22
CA TYR D 367 -44.13 6.48 -32.23
C TYR D 367 -44.81 6.65 -33.59
N LEU D 368 -44.06 6.52 -34.67
CA LEU D 368 -44.65 6.73 -35.99
C LEU D 368 -45.70 5.66 -36.31
N THR D 369 -45.44 4.40 -35.94
CA THR D 369 -46.43 3.36 -36.19
C THR D 369 -47.72 3.62 -35.43
N THR D 370 -47.60 4.03 -34.16
CA THR D 370 -48.79 4.32 -33.38
C THR D 370 -49.59 5.46 -33.98
N VAL D 371 -48.89 6.50 -34.46
CA VAL D 371 -49.58 7.62 -35.08
C VAL D 371 -50.36 7.16 -36.31
N GLN D 372 -49.75 6.31 -37.14
CA GLN D 372 -50.43 5.86 -38.35
C GLN D 372 -51.67 5.03 -38.02
N GLU D 373 -51.56 4.13 -37.04
CA GLU D 373 -52.71 3.31 -36.71
C GLU D 373 -53.86 4.14 -36.17
N ARG D 374 -53.56 5.12 -35.30
CA ARG D 374 -54.61 5.97 -34.77
C ARG D 374 -55.28 6.77 -35.88
N LYS D 375 -54.48 7.29 -36.81
CA LYS D 375 -55.06 8.04 -37.92
C LYS D 375 -55.97 7.18 -38.77
N GLU D 376 -55.55 5.95 -39.06
CA GLU D 376 -56.37 5.08 -39.90
C GLU D 376 -57.70 4.74 -39.23
N GLN D 377 -57.67 4.44 -37.93
CA GLN D 377 -58.92 4.13 -37.26
C GLN D 377 -59.83 5.35 -37.19
N LYS D 378 -59.24 6.53 -36.95
CA LYS D 378 -60.05 7.74 -36.91
C LYS D 378 -60.72 8.00 -38.26
N LEU D 379 -59.99 7.79 -39.36
CA LEU D 379 -60.60 7.96 -40.67
C LEU D 379 -61.72 6.96 -40.91
N ARG D 380 -61.52 5.70 -40.51
CA ARG D 380 -62.55 4.70 -40.70
C ARG D 380 -63.80 5.04 -39.89
N ASP D 451 -45.32 -5.63 -42.86
CA ASP D 451 -44.25 -5.05 -43.65
C ASP D 451 -43.18 -4.40 -42.77
N THR D 452 -42.01 -4.14 -43.35
CA THR D 452 -40.91 -3.50 -42.63
C THR D 452 -40.95 -2.00 -42.83
N HIS D 453 -40.80 -1.25 -41.73
CA HIS D 453 -40.72 0.19 -41.79
C HIS D 453 -39.43 0.64 -42.47
N ALA D 454 -39.49 1.78 -43.14
CA ALA D 454 -38.35 2.28 -43.91
C ALA D 454 -37.13 2.55 -43.05
N ILE D 455 -37.34 2.98 -41.80
CA ILE D 455 -36.23 3.33 -40.92
C ILE D 455 -35.40 2.10 -40.60
N ASP D 456 -36.04 0.96 -40.32
CA ASP D 456 -35.30 -0.28 -40.10
C ASP D 456 -34.50 -0.67 -41.34
N LYS D 457 -35.10 -0.54 -42.52
CA LYS D 457 -34.44 -0.93 -43.76
C LYS D 457 -33.18 -0.09 -43.99
N TYR D 458 -33.24 1.21 -43.73
CA TYR D 458 -32.05 2.03 -43.91
C TYR D 458 -31.02 1.79 -42.80
N SER D 459 -31.48 1.59 -41.56
CA SER D 459 -30.54 1.39 -40.45
C SER D 459 -29.71 0.12 -40.62
N ARG D 460 -30.34 -0.94 -41.15
CA ARG D 460 -29.65 -2.21 -41.37
C ARG D 460 -28.40 -2.03 -42.23
N ILE D 461 -28.38 -1.02 -43.09
CA ILE D 461 -27.23 -0.74 -43.92
C ILE D 461 -26.34 0.34 -43.31
N ILE D 462 -26.94 1.40 -42.79
CA ILE D 462 -26.21 2.60 -42.43
C ILE D 462 -25.33 2.36 -41.19
N PHE D 463 -25.85 1.66 -40.17
CA PHE D 463 -25.06 1.52 -38.94
C PHE D 463 -23.72 0.81 -39.15
N PRO D 464 -23.67 -0.40 -39.75
CA PRO D 464 -22.36 -1.07 -39.94
C PRO D 464 -21.38 -0.29 -40.80
N ALA D 465 -21.85 0.40 -41.83
CA ALA D 465 -20.94 1.14 -42.69
C ALA D 465 -20.26 2.28 -41.95
N ALA D 466 -21.02 3.00 -41.12
CA ALA D 466 -20.44 4.06 -40.30
C ALA D 466 -19.44 3.51 -39.29
N TYR D 467 -19.75 2.35 -38.68
CA TYR D 467 -18.80 1.78 -37.73
C TYR D 467 -17.50 1.35 -38.42
N ILE D 468 -17.61 0.77 -39.63
CA ILE D 468 -16.43 0.38 -40.38
C ILE D 468 -15.58 1.60 -40.74
N LEU D 469 -16.23 2.68 -41.17
CA LEU D 469 -15.50 3.90 -41.50
C LEU D 469 -14.76 4.47 -40.30
N PHE D 470 -15.44 4.49 -39.14
CA PHE D 470 -14.78 4.94 -37.92
C PHE D 470 -13.56 4.09 -37.59
N ASN D 471 -13.68 2.77 -37.75
CA ASN D 471 -12.53 1.90 -37.47
C ASN D 471 -11.37 2.17 -38.44
N LEU D 472 -11.68 2.41 -39.72
CA LEU D 472 -10.60 2.70 -40.67
C LEU D 472 -9.86 3.98 -40.30
N ILE D 473 -10.59 5.02 -39.95
CA ILE D 473 -9.96 6.28 -39.58
C ILE D 473 -9.13 6.11 -38.29
N TYR D 474 -9.72 5.45 -37.29
CA TYR D 474 -9.06 5.28 -36.01
C TYR D 474 -7.74 4.53 -36.16
N TRP D 475 -7.76 3.39 -36.87
CA TRP D 475 -6.56 2.60 -36.98
C TRP D 475 -5.56 3.17 -37.98
N SER D 476 -5.98 4.05 -38.89
CA SER D 476 -5.00 4.79 -39.67
C SER D 476 -4.32 5.88 -38.85
N ILE D 477 -5.02 6.44 -37.86
CA ILE D 477 -4.40 7.47 -37.04
C ILE D 477 -3.47 6.86 -35.99
N PHE D 478 -3.93 5.84 -35.28
CA PHE D 478 -3.18 5.33 -34.13
C PHE D 478 -2.32 4.11 -34.46
N SER D 479 -2.15 3.79 -35.74
CA SER D 479 -1.34 2.66 -36.20
C SER D 479 -1.91 1.32 -35.77
N LYS E 74 49.68 19.78 4.24
CA LYS E 74 48.26 19.62 4.55
C LYS E 74 47.51 20.91 4.25
N SER E 75 46.43 20.80 3.47
CA SER E 75 45.65 21.98 3.10
C SER E 75 44.90 22.57 4.29
N GLU E 76 44.56 21.74 5.27
CA GLU E 76 43.86 22.23 6.46
C GLU E 76 44.76 23.02 7.40
N GLN E 77 46.07 23.05 7.14
CA GLN E 77 46.97 23.90 7.90
C GLN E 77 47.16 25.27 7.26
N LEU E 78 46.72 25.45 6.02
CA LEU E 78 46.70 26.79 5.44
C LEU E 78 45.61 27.64 6.09
N LEU E 79 44.51 27.03 6.50
CA LEU E 79 43.53 27.67 7.35
C LEU E 79 43.89 27.37 8.80
N ARG E 80 44.02 28.41 9.61
CA ARG E 80 44.42 28.24 11.01
C ARG E 80 43.21 27.73 11.79
N ILE E 81 42.94 26.44 11.62
CA ILE E 81 41.73 25.85 12.20
C ILE E 81 41.79 25.88 13.72
N ASP E 82 42.93 25.55 14.29
CA ASP E 82 43.06 25.46 15.74
C ASP E 82 43.31 26.81 16.41
N ASP E 83 43.42 27.89 15.64
CA ASP E 83 43.66 29.22 16.18
C ASP E 83 42.38 30.03 16.39
N HIS E 84 41.21 29.45 16.14
CA HIS E 84 39.96 30.19 16.23
C HIS E 84 38.89 29.32 16.88
N ASP E 85 37.95 29.97 17.55
CA ASP E 85 36.77 29.31 18.11
C ASP E 85 35.67 29.34 17.07
N PHE E 86 35.39 28.20 16.45
CA PHE E 86 34.37 28.10 15.42
C PHE E 86 33.02 27.66 15.98
N SER E 87 32.81 27.82 17.28
CA SER E 87 31.48 27.69 17.87
C SER E 87 30.72 29.01 17.90
N MET E 88 31.38 30.12 17.57
CA MET E 88 30.72 31.43 17.46
C MET E 88 30.70 31.90 16.01
N ARG E 89 29.74 32.76 15.71
CA ARG E 89 29.52 33.25 14.35
C ARG E 89 30.56 34.29 13.96
N PRO E 90 30.80 34.47 12.66
CA PRO E 90 31.62 35.60 12.23
C PRO E 90 30.97 36.92 12.62
N GLY E 91 31.79 37.88 13.05
CA GLY E 91 31.28 39.16 13.46
C GLY E 91 30.60 39.16 14.81
N PHE E 92 30.86 38.16 15.65
CA PHE E 92 30.20 38.04 16.94
C PHE E 92 30.36 39.30 17.77
N GLY E 93 29.26 39.74 18.40
CA GLY E 93 29.25 40.94 19.21
C GLY E 93 28.89 42.21 18.47
N GLY E 94 28.79 42.15 17.15
CA GLY E 94 28.48 43.32 16.34
C GLY E 94 27.24 43.14 15.48
N PRO E 95 27.22 43.82 14.34
CA PRO E 95 26.08 43.70 13.43
C PRO E 95 25.92 42.28 12.89
N ALA E 96 24.69 41.97 12.51
CA ALA E 96 24.36 40.65 11.97
C ALA E 96 25.10 40.38 10.66
N ILE E 97 25.40 39.11 10.42
CA ILE E 97 26.11 38.69 9.21
C ILE E 97 25.08 38.35 8.12
N PRO E 98 25.15 38.96 6.95
CA PRO E 98 24.22 38.61 5.87
C PRO E 98 24.57 37.28 5.20
N VAL E 99 23.54 36.50 4.90
CA VAL E 99 23.68 35.20 4.24
C VAL E 99 22.72 35.15 3.05
N GLY E 100 23.27 34.98 1.85
CA GLY E 100 22.48 34.91 0.63
C GLY E 100 22.22 33.47 0.20
N VAL E 101 21.07 33.24 -0.43
CA VAL E 101 20.58 31.90 -0.78
C VAL E 101 20.14 31.86 -2.24
N ASP E 102 20.49 30.76 -2.93
CA ASP E 102 19.95 30.41 -4.25
C ASP E 102 19.43 28.98 -4.21
N VAL E 103 18.42 28.68 -5.04
CA VAL E 103 17.78 27.36 -5.10
C VAL E 103 17.60 26.91 -6.54
N GLN E 104 17.92 25.65 -6.82
CA GLN E 104 17.65 25.01 -8.11
C GLN E 104 16.79 23.76 -7.87
N VAL E 105 15.61 23.73 -8.44
CA VAL E 105 14.66 22.63 -8.24
C VAL E 105 14.87 21.58 -9.32
N GLU E 106 15.16 20.35 -8.91
CA GLU E 106 15.44 19.28 -9.87
C GLU E 106 14.18 18.52 -10.30
N SER E 107 13.29 18.16 -9.38
CA SER E 107 12.09 17.42 -9.76
C SER E 107 11.02 17.52 -8.69
N LEU E 108 9.80 17.20 -9.09
CA LEU E 108 8.68 16.98 -8.17
C LEU E 108 8.35 15.49 -8.18
N ASP E 109 8.50 14.85 -7.03
CA ASP E 109 8.53 13.39 -6.98
C ASP E 109 7.16 12.74 -6.82
N SER E 110 6.27 13.31 -6.00
CA SER E 110 4.97 12.71 -5.76
C SER E 110 4.08 13.72 -5.04
N ILE E 111 2.78 13.41 -5.00
CA ILE E 111 1.81 14.19 -4.26
C ILE E 111 0.74 13.26 -3.71
N SER E 112 0.29 13.54 -2.48
CA SER E 112 -0.69 12.71 -1.79
C SER E 112 -1.88 13.57 -1.43
N GLU E 113 -3.04 13.27 -2.02
CA GLU E 113 -4.23 14.08 -1.78
C GLU E 113 -4.89 13.77 -0.45
N VAL E 114 -4.87 12.52 0.01
CA VAL E 114 -5.49 12.18 1.28
C VAL E 114 -4.69 12.73 2.45
N ASP E 115 -3.36 12.61 2.42
CA ASP E 115 -2.52 13.12 3.49
C ASP E 115 -2.13 14.59 3.32
N MET E 116 -2.41 15.17 2.15
CA MET E 116 -2.16 16.60 1.87
C MET E 116 -0.69 16.98 2.05
N ASP E 117 0.16 16.44 1.19
CA ASP E 117 1.57 16.81 1.16
C ASP E 117 2.18 16.55 -0.22
N PHE E 118 3.40 17.05 -0.44
CA PHE E 118 4.13 16.87 -1.69
C PHE E 118 5.63 16.70 -1.40
N THR E 119 6.36 16.12 -2.36
CA THR E 119 7.78 15.80 -2.22
C THR E 119 8.60 16.41 -3.36
N MET E 120 9.74 17.01 -3.02
CA MET E 120 10.61 17.72 -3.96
C MET E 120 12.09 17.42 -3.71
N THR E 121 12.89 17.44 -4.79
CA THR E 121 14.35 17.29 -4.73
C THR E 121 15.01 18.55 -5.30
N LEU E 122 16.02 19.09 -4.61
CA LEU E 122 16.58 20.40 -4.97
C LEU E 122 18.04 20.53 -4.54
N TYR E 123 18.71 21.56 -5.08
CA TYR E 123 20.04 22.00 -4.67
C TYR E 123 19.92 23.29 -3.88
N LEU E 124 20.57 23.36 -2.72
CA LEU E 124 20.57 24.53 -1.85
C LEU E 124 21.98 25.11 -1.73
N ARG E 125 22.13 26.40 -2.00
CA ARG E 125 23.44 27.05 -2.02
C ARG E 125 23.46 28.28 -1.11
N HIS E 126 24.56 28.46 -0.34
CA HIS E 126 24.73 29.54 0.63
C HIS E 126 25.98 30.37 0.30
N TYR E 127 25.91 31.68 0.55
CA TYR E 127 27.04 32.59 0.33
C TYR E 127 27.24 33.49 1.55
N TRP E 128 28.47 33.56 2.07
CA TRP E 128 28.83 34.47 3.14
C TRP E 128 30.36 34.64 3.18
N LYS E 129 30.81 35.60 3.97
CA LYS E 129 32.23 35.90 4.11
C LYS E 129 32.71 35.70 5.55
N ASP E 130 33.91 35.14 5.71
CA ASP E 130 34.51 34.92 7.03
C ASP E 130 36.01 35.20 6.93
N GLU E 131 36.46 36.29 7.57
CA GLU E 131 37.87 36.67 7.51
C GLU E 131 38.79 35.65 8.19
N ARG E 132 38.28 34.81 9.08
CA ARG E 132 39.12 33.83 9.76
C ARG E 132 39.60 32.73 8.82
N LEU E 133 38.99 32.57 7.66
CA LEU E 133 39.35 31.53 6.71
C LEU E 133 40.27 32.01 5.60
N SER E 134 40.66 33.29 5.62
CA SER E 134 41.56 33.82 4.60
C SER E 134 42.93 33.15 4.67
N PHE E 135 43.54 32.92 3.52
CA PHE E 135 44.85 32.28 3.44
C PHE E 135 45.69 32.97 2.38
N PRO E 136 47.02 32.97 2.55
CA PRO E 136 47.89 33.60 1.55
C PRO E 136 47.97 32.78 0.28
N SER E 137 48.14 33.49 -0.83
CA SER E 137 48.25 32.84 -2.13
C SER E 137 49.07 33.71 -3.06
N THR E 138 49.84 33.07 -3.92
CA THR E 138 50.59 33.76 -4.96
C THR E 138 49.80 33.86 -6.26
N ASN E 139 48.56 33.41 -6.24
CA ASN E 139 47.67 33.42 -7.38
C ASN E 139 46.26 33.65 -6.85
N ASN E 140 45.26 33.48 -7.71
CA ASN E 140 43.88 33.68 -7.32
C ASN E 140 43.07 32.38 -7.38
N LEU E 141 43.70 31.25 -7.08
CA LEU E 141 43.02 29.97 -7.08
C LEU E 141 42.38 29.68 -5.73
N SER E 142 41.22 29.05 -5.76
CA SER E 142 40.48 28.68 -4.56
C SER E 142 40.71 27.21 -4.21
N MET E 143 40.36 26.85 -2.98
CA MET E 143 40.50 25.50 -2.47
C MET E 143 39.13 24.88 -2.23
N THR E 144 38.99 23.60 -2.56
CA THR E 144 37.72 22.89 -2.51
C THR E 144 37.81 21.71 -1.54
N PHE E 145 36.77 21.54 -0.72
CA PHE E 145 36.71 20.48 0.28
C PHE E 145 35.35 19.79 0.21
N ASP E 146 35.29 18.56 0.72
CA ASP E 146 34.05 17.82 0.83
C ASP E 146 33.47 17.97 2.24
N GLY E 147 32.49 17.14 2.58
CA GLY E 147 31.71 17.28 3.80
C GLY E 147 32.48 17.09 5.09
N ARG E 148 33.68 16.52 5.05
CA ARG E 148 34.42 16.26 6.29
C ARG E 148 34.90 17.54 6.96
N LEU E 149 35.08 18.63 6.21
CA LEU E 149 35.51 19.89 6.80
C LEU E 149 34.38 20.62 7.52
N VAL E 150 33.13 20.28 7.25
CA VAL E 150 32.00 21.02 7.79
C VAL E 150 31.99 21.00 9.31
N LYS E 151 32.37 19.87 9.90
CA LYS E 151 32.37 19.75 11.36
C LYS E 151 33.46 20.58 12.03
N LYS E 152 34.40 21.15 11.28
CA LYS E 152 35.50 21.88 11.87
C LYS E 152 35.34 23.39 11.83
N ILE E 153 34.36 23.91 11.09
CA ILE E 153 34.15 25.35 10.95
C ILE E 153 32.69 25.68 11.24
N TRP E 154 32.40 26.98 11.30
CA TRP E 154 31.03 27.45 11.49
C TRP E 154 30.30 27.50 10.14
N VAL E 155 29.07 27.01 10.11
CA VAL E 155 28.19 27.10 8.95
C VAL E 155 26.78 27.46 9.41
N PRO E 156 25.98 28.07 8.54
CA PRO E 156 24.58 28.40 8.90
C PRO E 156 23.69 27.16 9.07
N ASP E 157 22.73 27.25 9.97
CA ASP E 157 21.85 26.14 10.36
C ASP E 157 20.43 26.29 9.79
N MET E 158 20.26 26.14 8.48
CA MET E 158 18.93 26.26 7.87
C MET E 158 18.12 24.98 8.07
N PHE E 159 16.79 25.14 8.18
CA PHE E 159 15.85 24.02 8.26
C PHE E 159 14.55 24.37 7.54
N PHE E 160 13.76 23.36 7.21
CA PHE E 160 12.53 23.52 6.44
C PHE E 160 11.32 23.54 7.36
N VAL E 161 10.56 24.65 7.34
CA VAL E 161 9.41 24.84 8.21
C VAL E 161 8.22 24.07 7.66
N HIS E 162 7.44 23.46 8.55
CA HIS E 162 6.23 22.69 8.20
C HIS E 162 6.56 21.47 7.34
N SER E 163 7.69 20.81 7.55
CA SER E 163 8.00 19.59 6.83
C SER E 163 7.72 18.36 7.69
N LYS E 164 7.53 17.23 7.02
CA LYS E 164 7.27 15.97 7.68
C LYS E 164 8.47 15.04 7.73
N ARG E 165 9.36 15.09 6.74
CA ARG E 165 10.57 14.27 6.71
C ARG E 165 11.50 14.79 5.61
N SER E 166 12.81 14.55 5.78
CA SER E 166 13.81 14.99 4.82
C SER E 166 15.13 14.26 5.05
N PHE E 167 16.00 14.26 4.04
CA PHE E 167 17.32 13.65 4.15
C PHE E 167 18.27 14.22 3.11
N ILE E 168 19.57 14.05 3.34
CA ILE E 168 20.65 14.47 2.44
C ILE E 168 21.21 13.25 1.74
N HIS E 169 21.35 13.33 0.42
CA HIS E 169 21.81 12.18 -0.39
C HIS E 169 23.28 11.86 -0.10
N ASP E 170 23.62 10.56 -0.10
CA ASP E 170 24.95 10.14 0.34
C ASP E 170 25.59 9.04 -0.53
N THR E 171 25.24 8.94 -1.81
CA THR E 171 25.86 7.98 -2.71
C THR E 171 26.53 8.74 -3.86
N THR E 172 27.80 8.40 -4.16
CA THR E 172 28.60 7.38 -3.51
C THR E 172 29.25 7.87 -2.22
N THR E 173 29.22 9.18 -1.99
CA THR E 173 29.60 9.78 -0.74
C THR E 173 28.64 10.94 -0.48
N ASP E 174 28.81 11.64 0.64
CA ASP E 174 27.91 12.74 0.98
C ASP E 174 27.97 13.82 -0.11
N ASN E 175 26.80 14.24 -0.59
CA ASN E 175 26.69 15.22 -1.68
C ASN E 175 26.79 16.65 -1.13
N VAL E 176 27.97 16.99 -0.62
CA VAL E 176 28.24 18.27 0.02
C VAL E 176 29.57 18.84 -0.50
N MET E 177 29.62 20.15 -0.75
CA MET E 177 30.80 20.81 -1.26
C MET E 177 31.04 22.14 -0.57
N LEU E 178 32.32 22.47 -0.36
CA LEU E 178 32.74 23.77 0.18
C LEU E 178 33.86 24.33 -0.69
N ARG E 179 33.74 25.60 -1.09
CA ARG E 179 34.76 26.31 -1.85
C ARG E 179 35.12 27.60 -1.12
N VAL E 180 36.42 27.82 -0.90
CA VAL E 180 36.90 28.96 -0.13
C VAL E 180 37.83 29.81 -1.00
N GLN E 181 37.52 31.09 -1.11
CA GLN E 181 38.35 32.04 -1.83
C GLN E 181 39.51 32.55 -0.97
N PRO E 182 40.57 33.07 -1.59
CA PRO E 182 41.69 33.59 -0.80
C PRO E 182 41.31 34.66 0.21
N ASP E 183 40.29 35.46 -0.05
CA ASP E 183 39.88 36.55 0.83
C ASP E 183 38.83 36.12 1.87
N GLY E 184 38.42 34.86 1.88
CA GLY E 184 37.49 34.37 2.87
C GLY E 184 36.04 34.23 2.46
N LYS E 185 35.72 34.40 1.19
CA LYS E 185 34.37 34.16 0.70
C LYS E 185 34.12 32.66 0.56
N VAL E 186 32.92 32.21 0.93
CA VAL E 186 32.59 30.80 1.04
C VAL E 186 31.32 30.51 0.24
N LEU E 187 31.32 29.39 -0.49
CA LEU E 187 30.14 28.81 -1.11
C LEU E 187 29.88 27.43 -0.52
N TYR E 188 28.64 27.17 -0.12
CA TYR E 188 28.23 25.95 0.57
C TYR E 188 27.02 25.35 -0.16
N SER E 189 27.18 24.14 -0.70
CA SER E 189 26.21 23.52 -1.60
C SER E 189 25.89 22.08 -1.21
N LEU E 190 24.59 21.73 -1.21
CA LEU E 190 24.19 20.37 -0.89
C LEU E 190 22.88 20.00 -1.58
N ARG E 191 22.67 18.69 -1.74
CA ARG E 191 21.52 18.13 -2.46
C ARG E 191 20.60 17.40 -1.48
N VAL E 192 19.31 17.75 -1.48
CA VAL E 192 18.36 17.32 -0.45
C VAL E 192 16.99 16.96 -1.05
N THR E 193 16.26 16.07 -0.36
CA THR E 193 14.88 15.72 -0.68
C THR E 193 13.99 15.98 0.53
N VAL E 194 12.83 16.61 0.32
CA VAL E 194 11.97 17.07 1.41
C VAL E 194 10.50 16.77 1.10
N THR E 195 9.74 16.40 2.13
CA THR E 195 8.28 16.25 2.07
C THR E 195 7.63 17.32 2.95
N ALA E 196 6.72 18.10 2.37
CA ALA E 196 6.13 19.25 3.04
C ALA E 196 4.60 19.23 2.97
N MET E 197 3.96 19.81 3.98
CA MET E 197 2.50 19.83 4.08
C MET E 197 1.88 20.89 3.18
N CYS E 198 0.65 20.63 2.76
CA CYS E 198 -0.07 21.54 1.89
C CYS E 198 -1.57 21.35 2.10
N ASN E 199 -2.21 22.28 2.81
CA ASN E 199 -3.65 22.21 3.02
C ASN E 199 -4.42 22.44 1.71
N MET E 200 -5.35 21.54 1.41
CA MET E 200 -6.11 21.55 0.18
C MET E 200 -7.60 21.65 0.46
N ASP E 201 -8.35 22.20 -0.49
CA ASP E 201 -9.79 22.37 -0.40
C ASP E 201 -10.43 21.77 -1.64
N PHE E 202 -11.26 20.75 -1.45
CA PHE E 202 -11.87 20.00 -2.55
C PHE E 202 -13.33 20.34 -2.78
N SER E 203 -13.81 21.49 -2.31
CA SER E 203 -15.23 21.84 -2.44
C SER E 203 -15.64 21.95 -3.91
N ARG E 204 -14.78 22.47 -4.77
CA ARG E 204 -15.12 22.74 -6.16
C ARG E 204 -14.62 21.64 -7.12
N PHE E 205 -14.19 20.50 -6.59
CA PHE E 205 -13.68 19.41 -7.42
C PHE E 205 -14.72 19.01 -8.47
N PRO E 206 -14.31 18.78 -9.73
CA PRO E 206 -12.95 18.77 -10.27
C PRO E 206 -12.45 20.10 -10.84
N LEU E 207 -13.09 21.21 -10.49
CA LEU E 207 -12.70 22.52 -11.00
C LEU E 207 -11.93 23.34 -9.96
N ASP E 208 -11.27 22.69 -9.02
CA ASP E 208 -10.55 23.35 -7.94
C ASP E 208 -9.16 23.76 -8.39
N THR E 209 -8.59 24.74 -7.68
CA THR E 209 -7.23 25.23 -7.85
C THR E 209 -6.54 25.23 -6.50
N GLN E 210 -5.28 24.78 -6.45
CA GLN E 210 -4.53 24.68 -5.21
C GLN E 210 -3.24 25.50 -5.29
N THR E 211 -2.83 26.08 -4.16
CA THR E 211 -1.56 26.81 -4.03
C THR E 211 -0.71 26.18 -2.92
N CYS E 212 0.58 26.00 -3.20
CA CYS E 212 1.50 25.31 -2.30
C CYS E 212 2.76 26.16 -2.09
N SER E 213 3.50 25.87 -1.02
CA SER E 213 4.72 26.61 -0.73
C SER E 213 5.71 25.76 0.06
N LEU E 214 6.99 26.08 -0.09
CA LEU E 214 8.08 25.54 0.70
C LEU E 214 8.82 26.68 1.40
N GLU E 215 9.11 26.52 2.69
CA GLU E 215 9.59 27.60 3.56
C GLU E 215 10.93 27.24 4.20
N ILE E 216 11.83 28.23 4.26
CA ILE E 216 13.20 28.08 4.75
C ILE E 216 13.47 29.11 5.84
N GLU E 217 14.09 28.68 6.95
CA GLU E 217 14.30 29.52 8.13
C GLU E 217 15.52 29.04 8.93
N SER E 218 16.14 29.95 9.66
CA SER E 218 17.20 29.60 10.61
C SER E 218 16.63 29.04 11.92
N TYR E 219 17.27 28.00 12.46
CA TYR E 219 16.73 27.38 13.68
C TYR E 219 17.03 28.23 14.92
N ALA E 220 18.25 28.72 15.07
CA ALA E 220 18.70 29.27 16.35
C ALA E 220 19.09 30.74 16.35
N TYR E 221 19.20 31.41 15.21
CA TYR E 221 19.69 32.79 15.15
C TYR E 221 18.56 33.73 14.75
N THR E 222 18.32 34.75 15.58
CA THR E 222 17.34 35.78 15.27
C THR E 222 17.92 36.79 14.26
N GLU E 223 17.06 37.69 13.80
CA GLU E 223 17.47 38.68 12.81
C GLU E 223 18.52 39.67 13.34
N ASP E 224 18.75 39.71 14.65
CA ASP E 224 19.80 40.55 15.18
C ASP E 224 21.19 39.93 14.99
N ASP E 225 21.27 38.62 14.81
CA ASP E 225 22.53 37.93 14.62
C ASP E 225 22.78 37.44 13.20
N LEU E 226 21.73 37.09 12.45
CA LEU E 226 21.87 36.55 11.10
C LEU E 226 20.78 37.13 10.22
N MET E 227 21.17 37.72 9.09
CA MET E 227 20.24 38.34 8.14
C MET E 227 20.16 37.48 6.88
N LEU E 228 19.03 36.83 6.66
CA LEU E 228 18.82 35.88 5.58
C LEU E 228 18.01 36.52 4.46
N TYR E 229 18.49 36.41 3.22
CA TYR E 229 17.84 37.07 2.08
C TYR E 229 18.12 36.28 0.78
N TRP E 230 17.29 36.54 -0.23
CA TRP E 230 17.49 35.97 -1.57
C TRP E 230 18.63 36.71 -2.26
N LYS E 231 19.62 35.97 -2.75
CA LYS E 231 20.85 36.59 -3.23
C LYS E 231 20.62 37.50 -4.43
N LYS E 232 19.79 37.08 -5.38
CA LYS E 232 19.57 37.86 -6.61
C LYS E 232 18.08 38.11 -6.84
N GLY E 233 17.30 38.29 -5.77
CA GLY E 233 15.88 38.56 -5.93
C GLY E 233 15.15 37.40 -6.59
N ASN E 234 14.33 37.71 -7.61
CA ASN E 234 13.57 36.69 -8.31
C ASN E 234 14.42 35.86 -9.26
N ASP E 235 15.65 36.28 -9.54
CA ASP E 235 16.56 35.49 -10.36
C ASP E 235 17.25 34.38 -9.57
N SER E 236 16.98 34.26 -8.28
CA SER E 236 17.61 33.24 -7.44
C SER E 236 16.97 31.87 -7.56
N LEU E 237 15.84 31.74 -8.26
CA LEU E 237 15.11 30.49 -8.38
C LEU E 237 15.15 29.98 -9.81
N LYS E 238 15.63 28.75 -10.00
CA LYS E 238 15.64 28.08 -11.29
C LYS E 238 14.90 26.75 -11.19
N THR E 239 14.22 26.36 -12.27
CA THR E 239 13.47 25.12 -12.31
C THR E 239 13.84 24.32 -13.55
N ASP E 240 13.78 23.00 -13.44
CA ASP E 240 14.13 22.10 -14.54
C ASP E 240 13.11 22.20 -15.67
N GLU E 241 13.62 22.09 -16.91
CA GLU E 241 12.76 22.25 -18.08
C GLU E 241 11.71 21.16 -18.22
N ARG E 242 11.90 20.00 -17.60
CA ARG E 242 11.00 18.86 -17.79
C ARG E 242 10.27 18.49 -16.50
N ILE E 243 10.07 19.45 -15.60
CA ILE E 243 9.36 19.18 -14.35
C ILE E 243 7.88 18.93 -14.66
N SER E 244 7.33 17.85 -14.10
CA SER E 244 5.95 17.50 -14.38
C SER E 244 5.39 16.58 -13.31
N LEU E 245 4.06 16.55 -13.23
CA LEU E 245 3.32 15.64 -12.39
C LEU E 245 2.30 14.92 -13.26
N SER E 246 1.96 13.69 -12.88
CA SER E 246 1.11 12.86 -13.72
C SER E 246 -0.30 13.42 -13.84
N GLN E 247 -0.91 13.81 -12.72
CA GLN E 247 -2.32 14.23 -12.73
C GLN E 247 -2.54 15.73 -12.60
N PHE E 248 -1.49 16.57 -12.61
CA PHE E 248 -1.66 18.01 -12.45
C PHE E 248 -0.85 18.79 -13.48
N LEU E 249 -1.29 20.02 -13.74
CA LEU E 249 -0.50 21.02 -14.46
C LEU E 249 0.11 22.00 -13.45
N ILE E 250 1.36 22.40 -13.68
CA ILE E 250 2.12 23.22 -12.75
C ILE E 250 2.43 24.56 -13.40
N GLN E 251 2.23 25.66 -12.67
CA GLN E 251 2.45 26.99 -13.22
C GLN E 251 2.84 28.00 -12.13
N GLU E 252 3.46 29.09 -12.56
CA GLU E 252 3.65 30.31 -11.78
C GLU E 252 4.55 30.13 -10.56
N PHE E 253 5.82 29.75 -10.77
CA PHE E 253 6.83 29.75 -9.71
C PHE E 253 7.28 31.17 -9.42
N HIS E 254 7.39 31.52 -8.13
CA HIS E 254 7.96 32.81 -7.71
C HIS E 254 8.34 32.73 -6.23
N THR E 255 9.09 33.74 -5.77
CA THR E 255 9.59 33.82 -4.40
C THR E 255 9.05 35.03 -3.66
N THR E 256 8.94 34.90 -2.32
CA THR E 256 8.59 36.00 -1.42
C THR E 256 9.37 35.86 -0.10
N THR E 257 9.28 36.88 0.75
CA THR E 257 9.88 36.88 2.09
C THR E 257 8.92 37.51 3.10
N LYS E 258 9.05 37.10 4.37
CA LYS E 258 8.21 37.64 5.44
C LYS E 258 8.85 37.37 6.80
N LEU E 259 8.61 38.27 7.75
CA LEU E 259 9.12 38.14 9.11
C LEU E 259 8.15 37.37 10.00
N ALA E 260 8.68 36.47 10.82
CA ALA E 260 7.90 35.65 11.74
C ALA E 260 8.33 35.90 13.18
N PHE E 261 7.37 35.79 14.09
CA PHE E 261 7.59 36.07 15.51
C PHE E 261 7.37 34.82 16.36
N TYR E 262 8.31 34.55 17.26
CA TYR E 262 8.19 33.48 18.24
C TYR E 262 8.28 34.11 19.63
N SER E 263 7.28 33.84 20.47
CA SER E 263 7.31 34.40 21.82
C SER E 263 8.46 33.85 22.66
N SER E 264 8.98 32.66 22.33
CA SER E 264 10.08 32.11 23.10
C SER E 264 11.39 32.83 22.83
N THR E 265 11.65 33.26 21.60
CA THR E 265 12.98 33.81 21.31
C THR E 265 13.01 35.09 20.48
N GLY E 266 12.00 35.43 19.68
CA GLY E 266 12.06 36.70 18.97
C GLY E 266 11.69 36.61 17.50
N TRP E 267 12.21 37.53 16.67
CA TRP E 267 11.85 37.67 15.26
C TRP E 267 12.85 36.96 14.35
N TYR E 268 12.33 36.30 13.31
CA TYR E 268 13.14 35.55 12.34
C TYR E 268 12.72 35.87 10.92
N ASN E 269 13.68 35.83 9.99
CA ASN E 269 13.40 35.96 8.56
C ASN E 269 13.00 34.61 7.96
N ARG E 270 11.96 34.62 7.11
CA ARG E 270 11.47 33.41 6.45
C ARG E 270 11.36 33.63 4.94
N LEU E 271 11.81 32.65 4.16
CA LEU E 271 11.77 32.68 2.70
C LEU E 271 10.78 31.66 2.15
N TYR E 272 10.12 32.01 1.03
CA TYR E 272 9.04 31.20 0.46
C TYR E 272 9.26 30.91 -1.03
N ILE E 273 8.88 29.70 -1.45
CA ILE E 273 8.79 29.30 -2.86
C ILE E 273 7.34 28.89 -3.14
N ASN E 274 6.69 29.58 -4.09
CA ASN E 274 5.25 29.42 -4.34
C ASN E 274 4.98 28.88 -5.75
N PHE E 275 3.94 28.06 -5.89
CA PHE E 275 3.48 27.55 -7.19
C PHE E 275 2.02 27.11 -7.10
N THR E 276 1.40 26.88 -8.27
CA THR E 276 -0.03 26.60 -8.43
C THR E 276 -0.27 25.32 -9.24
N LEU E 277 -1.34 24.60 -8.91
CA LEU E 277 -1.71 23.33 -9.56
C LEU E 277 -3.13 23.38 -10.13
N ARG E 278 -3.33 22.75 -11.30
CA ARG E 278 -4.63 22.63 -11.96
C ARG E 278 -4.81 21.23 -12.57
N ARG E 279 -6.07 20.83 -12.75
CA ARG E 279 -6.43 19.53 -13.32
C ARG E 279 -6.78 19.64 -14.81
N HIS E 280 -6.93 18.48 -15.46
CA HIS E 280 -7.37 18.37 -16.85
C HIS E 280 -8.90 18.23 -16.88
N ILE E 281 -9.60 19.30 -17.25
CA ILE E 281 -11.05 19.34 -17.07
C ILE E 281 -11.77 18.37 -18.03
N PHE E 282 -11.30 18.26 -19.28
CA PHE E 282 -12.05 17.50 -20.29
C PHE E 282 -12.12 16.02 -19.97
N PHE E 283 -11.07 15.46 -19.36
CA PHE E 283 -11.11 14.07 -18.94
C PHE E 283 -12.26 13.84 -17.95
N PHE E 284 -12.39 14.72 -16.96
CA PHE E 284 -13.45 14.56 -15.98
C PHE E 284 -14.83 14.80 -16.58
N LEU E 285 -14.95 15.77 -17.50
CA LEU E 285 -16.24 15.99 -18.16
C LEU E 285 -16.68 14.73 -18.88
N LEU E 286 -15.79 14.15 -19.70
CA LEU E 286 -16.13 12.96 -20.47
C LEU E 286 -16.42 11.76 -19.57
N GLN E 287 -15.65 11.60 -18.49
CA GLN E 287 -15.81 10.41 -17.66
C GLN E 287 -17.03 10.47 -16.73
N THR E 288 -17.44 11.67 -16.30
CA THR E 288 -18.51 11.75 -15.31
C THR E 288 -19.76 12.42 -15.82
N TYR E 289 -19.66 13.64 -16.36
CA TYR E 289 -20.86 14.41 -16.64
C TYR E 289 -21.61 13.86 -17.85
N PHE E 290 -20.89 13.32 -18.83
CA PHE E 290 -21.50 12.81 -20.06
C PHE E 290 -22.46 11.64 -19.83
N PRO E 291 -22.04 10.53 -19.19
CA PRO E 291 -22.99 9.41 -19.02
C PRO E 291 -24.24 9.75 -18.23
N ALA E 292 -24.12 10.59 -17.19
CA ALA E 292 -25.29 10.92 -16.38
C ALA E 292 -26.32 11.71 -17.19
N THR E 293 -25.86 12.67 -17.99
CA THR E 293 -26.77 13.41 -18.88
C THR E 293 -27.41 12.47 -19.90
N LEU E 294 -26.63 11.52 -20.44
CA LEU E 294 -27.20 10.58 -21.40
C LEU E 294 -28.29 9.71 -20.76
N MET E 295 -28.09 9.27 -19.52
CA MET E 295 -29.11 8.44 -18.88
C MET E 295 -30.36 9.24 -18.54
N VAL E 296 -30.20 10.51 -18.14
CA VAL E 296 -31.37 11.36 -17.91
C VAL E 296 -32.16 11.54 -19.21
N MET E 297 -31.46 11.77 -20.32
CA MET E 297 -32.16 11.89 -21.60
C MET E 297 -32.85 10.59 -22.00
N LEU E 298 -32.22 9.45 -21.68
CA LEU E 298 -32.82 8.16 -22.00
C LEU E 298 -34.10 7.92 -21.22
N SER E 299 -34.19 8.41 -19.97
CA SER E 299 -35.41 8.20 -19.20
C SER E 299 -36.61 8.93 -19.79
N TRP E 300 -36.40 9.92 -20.66
CA TRP E 300 -37.51 10.67 -21.24
C TRP E 300 -38.18 9.94 -22.40
N VAL E 301 -37.60 8.84 -22.89
CA VAL E 301 -38.16 8.11 -24.03
C VAL E 301 -39.52 7.52 -23.68
N SER E 302 -39.71 7.11 -22.42
CA SER E 302 -40.95 6.47 -22.02
C SER E 302 -42.17 7.38 -22.21
N PHE E 303 -41.99 8.70 -22.27
CA PHE E 303 -43.12 9.60 -22.43
C PHE E 303 -43.75 9.50 -23.82
N TRP E 304 -43.06 8.91 -24.78
CA TRP E 304 -43.56 8.76 -26.14
C TRP E 304 -44.04 7.34 -26.46
N ILE E 305 -44.05 6.44 -25.49
CA ILE E 305 -44.44 5.05 -25.68
C ILE E 305 -45.90 4.88 -25.28
N ASP E 306 -46.63 4.03 -26.00
CA ASP E 306 -48.04 3.75 -25.74
C ASP E 306 -48.27 3.35 -24.29
N ARG E 307 -49.20 4.04 -23.63
CA ARG E 307 -49.48 3.79 -22.21
C ARG E 307 -50.10 2.42 -21.96
N ARG E 308 -50.63 1.76 -22.97
CA ARG E 308 -51.20 0.44 -22.82
C ARG E 308 -50.16 -0.66 -22.74
N ALA E 309 -48.91 -0.36 -23.11
CA ALA E 309 -47.82 -1.34 -23.07
C ALA E 309 -47.12 -1.32 -21.70
N VAL E 310 -47.85 -1.82 -20.69
CA VAL E 310 -47.29 -1.86 -19.33
C VAL E 310 -46.03 -2.72 -19.23
N PRO E 311 -45.99 -3.94 -19.78
CA PRO E 311 -44.76 -4.75 -19.68
C PRO E 311 -43.58 -4.17 -20.41
N ALA E 312 -43.74 -3.11 -21.19
CA ALA E 312 -42.63 -2.37 -21.75
C ALA E 312 -42.27 -1.13 -20.93
N ARG E 313 -43.26 -0.41 -20.41
CA ARG E 313 -42.99 0.83 -19.68
C ARG E 313 -42.32 0.57 -18.33
N VAL E 314 -42.77 -0.43 -17.59
CA VAL E 314 -42.25 -0.62 -16.22
C VAL E 314 -40.78 -1.06 -16.20
N PRO E 315 -40.41 -2.15 -16.89
CA PRO E 315 -39.00 -2.60 -16.83
C PRO E 315 -38.02 -1.55 -17.31
N LEU E 316 -38.41 -0.71 -18.26
CA LEU E 316 -37.52 0.33 -18.76
C LEU E 316 -37.14 1.30 -17.65
N GLY E 317 -38.12 1.78 -16.89
CA GLY E 317 -37.82 2.69 -15.79
C GLY E 317 -36.96 2.06 -14.71
N ILE E 318 -37.31 0.84 -14.29
CA ILE E 318 -36.53 0.24 -13.20
C ILE E 318 -35.10 -0.07 -13.65
N THR E 319 -34.92 -0.47 -14.92
CA THR E 319 -33.57 -0.73 -15.41
C THR E 319 -32.75 0.54 -15.55
N THR E 320 -33.40 1.65 -15.92
CA THR E 320 -32.70 2.94 -15.97
C THR E 320 -32.21 3.34 -14.57
N VAL E 321 -33.04 3.11 -13.55
CA VAL E 321 -32.61 3.40 -12.18
C VAL E 321 -31.39 2.53 -11.80
N LEU E 322 -31.43 1.24 -12.13
CA LEU E 322 -30.29 0.36 -11.83
C LEU E 322 -29.01 0.85 -12.52
N THR E 323 -29.12 1.23 -13.80
CA THR E 323 -27.95 1.70 -14.53
C THR E 323 -27.34 2.95 -13.91
N MET E 324 -28.18 3.92 -13.54
CA MET E 324 -27.68 5.14 -12.91
C MET E 324 -26.99 4.83 -11.58
N SER E 325 -27.55 3.90 -10.81
CA SER E 325 -26.93 3.52 -9.54
C SER E 325 -25.54 2.92 -9.76
N THR E 326 -25.40 2.03 -10.76
CA THR E 326 -24.09 1.43 -11.01
C THR E 326 -23.09 2.48 -11.48
N ILE E 327 -23.54 3.46 -12.27
CA ILE E 327 -22.63 4.53 -12.69
C ILE E 327 -22.12 5.33 -11.48
N ILE E 328 -23.02 5.70 -10.57
CA ILE E 328 -22.61 6.49 -9.41
C ILE E 328 -21.63 5.70 -8.53
N THR E 329 -21.90 4.41 -8.30
CA THR E 329 -20.98 3.60 -7.50
C THR E 329 -19.60 3.53 -8.16
N GLY E 330 -19.57 3.31 -9.47
CA GLY E 330 -18.29 3.27 -10.16
C GLY E 330 -17.52 4.58 -10.07
N VAL E 331 -18.23 5.71 -10.19
CA VAL E 331 -17.57 7.01 -10.10
C VAL E 331 -17.01 7.23 -8.70
N ASN E 332 -17.79 6.87 -7.67
CA ASN E 332 -17.29 7.02 -6.30
C ASN E 332 -16.03 6.19 -6.09
N ALA E 333 -15.95 5.02 -6.71
CA ALA E 333 -14.80 4.16 -6.47
C ALA E 333 -13.48 4.73 -7.02
N SER E 334 -13.53 5.71 -7.92
CA SER E 334 -12.32 6.17 -8.61
C SER E 334 -11.83 7.55 -8.18
N MET E 335 -12.51 8.22 -7.28
CA MET E 335 -12.05 9.52 -6.81
C MET E 335 -11.27 9.37 -5.51
N PRO E 336 -10.44 10.36 -5.15
CA PRO E 336 -9.75 10.29 -3.86
C PRO E 336 -10.72 10.28 -2.70
N ARG E 337 -10.39 9.50 -1.67
CA ARG E 337 -11.30 9.23 -0.55
C ARG E 337 -11.34 10.44 0.39
N VAL E 338 -12.10 11.45 -0.04
CA VAL E 338 -12.34 12.67 0.75
C VAL E 338 -13.81 12.68 1.15
N SER E 339 -14.08 12.67 2.44
CA SER E 339 -15.43 12.45 2.96
C SER E 339 -16.14 13.76 3.29
N TYR E 340 -16.38 14.57 2.26
CA TYR E 340 -17.32 15.68 2.36
C TYR E 340 -17.81 16.03 0.96
N ILE E 341 -18.84 16.87 0.90
CA ILE E 341 -19.64 17.07 -0.30
C ILE E 341 -18.87 17.90 -1.32
N LYS E 342 -18.80 17.42 -2.55
CA LYS E 342 -18.17 18.08 -3.68
C LYS E 342 -19.19 18.35 -4.79
N ALA E 343 -18.81 19.24 -5.72
CA ALA E 343 -19.74 19.71 -6.75
C ALA E 343 -20.24 18.57 -7.63
N VAL E 344 -19.36 17.63 -8.00
CA VAL E 344 -19.75 16.53 -8.88
C VAL E 344 -20.79 15.63 -8.21
N ASP E 345 -20.74 15.49 -6.87
CA ASP E 345 -21.77 14.73 -6.15
C ASP E 345 -23.14 15.40 -6.26
N ILE E 346 -23.18 16.73 -6.20
CA ILE E 346 -24.44 17.44 -6.35
C ILE E 346 -25.06 17.17 -7.72
N TYR E 347 -24.24 17.25 -8.77
CA TYR E 347 -24.73 16.98 -10.12
C TYR E 347 -25.28 15.56 -10.23
N LEU E 348 -24.53 14.57 -9.72
CA LEU E 348 -24.94 13.18 -9.87
C LEU E 348 -26.25 12.87 -9.13
N TRP E 349 -26.40 13.38 -7.90
CA TRP E 349 -27.59 13.05 -7.13
C TRP E 349 -28.83 13.78 -7.63
N VAL E 350 -28.68 15.00 -8.18
CA VAL E 350 -29.82 15.65 -8.84
C VAL E 350 -30.27 14.83 -10.04
N SER E 351 -29.33 14.33 -10.83
CA SER E 351 -29.69 13.49 -11.97
C SER E 351 -30.44 12.23 -11.53
N PHE E 352 -30.00 11.62 -10.43
CA PHE E 352 -30.66 10.44 -9.89
C PHE E 352 -32.11 10.74 -9.50
N VAL E 353 -32.34 11.90 -8.89
CA VAL E 353 -33.69 12.31 -8.51
C VAL E 353 -34.58 12.46 -9.75
N PHE E 354 -34.04 13.06 -10.83
CA PHE E 354 -34.82 13.17 -12.06
C PHE E 354 -35.27 11.79 -12.56
N VAL E 355 -34.36 10.81 -12.55
CA VAL E 355 -34.70 9.47 -13.03
C VAL E 355 -35.79 8.83 -12.16
N PHE E 356 -35.72 9.03 -10.84
CA PHE E 356 -36.73 8.51 -9.91
C PHE E 356 -38.10 9.10 -10.21
N LEU E 357 -38.18 10.41 -10.42
CA LEU E 357 -39.48 11.04 -10.69
C LEU E 357 -40.13 10.51 -11.99
N SER E 358 -39.31 10.17 -13.00
CA SER E 358 -39.85 9.63 -14.24
C SER E 358 -40.58 8.31 -14.04
N VAL E 359 -40.22 7.55 -13.00
CA VAL E 359 -40.95 6.32 -12.74
C VAL E 359 -42.26 6.60 -12.00
N LEU E 360 -42.24 7.54 -11.05
CA LEU E 360 -43.47 7.90 -10.37
C LEU E 360 -44.53 8.41 -11.35
N GLU E 361 -44.11 9.10 -12.41
CA GLU E 361 -45.06 9.63 -13.38
C GLU E 361 -45.90 8.54 -14.03
N TYR E 362 -45.25 7.46 -14.47
CA TYR E 362 -46.01 6.40 -15.12
C TYR E 362 -46.86 5.62 -14.14
N ALA E 363 -46.42 5.48 -12.89
CA ALA E 363 -47.27 4.84 -11.89
C ALA E 363 -48.60 5.58 -11.78
N ALA E 364 -48.55 6.92 -11.71
CA ALA E 364 -49.79 7.69 -11.63
C ALA E 364 -50.66 7.50 -12.87
N VAL E 365 -50.04 7.50 -14.06
CA VAL E 365 -50.80 7.36 -15.30
C VAL E 365 -51.54 6.03 -15.33
N ASN E 366 -50.83 4.94 -14.99
CA ASN E 366 -51.44 3.62 -15.03
C ASN E 366 -52.62 3.51 -14.07
N TYR E 367 -52.47 4.03 -12.85
CA TYR E 367 -53.56 3.95 -11.90
C TYR E 367 -54.80 4.71 -12.39
N LEU E 368 -54.61 5.92 -12.92
CA LEU E 368 -55.76 6.69 -13.36
C LEU E 368 -56.47 6.04 -14.53
N THR E 369 -55.72 5.46 -15.47
CA THR E 369 -56.35 4.78 -16.60
C THR E 369 -57.17 3.59 -16.13
N THR E 370 -56.64 2.80 -15.21
CA THR E 370 -57.38 1.66 -14.70
C THR E 370 -58.67 2.10 -14.01
N VAL E 371 -58.59 3.18 -13.23
CA VAL E 371 -59.79 3.67 -12.56
C VAL E 371 -60.86 4.05 -13.57
N GLN E 372 -60.46 4.75 -14.63
CA GLN E 372 -61.44 5.18 -15.63
C GLN E 372 -62.09 4.00 -16.33
N GLU E 373 -61.30 2.99 -16.70
CA GLU E 373 -61.88 1.84 -17.38
C GLU E 373 -62.86 1.09 -16.49
N ARG E 374 -62.50 0.91 -15.22
CA ARG E 374 -63.40 0.22 -14.30
C ARG E 374 -64.70 0.99 -14.13
N LYS E 375 -64.61 2.32 -14.01
CA LYS E 375 -65.80 3.13 -13.85
C LYS E 375 -66.69 3.02 -15.08
N GLU E 376 -66.11 3.06 -16.28
CA GLU E 376 -66.91 2.99 -17.49
C GLU E 376 -67.65 1.66 -17.60
N GLN E 377 -66.96 0.56 -17.31
CA GLN E 377 -67.61 -0.74 -17.39
C GLN E 377 -68.70 -0.87 -16.34
N LYS E 378 -68.46 -0.34 -15.13
CA LYS E 378 -69.48 -0.39 -14.09
C LYS E 378 -70.72 0.39 -14.50
N LEU E 379 -70.54 1.56 -15.12
CA LEU E 379 -71.69 2.32 -15.59
C LEU E 379 -72.44 1.58 -16.68
N ARG E 380 -71.72 0.95 -17.62
CA ARG E 380 -72.39 0.21 -18.68
C ARG E 380 -73.19 -0.96 -18.13
N ASP E 451 -55.75 7.57 -27.47
CA ASP E 451 -55.36 8.94 -27.23
C ASP E 451 -54.26 9.04 -26.17
N THR E 452 -53.61 10.20 -26.09
CA THR E 452 -52.54 10.44 -25.13
C THR E 452 -53.11 11.07 -23.86
N HIS E 453 -52.71 10.54 -22.71
CA HIS E 453 -53.10 11.11 -21.43
C HIS E 453 -52.44 12.47 -21.22
N ALA E 454 -53.14 13.34 -20.50
CA ALA E 454 -52.66 14.72 -20.31
C ALA E 454 -51.33 14.78 -19.58
N ILE E 455 -51.08 13.84 -18.66
CA ILE E 455 -49.85 13.85 -17.88
C ILE E 455 -48.64 13.65 -18.77
N ASP E 456 -48.72 12.70 -19.71
CA ASP E 456 -47.63 12.51 -20.67
C ASP E 456 -47.39 13.76 -21.50
N LYS E 457 -48.47 14.41 -21.94
CA LYS E 457 -48.35 15.60 -22.78
C LYS E 457 -47.64 16.73 -22.04
N TYR E 458 -47.95 16.92 -20.76
CA TYR E 458 -47.27 17.96 -20.01
C TYR E 458 -45.83 17.57 -19.67
N SER E 459 -45.59 16.29 -19.33
CA SER E 459 -44.25 15.85 -18.95
C SER E 459 -43.26 16.00 -20.08
N ARG E 460 -43.72 15.72 -21.32
CA ARG E 460 -42.85 15.83 -22.50
C ARG E 460 -42.24 17.23 -22.62
N ILE E 461 -42.90 18.25 -22.09
CA ILE E 461 -42.37 19.61 -22.11
C ILE E 461 -41.67 19.95 -20.80
N ILE E 462 -42.27 19.58 -19.67
CA ILE E 462 -41.84 20.10 -18.38
C ILE E 462 -40.47 19.51 -17.98
N PHE E 463 -40.25 18.21 -18.20
CA PHE E 463 -38.99 17.62 -17.73
C PHE E 463 -37.75 18.26 -18.35
N PRO E 464 -37.61 18.34 -19.69
CA PRO E 464 -36.39 18.96 -20.26
C PRO E 464 -36.18 20.41 -19.87
N ALA E 465 -37.24 21.19 -19.74
CA ALA E 465 -37.08 22.60 -19.38
C ALA E 465 -36.51 22.76 -17.98
N ALA E 466 -36.99 21.95 -17.03
CA ALA E 466 -36.45 21.97 -15.68
C ALA E 466 -34.98 21.52 -15.66
N TYR E 467 -34.64 20.51 -16.44
CA TYR E 467 -33.24 20.07 -16.45
C TYR E 467 -32.33 21.15 -17.04
N ILE E 468 -32.78 21.84 -18.10
CA ILE E 468 -32.01 22.93 -18.69
C ILE E 468 -31.82 24.07 -17.68
N LEU E 469 -32.87 24.42 -16.95
CA LEU E 469 -32.76 25.47 -15.95
C LEU E 469 -31.77 25.11 -14.85
N PHE E 470 -31.83 23.85 -14.38
CA PHE E 470 -30.86 23.40 -13.38
C PHE E 470 -29.43 23.51 -13.91
N ASN E 471 -29.20 23.13 -15.16
CA ASN E 471 -27.87 23.23 -15.73
C ASN E 471 -27.39 24.69 -15.82
N LEU E 472 -28.28 25.61 -16.20
CA LEU E 472 -27.90 27.01 -16.27
C LEU E 472 -27.48 27.54 -14.90
N ILE E 473 -28.25 27.22 -13.86
CA ILE E 473 -27.91 27.70 -12.53
C ILE E 473 -26.60 27.07 -12.04
N TYR E 474 -26.46 25.75 -12.24
CA TYR E 474 -25.26 25.06 -11.78
C TYR E 474 -24.00 25.61 -12.41
N TRP E 475 -24.01 25.77 -13.74
CA TRP E 475 -22.80 26.23 -14.42
C TRP E 475 -22.58 27.74 -14.25
N SER E 476 -23.60 28.51 -13.90
CA SER E 476 -23.34 29.90 -13.51
C SER E 476 -22.72 29.97 -12.11
N ILE E 477 -23.02 29.02 -11.24
CA ILE E 477 -22.44 29.06 -9.90
C ILE E 477 -21.01 28.52 -9.90
N PHE E 478 -20.76 27.38 -10.55
CA PHE E 478 -19.48 26.71 -10.45
C PHE E 478 -18.54 27.02 -11.61
N SER E 479 -18.87 28.00 -12.45
CA SER E 479 -18.07 28.41 -13.60
C SER E 479 -17.96 27.32 -14.66
#